data_1Y02
# 
_entry.id   1Y02 
# 
_audit_conform.dict_name       mmcif_pdbx.dic 
_audit_conform.dict_version    5.386 
_audit_conform.dict_location   http://mmcif.pdb.org/dictionaries/ascii/mmcif_pdbx.dic 
# 
loop_
_database_2.database_id 
_database_2.database_code 
_database_2.pdbx_database_accession 
_database_2.pdbx_DOI 
PDB   1Y02         pdb_00001y02 10.2210/pdb1y02/pdb 
RCSB  RCSB030945   ?            ?                   
WWPDB D_1000030945 ?            ?                   
# 
loop_
_pdbx_audit_revision_history.ordinal 
_pdbx_audit_revision_history.data_content_type 
_pdbx_audit_revision_history.major_revision 
_pdbx_audit_revision_history.minor_revision 
_pdbx_audit_revision_history.revision_date 
1 'Structure model' 1 0 2004-12-28 
2 'Structure model' 1 1 2008-04-30 
3 'Structure model' 1 2 2011-07-13 
4 'Structure model' 1 3 2024-02-14 
# 
_pdbx_audit_revision_details.ordinal             1 
_pdbx_audit_revision_details.revision_ordinal    1 
_pdbx_audit_revision_details.data_content_type   'Structure model' 
_pdbx_audit_revision_details.provider            repository 
_pdbx_audit_revision_details.type                'Initial release' 
_pdbx_audit_revision_details.description         ? 
_pdbx_audit_revision_details.details             ? 
# 
loop_
_pdbx_audit_revision_group.ordinal 
_pdbx_audit_revision_group.revision_ordinal 
_pdbx_audit_revision_group.data_content_type 
_pdbx_audit_revision_group.group 
1 2 'Structure model' 'Version format compliance' 
2 3 'Structure model' 'Version format compliance' 
3 4 'Structure model' 'Data collection'           
4 4 'Structure model' 'Database references'       
5 4 'Structure model' 'Derived calculations'      
# 
loop_
_pdbx_audit_revision_category.ordinal 
_pdbx_audit_revision_category.revision_ordinal 
_pdbx_audit_revision_category.data_content_type 
_pdbx_audit_revision_category.category 
1 4 'Structure model' chem_comp_atom         
2 4 'Structure model' chem_comp_bond         
3 4 'Structure model' database_2             
4 4 'Structure model' pdbx_struct_conn_angle 
5 4 'Structure model' struct_conn            
6 4 'Structure model' struct_site            
# 
loop_
_pdbx_audit_revision_item.ordinal 
_pdbx_audit_revision_item.revision_ordinal 
_pdbx_audit_revision_item.data_content_type 
_pdbx_audit_revision_item.item 
1  4 'Structure model' '_database_2.pdbx_DOI'                        
2  4 'Structure model' '_database_2.pdbx_database_accession'         
3  4 'Structure model' '_pdbx_struct_conn_angle.ptnr1_auth_seq_id'   
4  4 'Structure model' '_pdbx_struct_conn_angle.ptnr1_label_seq_id'  
5  4 'Structure model' '_pdbx_struct_conn_angle.ptnr2_auth_seq_id'   
6  4 'Structure model' '_pdbx_struct_conn_angle.ptnr2_label_asym_id' 
7  4 'Structure model' '_pdbx_struct_conn_angle.ptnr3_auth_seq_id'   
8  4 'Structure model' '_pdbx_struct_conn_angle.ptnr3_label_seq_id'  
9  4 'Structure model' '_pdbx_struct_conn_angle.value'               
10 4 'Structure model' '_struct_conn.pdbx_dist_value'                
11 4 'Structure model' '_struct_conn.ptnr1_auth_comp_id'             
12 4 'Structure model' '_struct_conn.ptnr1_auth_seq_id'              
13 4 'Structure model' '_struct_conn.ptnr1_label_asym_id'            
14 4 'Structure model' '_struct_conn.ptnr1_label_atom_id'            
15 4 'Structure model' '_struct_conn.ptnr1_label_comp_id'            
16 4 'Structure model' '_struct_conn.ptnr1_label_seq_id'             
17 4 'Structure model' '_struct_conn.ptnr2_auth_comp_id'             
18 4 'Structure model' '_struct_conn.ptnr2_auth_seq_id'              
19 4 'Structure model' '_struct_conn.ptnr2_label_asym_id'            
20 4 'Structure model' '_struct_conn.ptnr2_label_atom_id'            
21 4 'Structure model' '_struct_conn.ptnr2_label_comp_id'            
22 4 'Structure model' '_struct_conn.ptnr2_label_seq_id'             
23 4 'Structure model' '_struct_site.pdbx_auth_asym_id'              
24 4 'Structure model' '_struct_site.pdbx_auth_comp_id'              
25 4 'Structure model' '_struct_site.pdbx_auth_seq_id'               
# 
_pdbx_database_status.status_code                     REL 
_pdbx_database_status.entry_id                        1Y02 
_pdbx_database_status.recvd_initial_deposition_date   2004-11-14 
_pdbx_database_status.deposit_site                    RCSB 
_pdbx_database_status.process_site                    RCSB 
_pdbx_database_status.status_code_sf                  ? 
_pdbx_database_status.status_code_mr                  ? 
_pdbx_database_status.SG_entry                        ? 
_pdbx_database_status.pdb_format_compatible           Y 
_pdbx_database_status.status_code_cs                  ? 
_pdbx_database_status.status_code_nmr_data            ? 
_pdbx_database_status.methods_development_category    ? 
# 
loop_
_audit_author.name 
_audit_author.pdbx_ordinal 
'Tibbetts, M.D.' 1 
'Gu, L.'         2 
'Shiozaki, E.N.' 3 
'Shi, Y.'        4 
# 
_citation.id                        primary 
_citation.title                     'Crystal structure of a FYVE-type zinc finger domain from the caspase regulator CARP2.' 
_citation.journal_abbrev            STRUCTURE 
_citation.journal_volume            12 
_citation.page_first                2257 
_citation.page_last                 2263 
_citation.year                      2004 
_citation.journal_id_ASTM           STRUE6 
_citation.country                   UK 
_citation.journal_id_ISSN           0969-2126 
_citation.journal_id_CSD            2005 
_citation.book_publisher            ? 
_citation.pdbx_database_id_PubMed   15576038 
_citation.pdbx_database_id_DOI      10.1016/j.str.2004.10.007 
# 
loop_
_citation_author.citation_id 
_citation_author.name 
_citation_author.ordinal 
_citation_author.identifier_ORCID 
primary 'Tibbetts, M.D.' 1 ? 
primary 'Shiozaki, E.N.' 2 ? 
primary 'Gu, L.'         3 ? 
primary 'McDonald, E.R.' 4 ? 
primary 'El-Deiry, W.S.' 5 ? 
primary 'Shi, Y.'        6 ? 
# 
loop_
_entity.id 
_entity.type 
_entity.src_method 
_entity.pdbx_description 
_entity.formula_weight 
_entity.pdbx_number_of_molecules 
_entity.pdbx_ec 
_entity.pdbx_mutation 
_entity.pdbx_fragment 
_entity.details 
1 polymer     man 'FYVE-RING finger protein SAKURA' 13593.707 1   ? ? 'CARP2 fragment (residues 26-145)' ? 
2 non-polymer syn 'ZINC ION'                        65.409    2   ? ? ?                                  ? 
3 water       nat water                             18.015    153 ? ? ?                                  ? 
# 
_entity_name_com.entity_id   1 
_entity_name_com.name        CARP2 
# 
_entity_poly.entity_id                      1 
_entity_poly.type                           'polypeptide(L)' 
_entity_poly.nstd_linkage                   no 
_entity_poly.nstd_monomer                   no 
_entity_poly.pdbx_seq_one_letter_code       
;MQAYSNPGYSSFPSPTGLEPSCKSCGAHFANTARKQTCLDCKKNFCMTCSSQVGNGPRLCLLCQRFRATAFQREELMKMK
VKDLRDYLSLHDISTEMCREKEELVLLVLGQQPVISQEDR
;
_entity_poly.pdbx_seq_one_letter_code_can   
;MQAYSNPGYSSFPSPTGLEPSCKSCGAHFANTARKQTCLDCKKNFCMTCSSQVGNGPRLCLLCQRFRATAFQREELMKMK
VKDLRDYLSLHDISTEMCREKEELVLLVLGQQPVISQEDR
;
_entity_poly.pdbx_strand_id                 A 
_entity_poly.pdbx_target_identifier         ? 
# 
loop_
_pdbx_entity_nonpoly.entity_id 
_pdbx_entity_nonpoly.name 
_pdbx_entity_nonpoly.comp_id 
2 'ZINC ION' ZN  
3 water      HOH 
# 
loop_
_entity_poly_seq.entity_id 
_entity_poly_seq.num 
_entity_poly_seq.mon_id 
_entity_poly_seq.hetero 
1 1   MET n 
1 2   GLN n 
1 3   ALA n 
1 4   TYR n 
1 5   SER n 
1 6   ASN n 
1 7   PRO n 
1 8   GLY n 
1 9   TYR n 
1 10  SER n 
1 11  SER n 
1 12  PHE n 
1 13  PRO n 
1 14  SER n 
1 15  PRO n 
1 16  THR n 
1 17  GLY n 
1 18  LEU n 
1 19  GLU n 
1 20  PRO n 
1 21  SER n 
1 22  CYS n 
1 23  LYS n 
1 24  SER n 
1 25  CYS n 
1 26  GLY n 
1 27  ALA n 
1 28  HIS n 
1 29  PHE n 
1 30  ALA n 
1 31  ASN n 
1 32  THR n 
1 33  ALA n 
1 34  ARG n 
1 35  LYS n 
1 36  GLN n 
1 37  THR n 
1 38  CYS n 
1 39  LEU n 
1 40  ASP n 
1 41  CYS n 
1 42  LYS n 
1 43  LYS n 
1 44  ASN n 
1 45  PHE n 
1 46  CYS n 
1 47  MET n 
1 48  THR n 
1 49  CYS n 
1 50  SER n 
1 51  SER n 
1 52  GLN n 
1 53  VAL n 
1 54  GLY n 
1 55  ASN n 
1 56  GLY n 
1 57  PRO n 
1 58  ARG n 
1 59  LEU n 
1 60  CYS n 
1 61  LEU n 
1 62  LEU n 
1 63  CYS n 
1 64  GLN n 
1 65  ARG n 
1 66  PHE n 
1 67  ARG n 
1 68  ALA n 
1 69  THR n 
1 70  ALA n 
1 71  PHE n 
1 72  GLN n 
1 73  ARG n 
1 74  GLU n 
1 75  GLU n 
1 76  LEU n 
1 77  MET n 
1 78  LYS n 
1 79  MET n 
1 80  LYS n 
1 81  VAL n 
1 82  LYS n 
1 83  ASP n 
1 84  LEU n 
1 85  ARG n 
1 86  ASP n 
1 87  TYR n 
1 88  LEU n 
1 89  SER n 
1 90  LEU n 
1 91  HIS n 
1 92  ASP n 
1 93  ILE n 
1 94  SER n 
1 95  THR n 
1 96  GLU n 
1 97  MET n 
1 98  CYS n 
1 99  ARG n 
1 100 GLU n 
1 101 LYS n 
1 102 GLU n 
1 103 GLU n 
1 104 LEU n 
1 105 VAL n 
1 106 LEU n 
1 107 LEU n 
1 108 VAL n 
1 109 LEU n 
1 110 GLY n 
1 111 GLN n 
1 112 GLN n 
1 113 PRO n 
1 114 VAL n 
1 115 ILE n 
1 116 SER n 
1 117 GLN n 
1 118 GLU n 
1 119 ASP n 
1 120 ARG n 
# 
_entity_src_gen.entity_id                          1 
_entity_src_gen.pdbx_src_id                        1 
_entity_src_gen.pdbx_alt_source_flag               sample 
_entity_src_gen.pdbx_seq_type                      ? 
_entity_src_gen.pdbx_beg_seq_num                   ? 
_entity_src_gen.pdbx_end_seq_num                   ? 
_entity_src_gen.gene_src_common_name               human 
_entity_src_gen.gene_src_genus                     Homo 
_entity_src_gen.pdbx_gene_src_gene                 ? 
_entity_src_gen.gene_src_species                   ? 
_entity_src_gen.gene_src_strain                    ? 
_entity_src_gen.gene_src_tissue                    ? 
_entity_src_gen.gene_src_tissue_fraction           ? 
_entity_src_gen.gene_src_details                   ? 
_entity_src_gen.pdbx_gene_src_fragment             ? 
_entity_src_gen.pdbx_gene_src_scientific_name      'Homo sapiens' 
_entity_src_gen.pdbx_gene_src_ncbi_taxonomy_id     9606 
_entity_src_gen.pdbx_gene_src_variant              ? 
_entity_src_gen.pdbx_gene_src_cell_line            ? 
_entity_src_gen.pdbx_gene_src_atcc                 ? 
_entity_src_gen.pdbx_gene_src_organ                ? 
_entity_src_gen.pdbx_gene_src_organelle            ? 
_entity_src_gen.pdbx_gene_src_cell                 ? 
_entity_src_gen.pdbx_gene_src_cellular_location    ? 
_entity_src_gen.host_org_common_name               ? 
_entity_src_gen.pdbx_host_org_scientific_name      'Escherichia coli' 
_entity_src_gen.pdbx_host_org_ncbi_taxonomy_id     562 
_entity_src_gen.host_org_genus                     Escherichia 
_entity_src_gen.pdbx_host_org_gene                 ? 
_entity_src_gen.pdbx_host_org_organ                ? 
_entity_src_gen.host_org_species                   ? 
_entity_src_gen.pdbx_host_org_tissue               ? 
_entity_src_gen.pdbx_host_org_tissue_fraction      ? 
_entity_src_gen.pdbx_host_org_strain               ? 
_entity_src_gen.pdbx_host_org_variant              ? 
_entity_src_gen.pdbx_host_org_cell_line            ? 
_entity_src_gen.pdbx_host_org_atcc                 ? 
_entity_src_gen.pdbx_host_org_culture_collection   ? 
_entity_src_gen.pdbx_host_org_cell                 ? 
_entity_src_gen.pdbx_host_org_organelle            ? 
_entity_src_gen.pdbx_host_org_cellular_location    ? 
_entity_src_gen.pdbx_host_org_vector_type          ? 
_entity_src_gen.pdbx_host_org_vector               ? 
_entity_src_gen.host_org_details                   ? 
_entity_src_gen.expression_system_id               ? 
_entity_src_gen.plasmid_name                       ? 
_entity_src_gen.plasmid_details                    ? 
_entity_src_gen.pdbx_description                   ? 
# 
loop_
_chem_comp.id 
_chem_comp.type 
_chem_comp.mon_nstd_flag 
_chem_comp.name 
_chem_comp.pdbx_synonyms 
_chem_comp.formula 
_chem_comp.formula_weight 
ALA 'L-peptide linking' y ALANINE         ? 'C3 H7 N O2'     89.093  
ARG 'L-peptide linking' y ARGININE        ? 'C6 H15 N4 O2 1' 175.209 
ASN 'L-peptide linking' y ASPARAGINE      ? 'C4 H8 N2 O3'    132.118 
ASP 'L-peptide linking' y 'ASPARTIC ACID' ? 'C4 H7 N O4'     133.103 
CYS 'L-peptide linking' y CYSTEINE        ? 'C3 H7 N O2 S'   121.158 
GLN 'L-peptide linking' y GLUTAMINE       ? 'C5 H10 N2 O3'   146.144 
GLU 'L-peptide linking' y 'GLUTAMIC ACID' ? 'C5 H9 N O4'     147.129 
GLY 'peptide linking'   y GLYCINE         ? 'C2 H5 N O2'     75.067  
HIS 'L-peptide linking' y HISTIDINE       ? 'C6 H10 N3 O2 1' 156.162 
HOH non-polymer         . WATER           ? 'H2 O'           18.015  
ILE 'L-peptide linking' y ISOLEUCINE      ? 'C6 H13 N O2'    131.173 
LEU 'L-peptide linking' y LEUCINE         ? 'C6 H13 N O2'    131.173 
LYS 'L-peptide linking' y LYSINE          ? 'C6 H15 N2 O2 1' 147.195 
MET 'L-peptide linking' y METHIONINE      ? 'C5 H11 N O2 S'  149.211 
PHE 'L-peptide linking' y PHENYLALANINE   ? 'C9 H11 N O2'    165.189 
PRO 'L-peptide linking' y PROLINE         ? 'C5 H9 N O2'     115.130 
SER 'L-peptide linking' y SERINE          ? 'C3 H7 N O3'     105.093 
THR 'L-peptide linking' y THREONINE       ? 'C4 H9 N O3'     119.119 
TYR 'L-peptide linking' y TYROSINE        ? 'C9 H11 N O3'    181.189 
VAL 'L-peptide linking' y VALINE          ? 'C5 H11 N O2'    117.146 
ZN  non-polymer         . 'ZINC ION'      ? 'Zn 2'           65.409  
# 
loop_
_pdbx_poly_seq_scheme.asym_id 
_pdbx_poly_seq_scheme.entity_id 
_pdbx_poly_seq_scheme.seq_id 
_pdbx_poly_seq_scheme.mon_id 
_pdbx_poly_seq_scheme.ndb_seq_num 
_pdbx_poly_seq_scheme.pdb_seq_num 
_pdbx_poly_seq_scheme.auth_seq_num 
_pdbx_poly_seq_scheme.pdb_mon_id 
_pdbx_poly_seq_scheme.auth_mon_id 
_pdbx_poly_seq_scheme.pdb_strand_id 
_pdbx_poly_seq_scheme.pdb_ins_code 
_pdbx_poly_seq_scheme.hetero 
A 1 1   MET 1   1   ?   ?   ?   A . n 
A 1 2   GLN 2   2   ?   ?   ?   A . n 
A 1 3   ALA 3   3   ?   ?   ?   A . n 
A 1 4   TYR 4   4   ?   ?   ?   A . n 
A 1 5   SER 5   5   ?   ?   ?   A . n 
A 1 6   ASN 6   6   ?   ?   ?   A . n 
A 1 7   PRO 7   7   ?   ?   ?   A . n 
A 1 8   GLY 8   8   ?   ?   ?   A . n 
A 1 9   TYR 9   9   ?   ?   ?   A . n 
A 1 10  SER 10  10  ?   ?   ?   A . n 
A 1 11  SER 11  11  ?   ?   ?   A . n 
A 1 12  PHE 12  12  ?   ?   ?   A . n 
A 1 13  PRO 13  13  ?   ?   ?   A . n 
A 1 14  SER 14  14  ?   ?   ?   A . n 
A 1 15  PRO 15  15  ?   ?   ?   A . n 
A 1 16  THR 16  16  ?   ?   ?   A . n 
A 1 17  GLY 17  17  ?   ?   ?   A . n 
A 1 18  LEU 18  18  ?   ?   ?   A . n 
A 1 19  GLU 19  19  ?   ?   ?   A . n 
A 1 20  PRO 20  20  20  PRO PRO A . n 
A 1 21  SER 21  21  21  SER SER A . n 
A 1 22  CYS 22  22  22  CYS CYS A . n 
A 1 23  LYS 23  23  23  LYS LYS A . n 
A 1 24  SER 24  24  24  SER SER A . n 
A 1 25  CYS 25  25  25  CYS CYS A . n 
A 1 26  GLY 26  26  26  GLY GLY A . n 
A 1 27  ALA 27  27  27  ALA ALA A . n 
A 1 28  HIS 28  28  28  HIS HIS A . n 
A 1 29  PHE 29  29  29  PHE PHE A . n 
A 1 30  ALA 30  30  30  ALA ALA A . n 
A 1 31  ASN 31  31  31  ASN ASN A . n 
A 1 32  THR 32  32  32  THR THR A . n 
A 1 33  ALA 33  33  33  ALA ALA A . n 
A 1 34  ARG 34  34  34  ARG ARG A . n 
A 1 35  LYS 35  35  35  LYS LYS A . n 
A 1 36  GLN 36  36  36  GLN GLN A . n 
A 1 37  THR 37  37  37  THR THR A . n 
A 1 38  CYS 38  38  38  CYS CYS A . n 
A 1 39  LEU 39  39  39  LEU LEU A . n 
A 1 40  ASP 40  40  40  ASP ASP A . n 
A 1 41  CYS 41  41  41  CYS CYS A . n 
A 1 42  LYS 42  42  42  LYS LYS A . n 
A 1 43  LYS 43  43  43  LYS LYS A . n 
A 1 44  ASN 44  44  44  ASN ASN A . n 
A 1 45  PHE 45  45  45  PHE PHE A . n 
A 1 46  CYS 46  46  46  CYS CYS A . n 
A 1 47  MET 47  47  47  MET MET A . n 
A 1 48  THR 48  48  48  THR THR A . n 
A 1 49  CYS 49  49  49  CYS CYS A . n 
A 1 50  SER 50  50  50  SER SER A . n 
A 1 51  SER 51  51  51  SER SER A . n 
A 1 52  GLN 52  52  52  GLN GLN A . n 
A 1 53  VAL 53  53  ?   ?   ?   A . n 
A 1 54  GLY 54  54  ?   ?   ?   A . n 
A 1 55  ASN 55  55  ?   ?   ?   A . n 
A 1 56  GLY 56  56  ?   ?   ?   A . n 
A 1 57  PRO 57  57  57  PRO PRO A . n 
A 1 58  ARG 58  58  58  ARG ARG A . n 
A 1 59  LEU 59  59  59  LEU LEU A . n 
A 1 60  CYS 60  60  60  CYS CYS A . n 
A 1 61  LEU 61  61  61  LEU LEU A . n 
A 1 62  LEU 62  62  62  LEU LEU A . n 
A 1 63  CYS 63  63  63  CYS CYS A . n 
A 1 64  GLN 64  64  64  GLN GLN A . n 
A 1 65  ARG 65  65  65  ARG ARG A . n 
A 1 66  PHE 66  66  66  PHE PHE A . n 
A 1 67  ARG 67  67  67  ARG ARG A . n 
A 1 68  ALA 68  68  68  ALA ALA A . n 
A 1 69  THR 69  69  69  THR THR A . n 
A 1 70  ALA 70  70  70  ALA ALA A . n 
A 1 71  PHE 71  71  71  PHE PHE A . n 
A 1 72  GLN 72  72  72  GLN GLN A . n 
A 1 73  ARG 73  73  73  ARG ARG A . n 
A 1 74  GLU 74  74  74  GLU GLU A . n 
A 1 75  GLU 75  75  75  GLU GLU A . n 
A 1 76  LEU 76  76  76  LEU LEU A . n 
A 1 77  MET 77  77  77  MET MET A . n 
A 1 78  LYS 78  78  78  LYS LYS A . n 
A 1 79  MET 79  79  79  MET MET A . n 
A 1 80  LYS 80  80  80  LYS LYS A . n 
A 1 81  VAL 81  81  81  VAL VAL A . n 
A 1 82  LYS 82  82  82  LYS LYS A . n 
A 1 83  ASP 83  83  83  ASP ASP A . n 
A 1 84  LEU 84  84  84  LEU LEU A . n 
A 1 85  ARG 85  85  85  ARG ARG A . n 
A 1 86  ASP 86  86  86  ASP ASP A . n 
A 1 87  TYR 87  87  87  TYR TYR A . n 
A 1 88  LEU 88  88  88  LEU LEU A . n 
A 1 89  SER 89  89  89  SER SER A . n 
A 1 90  LEU 90  90  90  LEU LEU A . n 
A 1 91  HIS 91  91  91  HIS HIS A . n 
A 1 92  ASP 92  92  92  ASP ASP A . n 
A 1 93  ILE 93  93  93  ILE ILE A . n 
A 1 94  SER 94  94  94  SER SER A . n 
A 1 95  THR 95  95  95  THR THR A . n 
A 1 96  GLU 96  96  96  GLU GLU A . n 
A 1 97  MET 97  97  97  MET MET A . n 
A 1 98  CYS 98  98  98  CYS CYS A . n 
A 1 99  ARG 99  99  99  ARG ARG A . n 
A 1 100 GLU 100 100 100 GLU GLU A . n 
A 1 101 LYS 101 101 101 LYS LYS A . n 
A 1 102 GLU 102 102 102 GLU GLU A . n 
A 1 103 GLU 103 103 103 GLU GLU A . n 
A 1 104 LEU 104 104 104 LEU LEU A . n 
A 1 105 VAL 105 105 105 VAL VAL A . n 
A 1 106 LEU 106 106 106 LEU LEU A . n 
A 1 107 LEU 107 107 107 LEU LEU A . n 
A 1 108 VAL 108 108 108 VAL VAL A . n 
A 1 109 LEU 109 109 109 LEU LEU A . n 
A 1 110 GLY 110 110 110 GLY GLY A . n 
A 1 111 GLN 111 111 111 GLN GLN A . n 
A 1 112 GLN 112 112 112 GLN GLN A . n 
A 1 113 PRO 113 113 113 PRO PRO A . n 
A 1 114 VAL 114 114 114 VAL VAL A . n 
A 1 115 ILE 115 115 ?   ?   ?   A . n 
A 1 116 SER 116 116 ?   ?   ?   A . n 
A 1 117 GLN 117 117 ?   ?   ?   A . n 
A 1 118 GLU 118 118 ?   ?   ?   A . n 
A 1 119 ASP 119 119 ?   ?   ?   A . n 
A 1 120 ARG 120 120 ?   ?   ?   A . n 
# 
loop_
_pdbx_nonpoly_scheme.asym_id 
_pdbx_nonpoly_scheme.entity_id 
_pdbx_nonpoly_scheme.mon_id 
_pdbx_nonpoly_scheme.ndb_seq_num 
_pdbx_nonpoly_scheme.pdb_seq_num 
_pdbx_nonpoly_scheme.auth_seq_num 
_pdbx_nonpoly_scheme.pdb_mon_id 
_pdbx_nonpoly_scheme.auth_mon_id 
_pdbx_nonpoly_scheme.pdb_strand_id 
_pdbx_nonpoly_scheme.pdb_ins_code 
B 2 ZN  1   161 1   ZN  ZN  A . 
C 2 ZN  1   162 2   ZN  ZN  A . 
D 3 HOH 1   163 1   HOH TIP A . 
D 3 HOH 2   164 2   HOH TIP A . 
D 3 HOH 3   165 3   HOH TIP A . 
D 3 HOH 4   166 4   HOH TIP A . 
D 3 HOH 5   167 5   HOH TIP A . 
D 3 HOH 6   168 6   HOH TIP A . 
D 3 HOH 7   169 7   HOH TIP A . 
D 3 HOH 8   170 8   HOH TIP A . 
D 3 HOH 9   171 9   HOH TIP A . 
D 3 HOH 10  172 10  HOH TIP A . 
D 3 HOH 11  173 11  HOH TIP A . 
D 3 HOH 12  174 12  HOH TIP A . 
D 3 HOH 13  175 13  HOH TIP A . 
D 3 HOH 14  176 14  HOH TIP A . 
D 3 HOH 15  177 15  HOH TIP A . 
D 3 HOH 16  178 16  HOH TIP A . 
D 3 HOH 17  179 17  HOH TIP A . 
D 3 HOH 18  180 18  HOH TIP A . 
D 3 HOH 19  181 19  HOH TIP A . 
D 3 HOH 20  182 20  HOH TIP A . 
D 3 HOH 21  183 21  HOH TIP A . 
D 3 HOH 22  184 22  HOH TIP A . 
D 3 HOH 23  185 23  HOH TIP A . 
D 3 HOH 24  186 24  HOH TIP A . 
D 3 HOH 25  187 25  HOH TIP A . 
D 3 HOH 26  188 26  HOH TIP A . 
D 3 HOH 27  189 27  HOH TIP A . 
D 3 HOH 28  190 28  HOH TIP A . 
D 3 HOH 29  191 29  HOH TIP A . 
D 3 HOH 30  192 30  HOH TIP A . 
D 3 HOH 31  193 31  HOH TIP A . 
D 3 HOH 32  194 32  HOH TIP A . 
D 3 HOH 33  195 33  HOH TIP A . 
D 3 HOH 34  196 34  HOH TIP A . 
D 3 HOH 35  197 35  HOH TIP A . 
D 3 HOH 36  198 36  HOH TIP A . 
D 3 HOH 37  199 37  HOH TIP A . 
D 3 HOH 38  200 38  HOH TIP A . 
D 3 HOH 39  201 39  HOH TIP A . 
D 3 HOH 40  202 40  HOH TIP A . 
D 3 HOH 41  203 41  HOH TIP A . 
D 3 HOH 42  204 42  HOH TIP A . 
D 3 HOH 43  205 43  HOH TIP A . 
D 3 HOH 44  206 44  HOH TIP A . 
D 3 HOH 45  207 45  HOH TIP A . 
D 3 HOH 46  208 46  HOH TIP A . 
D 3 HOH 47  209 47  HOH TIP A . 
D 3 HOH 48  210 48  HOH TIP A . 
D 3 HOH 49  211 49  HOH TIP A . 
D 3 HOH 50  212 50  HOH TIP A . 
D 3 HOH 51  213 51  HOH TIP A . 
D 3 HOH 52  214 52  HOH TIP A . 
D 3 HOH 53  215 53  HOH TIP A . 
D 3 HOH 54  216 54  HOH TIP A . 
D 3 HOH 55  217 55  HOH TIP A . 
D 3 HOH 56  218 56  HOH TIP A . 
D 3 HOH 57  219 57  HOH TIP A . 
D 3 HOH 58  220 58  HOH TIP A . 
D 3 HOH 59  221 59  HOH TIP A . 
D 3 HOH 60  222 60  HOH TIP A . 
D 3 HOH 61  223 61  HOH TIP A . 
D 3 HOH 62  224 62  HOH TIP A . 
D 3 HOH 63  225 63  HOH TIP A . 
D 3 HOH 64  226 64  HOH TIP A . 
D 3 HOH 65  227 65  HOH TIP A . 
D 3 HOH 66  228 66  HOH TIP A . 
D 3 HOH 67  229 67  HOH TIP A . 
D 3 HOH 68  230 68  HOH TIP A . 
D 3 HOH 69  231 69  HOH TIP A . 
D 3 HOH 70  232 70  HOH TIP A . 
D 3 HOH 71  233 71  HOH TIP A . 
D 3 HOH 72  234 72  HOH TIP A . 
D 3 HOH 73  235 73  HOH TIP A . 
D 3 HOH 74  236 74  HOH TIP A . 
D 3 HOH 75  237 75  HOH TIP A . 
D 3 HOH 76  238 76  HOH TIP A . 
D 3 HOH 77  239 77  HOH TIP A . 
D 3 HOH 78  240 78  HOH TIP A . 
D 3 HOH 79  241 79  HOH TIP A . 
D 3 HOH 80  242 80  HOH TIP A . 
D 3 HOH 81  243 81  HOH TIP A . 
D 3 HOH 82  244 82  HOH TIP A . 
D 3 HOH 83  245 83  HOH TIP A . 
D 3 HOH 84  246 84  HOH TIP A . 
D 3 HOH 85  247 85  HOH TIP A . 
D 3 HOH 86  248 86  HOH TIP A . 
D 3 HOH 87  249 87  HOH TIP A . 
D 3 HOH 88  250 88  HOH TIP A . 
D 3 HOH 89  251 89  HOH TIP A . 
D 3 HOH 90  252 90  HOH TIP A . 
D 3 HOH 91  253 91  HOH TIP A . 
D 3 HOH 92  254 92  HOH TIP A . 
D 3 HOH 93  255 93  HOH TIP A . 
D 3 HOH 94  256 94  HOH TIP A . 
D 3 HOH 95  257 95  HOH TIP A . 
D 3 HOH 96  258 96  HOH TIP A . 
D 3 HOH 97  259 97  HOH TIP A . 
D 3 HOH 98  260 98  HOH TIP A . 
D 3 HOH 99  261 99  HOH TIP A . 
D 3 HOH 100 262 100 HOH TIP A . 
D 3 HOH 101 263 101 HOH TIP A . 
D 3 HOH 102 264 102 HOH TIP A . 
D 3 HOH 103 265 103 HOH TIP A . 
D 3 HOH 104 266 104 HOH TIP A . 
D 3 HOH 105 267 105 HOH TIP A . 
D 3 HOH 106 268 106 HOH TIP A . 
D 3 HOH 107 269 107 HOH TIP A . 
D 3 HOH 108 270 108 HOH TIP A . 
D 3 HOH 109 271 109 HOH TIP A . 
D 3 HOH 110 272 110 HOH TIP A . 
D 3 HOH 111 273 111 HOH TIP A . 
D 3 HOH 112 274 112 HOH TIP A . 
D 3 HOH 113 275 113 HOH TIP A . 
D 3 HOH 114 276 114 HOH TIP A . 
D 3 HOH 115 277 115 HOH TIP A . 
D 3 HOH 116 278 116 HOH TIP A . 
D 3 HOH 117 279 117 HOH TIP A . 
D 3 HOH 118 280 118 HOH TIP A . 
D 3 HOH 119 281 119 HOH TIP A . 
D 3 HOH 120 282 120 HOH TIP A . 
D 3 HOH 121 283 121 HOH TIP A . 
D 3 HOH 122 284 122 HOH TIP A . 
D 3 HOH 123 285 123 HOH TIP A . 
D 3 HOH 124 286 124 HOH TIP A . 
D 3 HOH 125 287 125 HOH TIP A . 
D 3 HOH 126 288 126 HOH TIP A . 
D 3 HOH 127 289 127 HOH TIP A . 
D 3 HOH 128 290 128 HOH TIP A . 
D 3 HOH 129 291 129 HOH TIP A . 
D 3 HOH 130 292 130 HOH TIP A . 
D 3 HOH 131 293 131 HOH TIP A . 
D 3 HOH 132 294 132 HOH TIP A . 
D 3 HOH 133 295 133 HOH TIP A . 
D 3 HOH 134 296 134 HOH TIP A . 
D 3 HOH 135 297 135 HOH TIP A . 
D 3 HOH 136 298 136 HOH TIP A . 
D 3 HOH 137 299 137 HOH TIP A . 
D 3 HOH 138 300 138 HOH TIP A . 
D 3 HOH 139 301 139 HOH TIP A . 
D 3 HOH 140 302 140 HOH TIP A . 
D 3 HOH 141 303 141 HOH TIP A . 
D 3 HOH 142 304 142 HOH TIP A . 
D 3 HOH 143 305 143 HOH TIP A . 
D 3 HOH 144 306 144 HOH TIP A . 
D 3 HOH 145 307 145 HOH TIP A . 
D 3 HOH 146 308 146 HOH TIP A . 
D 3 HOH 147 309 147 HOH TIP A . 
D 3 HOH 148 310 148 HOH TIP A . 
D 3 HOH 149 311 149 HOH TIP A . 
D 3 HOH 150 312 150 HOH TIP A . 
D 3 HOH 151 313 151 HOH TIP A . 
D 3 HOH 152 314 152 HOH TIP A . 
D 3 HOH 153 315 153 HOH TIP A . 
# 
loop_
_software.name 
_software.classification 
_software.version 
_software.citation_id 
_software.pdbx_ordinal 
HKL-2000  'data collection' . ? 1 
SCALEPACK 'data scaling'    . ? 2 
SOLVE     phasing           . ? 3 
CNS       refinement        . ? 4 
HKL-2000  'data reduction'  . ? 5 
# 
_cell.entry_id           1Y02 
_cell.length_a           51.196 
_cell.length_b           51.196 
_cell.length_c           38.564 
_cell.angle_alpha        90.00 
_cell.angle_beta         90.00 
_cell.angle_gamma        120.00 
_cell.Z_PDB              3 
_cell.pdbx_unique_axis   ? 
# 
_symmetry.entry_id                         1Y02 
_symmetry.space_group_name_H-M             'P 31' 
_symmetry.pdbx_full_space_group_name_H-M   ? 
_symmetry.cell_setting                     ? 
_symmetry.Int_Tables_number                144 
_symmetry.space_group_name_Hall            ? 
# 
_exptl.entry_id          1Y02 
_exptl.method            'X-RAY DIFFRACTION' 
_exptl.crystals_number   1 
# 
_exptl_crystal.id                    1 
_exptl_crystal.density_meas          ? 
_exptl_crystal.density_Matthews      2.4 
_exptl_crystal.density_percent_sol   50 
_exptl_crystal.description           ? 
_exptl_crystal.F_000                 ? 
_exptl_crystal.preparation           ? 
# 
_exptl_crystal_grow.crystal_id      1 
_exptl_crystal_grow.method          'VAPOR DIFFUSION, HANGING DROP' 
_exptl_crystal_grow.temp            293 
_exptl_crystal_grow.temp_details    ? 
_exptl_crystal_grow.pH              7.5 
_exptl_crystal_grow.pdbx_details    'HEPES, Na, K, Tartrate, pH 7.5, VAPOR DIFFUSION, HANGING DROP, temperature 293K' 
_exptl_crystal_grow.pdbx_pH_range   . 
# 
_diffrn.id                     1 
_diffrn.ambient_temp           100 
_diffrn.ambient_temp_details   ? 
_diffrn.crystal_id             1 
# 
_diffrn_detector.diffrn_id              1 
_diffrn_detector.detector               CCD 
_diffrn_detector.type                   'ADSC QUANTUM 4' 
_diffrn_detector.pdbx_collection_date   2004-02-20 
_diffrn_detector.details                ? 
# 
_diffrn_radiation.diffrn_id                        1 
_diffrn_radiation.wavelength_id                    1 
_diffrn_radiation.pdbx_monochromatic_or_laue_m_l   M 
_diffrn_radiation.monochromator                    'Ni MIRROR + Ni FILTER' 
_diffrn_radiation.pdbx_diffrn_protocol             MAD 
_diffrn_radiation.pdbx_scattering_type             x-ray 
# 
_diffrn_radiation_wavelength.id           1 
_diffrn_radiation_wavelength.wavelength   1.28 
_diffrn_radiation_wavelength.wt           1.0 
# 
_diffrn_source.diffrn_id                   1 
_diffrn_source.source                      SYNCHROTRON 
_diffrn_source.type                        'NSLS BEAMLINE X25' 
_diffrn_source.pdbx_synchrotron_site       NSLS 
_diffrn_source.pdbx_synchrotron_beamline   X25 
_diffrn_source.pdbx_wavelength             ? 
_diffrn_source.pdbx_wavelength_list        1.28 
# 
_reflns.entry_id                     1Y02 
_reflns.observed_criterion_sigma_F   0 
_reflns.observed_criterion_sigma_I   0 
_reflns.d_resolution_high            1.7 
_reflns.d_resolution_low             99 
_reflns.number_all                   12581 
_reflns.number_obs                   12241 
_reflns.percent_possible_obs         97.3 
_reflns.pdbx_Rmerge_I_obs            ? 
_reflns.pdbx_Rsym_value              0.071 
_reflns.pdbx_netI_over_sigmaI        ? 
_reflns.B_iso_Wilson_estimate        ? 
_reflns.pdbx_redundancy              6 
_reflns.R_free_details               ? 
_reflns.limit_h_max                  ? 
_reflns.limit_h_min                  ? 
_reflns.limit_k_max                  ? 
_reflns.limit_k_min                  ? 
_reflns.limit_l_max                  ? 
_reflns.limit_l_min                  ? 
_reflns.observed_criterion_F_max     ? 
_reflns.observed_criterion_F_min     ? 
_reflns.pdbx_chi_squared             ? 
_reflns.pdbx_scaling_rejects         ? 
_reflns.pdbx_diffrn_id               1 
_reflns.pdbx_ordinal                 1 
# 
_reflns_shell.d_res_high             1.7 
_reflns_shell.d_res_low              1.76 
_reflns_shell.percent_possible_all   85.2 
_reflns_shell.Rmerge_I_obs           ? 
_reflns_shell.pdbx_Rsym_value        0.446 
_reflns_shell.meanI_over_sigI_obs    ? 
_reflns_shell.pdbx_redundancy        ? 
_reflns_shell.percent_possible_obs   ? 
_reflns_shell.number_unique_all      ? 
_reflns_shell.number_measured_all    ? 
_reflns_shell.number_measured_obs    ? 
_reflns_shell.number_unique_obs      ? 
_reflns_shell.pdbx_chi_squared       ? 
_reflns_shell.pdbx_diffrn_id         ? 
_reflns_shell.pdbx_ordinal           1 
# 
_refine.entry_id                                 1Y02 
_refine.ls_d_res_high                            1.8 
_refine.ls_d_res_low                             20 
_refine.pdbx_ls_sigma_F                          0 
_refine.pdbx_ls_sigma_I                          ? 
_refine.ls_number_reflns_all                     10491 
_refine.ls_number_reflns_obs                     10239 
_refine.ls_number_reflns_R_free                  519 
_refine.ls_percent_reflns_obs                    ? 
_refine.ls_R_factor_all                          0.21 
_refine.ls_R_factor_obs                          0.21 
_refine.ls_R_factor_R_work                       0.206 
_refine.ls_R_factor_R_free                       0.2338 
_refine.ls_redundancy_reflns_obs                 ? 
_refine.pdbx_data_cutoff_high_absF               ? 
_refine.pdbx_data_cutoff_low_absF                ? 
_refine.ls_number_parameters                     ? 
_refine.ls_number_restraints                     ? 
_refine.ls_percent_reflns_R_free                 ? 
_refine.ls_R_factor_R_free_error                 ? 
_refine.ls_R_factor_R_free_error_details         ? 
_refine.pdbx_method_to_determine_struct          MAD 
_refine.pdbx_starting_model                      ? 
_refine.pdbx_ls_cross_valid_method               ? 
_refine.pdbx_R_Free_selection_details            random 
_refine.pdbx_stereochem_target_val_spec_case     ? 
_refine.pdbx_stereochemistry_target_values       'Engh & Huber' 
_refine.solvent_model_details                    ? 
_refine.solvent_model_param_bsol                 ? 
_refine.solvent_model_param_ksol                 ? 
_refine.occupancy_max                            ? 
_refine.occupancy_min                            ? 
_refine.pdbx_isotropic_thermal_model             ? 
_refine.B_iso_mean                               ? 
_refine.aniso_B[1][1]                            ? 
_refine.aniso_B[1][2]                            ? 
_refine.aniso_B[1][3]                            ? 
_refine.aniso_B[2][2]                            ? 
_refine.aniso_B[2][3]                            ? 
_refine.aniso_B[3][3]                            ? 
_refine.details                                  ? 
_refine.B_iso_min                                ? 
_refine.B_iso_max                                ? 
_refine.correlation_coeff_Fo_to_Fc               ? 
_refine.correlation_coeff_Fo_to_Fc_free          ? 
_refine.pdbx_solvent_vdw_probe_radii             ? 
_refine.pdbx_solvent_ion_probe_radii             ? 
_refine.pdbx_solvent_shrinkage_radii             ? 
_refine.overall_SU_R_Cruickshank_DPI             ? 
_refine.overall_SU_R_free                        ? 
_refine.overall_SU_B                             ? 
_refine.overall_SU_ML                            ? 
_refine.pdbx_overall_ESU_R                       ? 
_refine.pdbx_overall_ESU_R_Free                  ? 
_refine.pdbx_data_cutoff_high_rms_absF           ? 
_refine.ls_wR_factor_R_free                      ? 
_refine.ls_wR_factor_R_work                      ? 
_refine.overall_FOM_free_R_set                   ? 
_refine.overall_FOM_work_R_set                   ? 
_refine.pdbx_refine_id                           'X-RAY DIFFRACTION' 
_refine.pdbx_diffrn_id                           1 
_refine.pdbx_TLS_residual_ADP_flag               ? 
_refine.pdbx_overall_phase_error                 ? 
_refine.pdbx_overall_SU_R_free_Cruickshank_DPI   ? 
_refine.pdbx_overall_SU_R_Blow_DPI               ? 
_refine.pdbx_overall_SU_R_free_Blow_DPI          ? 
# 
_refine_hist.pdbx_refine_id                   'X-RAY DIFFRACTION' 
_refine_hist.cycle_id                         LAST 
_refine_hist.pdbx_number_atoms_protein        724 
_refine_hist.pdbx_number_atoms_nucleic_acid   0 
_refine_hist.pdbx_number_atoms_ligand         2 
_refine_hist.number_atoms_solvent             153 
_refine_hist.number_atoms_total               879 
_refine_hist.d_res_high                       1.8 
_refine_hist.d_res_low                        20 
# 
loop_
_refine_ls_restr.type 
_refine_ls_restr.dev_ideal 
_refine_ls_restr.dev_ideal_target 
_refine_ls_restr.weight 
_refine_ls_restr.number 
_refine_ls_restr.pdbx_refine_id 
_refine_ls_restr.pdbx_restraint_function 
c_bond_d    0.007 ? ? ? 'X-RAY DIFFRACTION' ? 
c_angle_deg 1.37  ? ? ? 'X-RAY DIFFRACTION' ? 
# 
_struct.entry_id                  1Y02 
_struct.title                     'Crystal Structure of a FYVE-type domain from caspase regulator CARP2' 
_struct.pdbx_model_details        ? 
_struct.pdbx_CASP_flag            ? 
_struct.pdbx_model_type_details   ? 
# 
_struct_keywords.entry_id        1Y02 
_struct_keywords.pdbx_keywords   'METAL BINDING PROTEIN' 
_struct_keywords.text            
'CARP2, FYVE, zinc-binding module, phosphoinositide binding, caspase regulation, METAL BINDING PROTEIN' 
# 
loop_
_struct_asym.id 
_struct_asym.pdbx_blank_PDB_chainid_flag 
_struct_asym.pdbx_modified 
_struct_asym.entity_id 
_struct_asym.details 
A N N 1 ? 
B N N 2 ? 
C N N 2 ? 
D N N 3 ? 
# 
_struct_ref.id                         1 
_struct_ref.db_name                    UNP 
_struct_ref.db_code                    RFFL_HUMAN 
_struct_ref.pdbx_db_accession          Q8WZ73 
_struct_ref.entity_id                  1 
_struct_ref.pdbx_seq_one_letter_code   
;MQAYSNPGYSSFPSPTGLEPSCKSCGAHFANTARKQTCLDCKKNFCMTCSSQVGNGPRLCLLCQRFRATAFQREELMKMK
VKDLRDYLSLHDISTEMCREKEELVLLVLGQQPVISQEDR
;
_struct_ref.pdbx_align_begin           26 
_struct_ref.pdbx_db_isoform            ? 
# 
_struct_ref_seq.align_id                      1 
_struct_ref_seq.ref_id                        1 
_struct_ref_seq.pdbx_PDB_id_code              1Y02 
_struct_ref_seq.pdbx_strand_id                A 
_struct_ref_seq.seq_align_beg                 1 
_struct_ref_seq.pdbx_seq_align_beg_ins_code   ? 
_struct_ref_seq.seq_align_end                 120 
_struct_ref_seq.pdbx_seq_align_end_ins_code   ? 
_struct_ref_seq.pdbx_db_accession             Q8WZ73 
_struct_ref_seq.db_align_beg                  26 
_struct_ref_seq.pdbx_db_align_beg_ins_code    ? 
_struct_ref_seq.db_align_end                  145 
_struct_ref_seq.pdbx_db_align_end_ins_code    ? 
_struct_ref_seq.pdbx_auth_seq_align_beg       1 
_struct_ref_seq.pdbx_auth_seq_align_end       120 
# 
_pdbx_struct_assembly.id                   1 
_pdbx_struct_assembly.details              author_defined_assembly 
_pdbx_struct_assembly.method_details       ? 
_pdbx_struct_assembly.oligomeric_details   monomeric 
_pdbx_struct_assembly.oligomeric_count     1 
# 
_pdbx_struct_assembly_gen.assembly_id       1 
_pdbx_struct_assembly_gen.oper_expression   1 
_pdbx_struct_assembly_gen.asym_id_list      A,B,C,D 
# 
_pdbx_struct_oper_list.id                   1 
_pdbx_struct_oper_list.type                 'identity operation' 
_pdbx_struct_oper_list.name                 1_555 
_pdbx_struct_oper_list.symmetry_operation   x,y,z 
_pdbx_struct_oper_list.matrix[1][1]         1.0000000000 
_pdbx_struct_oper_list.matrix[1][2]         0.0000000000 
_pdbx_struct_oper_list.matrix[1][3]         0.0000000000 
_pdbx_struct_oper_list.vector[1]            0.0000000000 
_pdbx_struct_oper_list.matrix[2][1]         0.0000000000 
_pdbx_struct_oper_list.matrix[2][2]         1.0000000000 
_pdbx_struct_oper_list.matrix[2][3]         0.0000000000 
_pdbx_struct_oper_list.vector[2]            0.0000000000 
_pdbx_struct_oper_list.matrix[3][1]         0.0000000000 
_pdbx_struct_oper_list.matrix[3][2]         0.0000000000 
_pdbx_struct_oper_list.matrix[3][3]         1.0000000000 
_pdbx_struct_oper_list.vector[3]            0.0000000000 
# 
_struct_biol.id                    1 
_struct_biol.pdbx_parent_biol_id   ? 
_struct_biol.details               ? 
# 
loop_
_struct_conf.conf_type_id 
_struct_conf.id 
_struct_conf.pdbx_PDB_helix_id 
_struct_conf.beg_label_comp_id 
_struct_conf.beg_label_asym_id 
_struct_conf.beg_label_seq_id 
_struct_conf.pdbx_beg_PDB_ins_code 
_struct_conf.end_label_comp_id 
_struct_conf.end_label_asym_id 
_struct_conf.end_label_seq_id 
_struct_conf.pdbx_end_PDB_ins_code 
_struct_conf.beg_auth_comp_id 
_struct_conf.beg_auth_asym_id 
_struct_conf.beg_auth_seq_id 
_struct_conf.end_auth_comp_id 
_struct_conf.end_auth_asym_id 
_struct_conf.end_auth_seq_id 
_struct_conf.pdbx_PDB_helix_class 
_struct_conf.details 
_struct_conf.pdbx_PDB_helix_length 
HELX_P HELX_P1 1 ASN A 31  ? LYS A 35  ? ASN A 31  LYS A 35  5 ? 5  
HELX_P HELX_P2 2 CYS A 46  ? THR A 48  ? CYS A 46  THR A 48  5 ? 3  
HELX_P HELX_P3 3 LEU A 61  ? THR A 69  ? LEU A 61  THR A 69  1 ? 9  
HELX_P HELX_P4 4 GLN A 72  ? LYS A 78  ? GLN A 72  LYS A 78  1 ? 7  
HELX_P HELX_P5 5 LYS A 80  ? HIS A 91  ? LYS A 80  HIS A 91  1 ? 12 
HELX_P HELX_P6 6 GLU A 100 ? GLN A 111 ? GLU A 100 GLN A 111 1 ? 12 
# 
_struct_conf_type.id          HELX_P 
_struct_conf_type.criteria    ? 
_struct_conf_type.reference   ? 
# 
loop_
_struct_conn.id 
_struct_conn.conn_type_id 
_struct_conn.pdbx_leaving_atom_flag 
_struct_conn.pdbx_PDB_id 
_struct_conn.ptnr1_label_asym_id 
_struct_conn.ptnr1_label_comp_id 
_struct_conn.ptnr1_label_seq_id 
_struct_conn.ptnr1_label_atom_id 
_struct_conn.pdbx_ptnr1_label_alt_id 
_struct_conn.pdbx_ptnr1_PDB_ins_code 
_struct_conn.pdbx_ptnr1_standard_comp_id 
_struct_conn.ptnr1_symmetry 
_struct_conn.ptnr2_label_asym_id 
_struct_conn.ptnr2_label_comp_id 
_struct_conn.ptnr2_label_seq_id 
_struct_conn.ptnr2_label_atom_id 
_struct_conn.pdbx_ptnr2_label_alt_id 
_struct_conn.pdbx_ptnr2_PDB_ins_code 
_struct_conn.ptnr1_auth_asym_id 
_struct_conn.ptnr1_auth_comp_id 
_struct_conn.ptnr1_auth_seq_id 
_struct_conn.ptnr2_auth_asym_id 
_struct_conn.ptnr2_auth_comp_id 
_struct_conn.ptnr2_auth_seq_id 
_struct_conn.ptnr2_symmetry 
_struct_conn.pdbx_ptnr3_label_atom_id 
_struct_conn.pdbx_ptnr3_label_seq_id 
_struct_conn.pdbx_ptnr3_label_comp_id 
_struct_conn.pdbx_ptnr3_label_asym_id 
_struct_conn.pdbx_ptnr3_label_alt_id 
_struct_conn.pdbx_ptnr3_PDB_ins_code 
_struct_conn.details 
_struct_conn.pdbx_dist_value 
_struct_conn.pdbx_value_order 
_struct_conn.pdbx_role 
metalc1 metalc ? ? A CYS 22 SG ? ? ? 1_555 C ZN . ZN ? ? A CYS 22 A ZN 162 1_555 ? ? ? ? ? ? ? 2.359 ? ? 
metalc2 metalc ? ? A CYS 25 SG ? ? ? 1_555 C ZN . ZN ? ? A CYS 25 A ZN 162 1_555 ? ? ? ? ? ? ? 2.368 ? ? 
metalc3 metalc ? ? A CYS 38 SG ? ? ? 1_555 B ZN . ZN ? ? A CYS 38 A ZN 161 1_555 ? ? ? ? ? ? ? 2.413 ? ? 
metalc4 metalc ? ? A CYS 41 SG ? ? ? 1_555 B ZN . ZN ? ? A CYS 41 A ZN 161 1_555 ? ? ? ? ? ? ? 2.359 ? ? 
metalc5 metalc ? ? A CYS 46 SG ? ? ? 1_555 C ZN . ZN ? ? A CYS 46 A ZN 162 1_555 ? ? ? ? ? ? ? 2.336 ? ? 
metalc6 metalc ? ? A CYS 49 SG ? ? ? 1_555 C ZN . ZN ? ? A CYS 49 A ZN 162 1_555 ? ? ? ? ? ? ? 2.348 ? ? 
metalc7 metalc ? ? A CYS 60 SG ? ? ? 1_555 B ZN . ZN ? ? A CYS 60 A ZN 161 1_555 ? ? ? ? ? ? ? 2.392 ? ? 
metalc8 metalc ? ? A CYS 63 SG ? ? ? 1_555 B ZN . ZN ? ? A CYS 63 A ZN 161 1_555 ? ? ? ? ? ? ? 2.362 ? ? 
# 
_struct_conn_type.id          metalc 
_struct_conn_type.criteria    ? 
_struct_conn_type.reference   ? 
# 
loop_
_pdbx_struct_conn_angle.id 
_pdbx_struct_conn_angle.ptnr1_label_atom_id 
_pdbx_struct_conn_angle.ptnr1_label_alt_id 
_pdbx_struct_conn_angle.ptnr1_label_asym_id 
_pdbx_struct_conn_angle.ptnr1_label_comp_id 
_pdbx_struct_conn_angle.ptnr1_label_seq_id 
_pdbx_struct_conn_angle.ptnr1_auth_atom_id 
_pdbx_struct_conn_angle.ptnr1_auth_asym_id 
_pdbx_struct_conn_angle.ptnr1_auth_comp_id 
_pdbx_struct_conn_angle.ptnr1_auth_seq_id 
_pdbx_struct_conn_angle.ptnr1_PDB_ins_code 
_pdbx_struct_conn_angle.ptnr1_symmetry 
_pdbx_struct_conn_angle.ptnr2_label_atom_id 
_pdbx_struct_conn_angle.ptnr2_label_alt_id 
_pdbx_struct_conn_angle.ptnr2_label_asym_id 
_pdbx_struct_conn_angle.ptnr2_label_comp_id 
_pdbx_struct_conn_angle.ptnr2_label_seq_id 
_pdbx_struct_conn_angle.ptnr2_auth_atom_id 
_pdbx_struct_conn_angle.ptnr2_auth_asym_id 
_pdbx_struct_conn_angle.ptnr2_auth_comp_id 
_pdbx_struct_conn_angle.ptnr2_auth_seq_id 
_pdbx_struct_conn_angle.ptnr2_PDB_ins_code 
_pdbx_struct_conn_angle.ptnr2_symmetry 
_pdbx_struct_conn_angle.ptnr3_label_atom_id 
_pdbx_struct_conn_angle.ptnr3_label_alt_id 
_pdbx_struct_conn_angle.ptnr3_label_asym_id 
_pdbx_struct_conn_angle.ptnr3_label_comp_id 
_pdbx_struct_conn_angle.ptnr3_label_seq_id 
_pdbx_struct_conn_angle.ptnr3_auth_atom_id 
_pdbx_struct_conn_angle.ptnr3_auth_asym_id 
_pdbx_struct_conn_angle.ptnr3_auth_comp_id 
_pdbx_struct_conn_angle.ptnr3_auth_seq_id 
_pdbx_struct_conn_angle.ptnr3_PDB_ins_code 
_pdbx_struct_conn_angle.ptnr3_symmetry 
_pdbx_struct_conn_angle.value 
_pdbx_struct_conn_angle.value_esd 
1  SG ? A CYS 22 ? A CYS 22 ? 1_555 ZN ? C ZN . ? A ZN 162 ? 1_555 SG ? A CYS 25 ? A CYS 25 ? 1_555 109.3 ? 
2  SG ? A CYS 22 ? A CYS 22 ? 1_555 ZN ? C ZN . ? A ZN 162 ? 1_555 SG ? A CYS 46 ? A CYS 46 ? 1_555 105.1 ? 
3  SG ? A CYS 25 ? A CYS 25 ? 1_555 ZN ? C ZN . ? A ZN 162 ? 1_555 SG ? A CYS 46 ? A CYS 46 ? 1_555 96.4  ? 
4  SG ? A CYS 22 ? A CYS 22 ? 1_555 ZN ? C ZN . ? A ZN 162 ? 1_555 SG ? A CYS 49 ? A CYS 49 ? 1_555 110.1 ? 
5  SG ? A CYS 25 ? A CYS 25 ? 1_555 ZN ? C ZN . ? A ZN 162 ? 1_555 SG ? A CYS 49 ? A CYS 49 ? 1_555 115.7 ? 
6  SG ? A CYS 46 ? A CYS 46 ? 1_555 ZN ? C ZN . ? A ZN 162 ? 1_555 SG ? A CYS 49 ? A CYS 49 ? 1_555 118.9 ? 
7  SG ? A CYS 38 ? A CYS 38 ? 1_555 ZN ? B ZN . ? A ZN 161 ? 1_555 SG ? A CYS 41 ? A CYS 41 ? 1_555 104.4 ? 
8  SG ? A CYS 38 ? A CYS 38 ? 1_555 ZN ? B ZN . ? A ZN 161 ? 1_555 SG ? A CYS 60 ? A CYS 60 ? 1_555 110.6 ? 
9  SG ? A CYS 41 ? A CYS 41 ? 1_555 ZN ? B ZN . ? A ZN 161 ? 1_555 SG ? A CYS 60 ? A CYS 60 ? 1_555 120.1 ? 
10 SG ? A CYS 38 ? A CYS 38 ? 1_555 ZN ? B ZN . ? A ZN 161 ? 1_555 SG ? A CYS 63 ? A CYS 63 ? 1_555 106.6 ? 
11 SG ? A CYS 41 ? A CYS 41 ? 1_555 ZN ? B ZN . ? A ZN 161 ? 1_555 SG ? A CYS 63 ? A CYS 63 ? 1_555 116.3 ? 
12 SG ? A CYS 60 ? A CYS 60 ? 1_555 ZN ? B ZN . ? A ZN 161 ? 1_555 SG ? A CYS 63 ? A CYS 63 ? 1_555 98.3  ? 
# 
loop_
_struct_sheet.id 
_struct_sheet.type 
_struct_sheet.number_strands 
_struct_sheet.details 
A ? 2 ? 
B ? 2 ? 
# 
loop_
_struct_sheet_order.sheet_id 
_struct_sheet_order.range_id_1 
_struct_sheet_order.range_id_2 
_struct_sheet_order.offset 
_struct_sheet_order.sense 
A 1 2 ? anti-parallel 
B 1 2 ? anti-parallel 
# 
loop_
_struct_sheet_range.sheet_id 
_struct_sheet_range.id 
_struct_sheet_range.beg_label_comp_id 
_struct_sheet_range.beg_label_asym_id 
_struct_sheet_range.beg_label_seq_id 
_struct_sheet_range.pdbx_beg_PDB_ins_code 
_struct_sheet_range.end_label_comp_id 
_struct_sheet_range.end_label_asym_id 
_struct_sheet_range.end_label_seq_id 
_struct_sheet_range.pdbx_end_PDB_ins_code 
_struct_sheet_range.beg_auth_comp_id 
_struct_sheet_range.beg_auth_asym_id 
_struct_sheet_range.beg_auth_seq_id 
_struct_sheet_range.end_auth_comp_id 
_struct_sheet_range.end_auth_asym_id 
_struct_sheet_range.end_auth_seq_id 
A 1 GLN A 36 ? THR A 37 ? GLN A 36 THR A 37 
A 2 ASN A 44 ? PHE A 45 ? ASN A 44 PHE A 45 
B 1 SER A 50 ? SER A 51 ? SER A 50 SER A 51 
B 2 LEU A 59 ? CYS A 60 ? LEU A 59 CYS A 60 
# 
loop_
_pdbx_struct_sheet_hbond.sheet_id 
_pdbx_struct_sheet_hbond.range_id_1 
_pdbx_struct_sheet_hbond.range_id_2 
_pdbx_struct_sheet_hbond.range_1_label_atom_id 
_pdbx_struct_sheet_hbond.range_1_label_comp_id 
_pdbx_struct_sheet_hbond.range_1_label_asym_id 
_pdbx_struct_sheet_hbond.range_1_label_seq_id 
_pdbx_struct_sheet_hbond.range_1_PDB_ins_code 
_pdbx_struct_sheet_hbond.range_1_auth_atom_id 
_pdbx_struct_sheet_hbond.range_1_auth_comp_id 
_pdbx_struct_sheet_hbond.range_1_auth_asym_id 
_pdbx_struct_sheet_hbond.range_1_auth_seq_id 
_pdbx_struct_sheet_hbond.range_2_label_atom_id 
_pdbx_struct_sheet_hbond.range_2_label_comp_id 
_pdbx_struct_sheet_hbond.range_2_label_asym_id 
_pdbx_struct_sheet_hbond.range_2_label_seq_id 
_pdbx_struct_sheet_hbond.range_2_PDB_ins_code 
_pdbx_struct_sheet_hbond.range_2_auth_atom_id 
_pdbx_struct_sheet_hbond.range_2_auth_comp_id 
_pdbx_struct_sheet_hbond.range_2_auth_asym_id 
_pdbx_struct_sheet_hbond.range_2_auth_seq_id 
A 1 2 N GLN A 36 ? N GLN A 36 O PHE A 45 ? O PHE A 45 
B 1 2 N SER A 51 ? N SER A 51 O LEU A 59 ? O LEU A 59 
# 
loop_
_struct_site.id 
_struct_site.pdbx_evidence_code 
_struct_site.pdbx_auth_asym_id 
_struct_site.pdbx_auth_comp_id 
_struct_site.pdbx_auth_seq_id 
_struct_site.pdbx_auth_ins_code 
_struct_site.pdbx_num_residues 
_struct_site.details 
AC1 Software A ZN 161 ? 4 'BINDING SITE FOR RESIDUE ZN A 161' 
AC2 Software A ZN 162 ? 5 'BINDING SITE FOR RESIDUE ZN A 162' 
# 
loop_
_struct_site_gen.id 
_struct_site_gen.site_id 
_struct_site_gen.pdbx_num_res 
_struct_site_gen.label_comp_id 
_struct_site_gen.label_asym_id 
_struct_site_gen.label_seq_id 
_struct_site_gen.pdbx_auth_ins_code 
_struct_site_gen.auth_comp_id 
_struct_site_gen.auth_asym_id 
_struct_site_gen.auth_seq_id 
_struct_site_gen.label_atom_id 
_struct_site_gen.label_alt_id 
_struct_site_gen.symmetry 
_struct_site_gen.details 
1 AC1 4 CYS A 38 ? CYS A 38 . ? 1_555 ? 
2 AC1 4 CYS A 41 ? CYS A 41 . ? 1_555 ? 
3 AC1 4 CYS A 60 ? CYS A 60 . ? 1_555 ? 
4 AC1 4 CYS A 63 ? CYS A 63 . ? 1_555 ? 
5 AC2 5 CYS A 22 ? CYS A 22 . ? 1_555 ? 
6 AC2 5 LYS A 23 ? LYS A 23 . ? 2_655 ? 
7 AC2 5 CYS A 25 ? CYS A 25 . ? 1_555 ? 
8 AC2 5 CYS A 46 ? CYS A 46 . ? 1_555 ? 
9 AC2 5 CYS A 49 ? CYS A 49 . ? 1_555 ? 
# 
_pdbx_validate_rmsd_bond.id                        1 
_pdbx_validate_rmsd_bond.PDB_model_num             1 
_pdbx_validate_rmsd_bond.auth_atom_id_1            C 
_pdbx_validate_rmsd_bond.auth_asym_id_1            A 
_pdbx_validate_rmsd_bond.auth_comp_id_1            SER 
_pdbx_validate_rmsd_bond.auth_seq_id_1             51 
_pdbx_validate_rmsd_bond.PDB_ins_code_1            ? 
_pdbx_validate_rmsd_bond.label_alt_id_1            ? 
_pdbx_validate_rmsd_bond.auth_atom_id_2            N 
_pdbx_validate_rmsd_bond.auth_asym_id_2            A 
_pdbx_validate_rmsd_bond.auth_comp_id_2            GLN 
_pdbx_validate_rmsd_bond.auth_seq_id_2             52 
_pdbx_validate_rmsd_bond.PDB_ins_code_2            ? 
_pdbx_validate_rmsd_bond.label_alt_id_2            ? 
_pdbx_validate_rmsd_bond.bond_value                1.509 
_pdbx_validate_rmsd_bond.bond_target_value         1.336 
_pdbx_validate_rmsd_bond.bond_deviation            0.173 
_pdbx_validate_rmsd_bond.bond_standard_deviation   0.023 
_pdbx_validate_rmsd_bond.linker_flag               Y 
# 
loop_
_pdbx_unobs_or_zero_occ_residues.id 
_pdbx_unobs_or_zero_occ_residues.PDB_model_num 
_pdbx_unobs_or_zero_occ_residues.polymer_flag 
_pdbx_unobs_or_zero_occ_residues.occupancy_flag 
_pdbx_unobs_or_zero_occ_residues.auth_asym_id 
_pdbx_unobs_or_zero_occ_residues.auth_comp_id 
_pdbx_unobs_or_zero_occ_residues.auth_seq_id 
_pdbx_unobs_or_zero_occ_residues.PDB_ins_code 
_pdbx_unobs_or_zero_occ_residues.label_asym_id 
_pdbx_unobs_or_zero_occ_residues.label_comp_id 
_pdbx_unobs_or_zero_occ_residues.label_seq_id 
1  1 Y 1 A MET 1   ? A MET 1   
2  1 Y 1 A GLN 2   ? A GLN 2   
3  1 Y 1 A ALA 3   ? A ALA 3   
4  1 Y 1 A TYR 4   ? A TYR 4   
5  1 Y 1 A SER 5   ? A SER 5   
6  1 Y 1 A ASN 6   ? A ASN 6   
7  1 Y 1 A PRO 7   ? A PRO 7   
8  1 Y 1 A GLY 8   ? A GLY 8   
9  1 Y 1 A TYR 9   ? A TYR 9   
10 1 Y 1 A SER 10  ? A SER 10  
11 1 Y 1 A SER 11  ? A SER 11  
12 1 Y 1 A PHE 12  ? A PHE 12  
13 1 Y 1 A PRO 13  ? A PRO 13  
14 1 Y 1 A SER 14  ? A SER 14  
15 1 Y 1 A PRO 15  ? A PRO 15  
16 1 Y 1 A THR 16  ? A THR 16  
17 1 Y 1 A GLY 17  ? A GLY 17  
18 1 Y 1 A LEU 18  ? A LEU 18  
19 1 Y 1 A GLU 19  ? A GLU 19  
20 1 Y 1 A VAL 53  ? A VAL 53  
21 1 Y 1 A GLY 54  ? A GLY 54  
22 1 Y 1 A ASN 55  ? A ASN 55  
23 1 Y 1 A GLY 56  ? A GLY 56  
24 1 Y 1 A ILE 115 ? A ILE 115 
25 1 Y 1 A SER 116 ? A SER 116 
26 1 Y 1 A GLN 117 ? A GLN 117 
27 1 Y 1 A GLU 118 ? A GLU 118 
28 1 Y 1 A ASP 119 ? A ASP 119 
29 1 Y 1 A ARG 120 ? A ARG 120 
# 
loop_
_chem_comp_atom.comp_id 
_chem_comp_atom.atom_id 
_chem_comp_atom.type_symbol 
_chem_comp_atom.pdbx_aromatic_flag 
_chem_comp_atom.pdbx_stereo_config 
_chem_comp_atom.pdbx_ordinal 
ALA N    N  N N 1   
ALA CA   C  N S 2   
ALA C    C  N N 3   
ALA O    O  N N 4   
ALA CB   C  N N 5   
ALA OXT  O  N N 6   
ALA H    H  N N 7   
ALA H2   H  N N 8   
ALA HA   H  N N 9   
ALA HB1  H  N N 10  
ALA HB2  H  N N 11  
ALA HB3  H  N N 12  
ALA HXT  H  N N 13  
ARG N    N  N N 14  
ARG CA   C  N S 15  
ARG C    C  N N 16  
ARG O    O  N N 17  
ARG CB   C  N N 18  
ARG CG   C  N N 19  
ARG CD   C  N N 20  
ARG NE   N  N N 21  
ARG CZ   C  N N 22  
ARG NH1  N  N N 23  
ARG NH2  N  N N 24  
ARG OXT  O  N N 25  
ARG H    H  N N 26  
ARG H2   H  N N 27  
ARG HA   H  N N 28  
ARG HB2  H  N N 29  
ARG HB3  H  N N 30  
ARG HG2  H  N N 31  
ARG HG3  H  N N 32  
ARG HD2  H  N N 33  
ARG HD3  H  N N 34  
ARG HE   H  N N 35  
ARG HH11 H  N N 36  
ARG HH12 H  N N 37  
ARG HH21 H  N N 38  
ARG HH22 H  N N 39  
ARG HXT  H  N N 40  
ASN N    N  N N 41  
ASN CA   C  N S 42  
ASN C    C  N N 43  
ASN O    O  N N 44  
ASN CB   C  N N 45  
ASN CG   C  N N 46  
ASN OD1  O  N N 47  
ASN ND2  N  N N 48  
ASN OXT  O  N N 49  
ASN H    H  N N 50  
ASN H2   H  N N 51  
ASN HA   H  N N 52  
ASN HB2  H  N N 53  
ASN HB3  H  N N 54  
ASN HD21 H  N N 55  
ASN HD22 H  N N 56  
ASN HXT  H  N N 57  
ASP N    N  N N 58  
ASP CA   C  N S 59  
ASP C    C  N N 60  
ASP O    O  N N 61  
ASP CB   C  N N 62  
ASP CG   C  N N 63  
ASP OD1  O  N N 64  
ASP OD2  O  N N 65  
ASP OXT  O  N N 66  
ASP H    H  N N 67  
ASP H2   H  N N 68  
ASP HA   H  N N 69  
ASP HB2  H  N N 70  
ASP HB3  H  N N 71  
ASP HD2  H  N N 72  
ASP HXT  H  N N 73  
CYS N    N  N N 74  
CYS CA   C  N R 75  
CYS C    C  N N 76  
CYS O    O  N N 77  
CYS CB   C  N N 78  
CYS SG   S  N N 79  
CYS OXT  O  N N 80  
CYS H    H  N N 81  
CYS H2   H  N N 82  
CYS HA   H  N N 83  
CYS HB2  H  N N 84  
CYS HB3  H  N N 85  
CYS HG   H  N N 86  
CYS HXT  H  N N 87  
GLN N    N  N N 88  
GLN CA   C  N S 89  
GLN C    C  N N 90  
GLN O    O  N N 91  
GLN CB   C  N N 92  
GLN CG   C  N N 93  
GLN CD   C  N N 94  
GLN OE1  O  N N 95  
GLN NE2  N  N N 96  
GLN OXT  O  N N 97  
GLN H    H  N N 98  
GLN H2   H  N N 99  
GLN HA   H  N N 100 
GLN HB2  H  N N 101 
GLN HB3  H  N N 102 
GLN HG2  H  N N 103 
GLN HG3  H  N N 104 
GLN HE21 H  N N 105 
GLN HE22 H  N N 106 
GLN HXT  H  N N 107 
GLU N    N  N N 108 
GLU CA   C  N S 109 
GLU C    C  N N 110 
GLU O    O  N N 111 
GLU CB   C  N N 112 
GLU CG   C  N N 113 
GLU CD   C  N N 114 
GLU OE1  O  N N 115 
GLU OE2  O  N N 116 
GLU OXT  O  N N 117 
GLU H    H  N N 118 
GLU H2   H  N N 119 
GLU HA   H  N N 120 
GLU HB2  H  N N 121 
GLU HB3  H  N N 122 
GLU HG2  H  N N 123 
GLU HG3  H  N N 124 
GLU HE2  H  N N 125 
GLU HXT  H  N N 126 
GLY N    N  N N 127 
GLY CA   C  N N 128 
GLY C    C  N N 129 
GLY O    O  N N 130 
GLY OXT  O  N N 131 
GLY H    H  N N 132 
GLY H2   H  N N 133 
GLY HA2  H  N N 134 
GLY HA3  H  N N 135 
GLY HXT  H  N N 136 
HIS N    N  N N 137 
HIS CA   C  N S 138 
HIS C    C  N N 139 
HIS O    O  N N 140 
HIS CB   C  N N 141 
HIS CG   C  Y N 142 
HIS ND1  N  Y N 143 
HIS CD2  C  Y N 144 
HIS CE1  C  Y N 145 
HIS NE2  N  Y N 146 
HIS OXT  O  N N 147 
HIS H    H  N N 148 
HIS H2   H  N N 149 
HIS HA   H  N N 150 
HIS HB2  H  N N 151 
HIS HB3  H  N N 152 
HIS HD1  H  N N 153 
HIS HD2  H  N N 154 
HIS HE1  H  N N 155 
HIS HE2  H  N N 156 
HIS HXT  H  N N 157 
HOH O    O  N N 158 
HOH H1   H  N N 159 
HOH H2   H  N N 160 
ILE N    N  N N 161 
ILE CA   C  N S 162 
ILE C    C  N N 163 
ILE O    O  N N 164 
ILE CB   C  N S 165 
ILE CG1  C  N N 166 
ILE CG2  C  N N 167 
ILE CD1  C  N N 168 
ILE OXT  O  N N 169 
ILE H    H  N N 170 
ILE H2   H  N N 171 
ILE HA   H  N N 172 
ILE HB   H  N N 173 
ILE HG12 H  N N 174 
ILE HG13 H  N N 175 
ILE HG21 H  N N 176 
ILE HG22 H  N N 177 
ILE HG23 H  N N 178 
ILE HD11 H  N N 179 
ILE HD12 H  N N 180 
ILE HD13 H  N N 181 
ILE HXT  H  N N 182 
LEU N    N  N N 183 
LEU CA   C  N S 184 
LEU C    C  N N 185 
LEU O    O  N N 186 
LEU CB   C  N N 187 
LEU CG   C  N N 188 
LEU CD1  C  N N 189 
LEU CD2  C  N N 190 
LEU OXT  O  N N 191 
LEU H    H  N N 192 
LEU H2   H  N N 193 
LEU HA   H  N N 194 
LEU HB2  H  N N 195 
LEU HB3  H  N N 196 
LEU HG   H  N N 197 
LEU HD11 H  N N 198 
LEU HD12 H  N N 199 
LEU HD13 H  N N 200 
LEU HD21 H  N N 201 
LEU HD22 H  N N 202 
LEU HD23 H  N N 203 
LEU HXT  H  N N 204 
LYS N    N  N N 205 
LYS CA   C  N S 206 
LYS C    C  N N 207 
LYS O    O  N N 208 
LYS CB   C  N N 209 
LYS CG   C  N N 210 
LYS CD   C  N N 211 
LYS CE   C  N N 212 
LYS NZ   N  N N 213 
LYS OXT  O  N N 214 
LYS H    H  N N 215 
LYS H2   H  N N 216 
LYS HA   H  N N 217 
LYS HB2  H  N N 218 
LYS HB3  H  N N 219 
LYS HG2  H  N N 220 
LYS HG3  H  N N 221 
LYS HD2  H  N N 222 
LYS HD3  H  N N 223 
LYS HE2  H  N N 224 
LYS HE3  H  N N 225 
LYS HZ1  H  N N 226 
LYS HZ2  H  N N 227 
LYS HZ3  H  N N 228 
LYS HXT  H  N N 229 
MET N    N  N N 230 
MET CA   C  N S 231 
MET C    C  N N 232 
MET O    O  N N 233 
MET CB   C  N N 234 
MET CG   C  N N 235 
MET SD   S  N N 236 
MET CE   C  N N 237 
MET OXT  O  N N 238 
MET H    H  N N 239 
MET H2   H  N N 240 
MET HA   H  N N 241 
MET HB2  H  N N 242 
MET HB3  H  N N 243 
MET HG2  H  N N 244 
MET HG3  H  N N 245 
MET HE1  H  N N 246 
MET HE2  H  N N 247 
MET HE3  H  N N 248 
MET HXT  H  N N 249 
PHE N    N  N N 250 
PHE CA   C  N S 251 
PHE C    C  N N 252 
PHE O    O  N N 253 
PHE CB   C  N N 254 
PHE CG   C  Y N 255 
PHE CD1  C  Y N 256 
PHE CD2  C  Y N 257 
PHE CE1  C  Y N 258 
PHE CE2  C  Y N 259 
PHE CZ   C  Y N 260 
PHE OXT  O  N N 261 
PHE H    H  N N 262 
PHE H2   H  N N 263 
PHE HA   H  N N 264 
PHE HB2  H  N N 265 
PHE HB3  H  N N 266 
PHE HD1  H  N N 267 
PHE HD2  H  N N 268 
PHE HE1  H  N N 269 
PHE HE2  H  N N 270 
PHE HZ   H  N N 271 
PHE HXT  H  N N 272 
PRO N    N  N N 273 
PRO CA   C  N S 274 
PRO C    C  N N 275 
PRO O    O  N N 276 
PRO CB   C  N N 277 
PRO CG   C  N N 278 
PRO CD   C  N N 279 
PRO OXT  O  N N 280 
PRO H    H  N N 281 
PRO HA   H  N N 282 
PRO HB2  H  N N 283 
PRO HB3  H  N N 284 
PRO HG2  H  N N 285 
PRO HG3  H  N N 286 
PRO HD2  H  N N 287 
PRO HD3  H  N N 288 
PRO HXT  H  N N 289 
SER N    N  N N 290 
SER CA   C  N S 291 
SER C    C  N N 292 
SER O    O  N N 293 
SER CB   C  N N 294 
SER OG   O  N N 295 
SER OXT  O  N N 296 
SER H    H  N N 297 
SER H2   H  N N 298 
SER HA   H  N N 299 
SER HB2  H  N N 300 
SER HB3  H  N N 301 
SER HG   H  N N 302 
SER HXT  H  N N 303 
THR N    N  N N 304 
THR CA   C  N S 305 
THR C    C  N N 306 
THR O    O  N N 307 
THR CB   C  N R 308 
THR OG1  O  N N 309 
THR CG2  C  N N 310 
THR OXT  O  N N 311 
THR H    H  N N 312 
THR H2   H  N N 313 
THR HA   H  N N 314 
THR HB   H  N N 315 
THR HG1  H  N N 316 
THR HG21 H  N N 317 
THR HG22 H  N N 318 
THR HG23 H  N N 319 
THR HXT  H  N N 320 
TYR N    N  N N 321 
TYR CA   C  N S 322 
TYR C    C  N N 323 
TYR O    O  N N 324 
TYR CB   C  N N 325 
TYR CG   C  Y N 326 
TYR CD1  C  Y N 327 
TYR CD2  C  Y N 328 
TYR CE1  C  Y N 329 
TYR CE2  C  Y N 330 
TYR CZ   C  Y N 331 
TYR OH   O  N N 332 
TYR OXT  O  N N 333 
TYR H    H  N N 334 
TYR H2   H  N N 335 
TYR HA   H  N N 336 
TYR HB2  H  N N 337 
TYR HB3  H  N N 338 
TYR HD1  H  N N 339 
TYR HD2  H  N N 340 
TYR HE1  H  N N 341 
TYR HE2  H  N N 342 
TYR HH   H  N N 343 
TYR HXT  H  N N 344 
VAL N    N  N N 345 
VAL CA   C  N S 346 
VAL C    C  N N 347 
VAL O    O  N N 348 
VAL CB   C  N N 349 
VAL CG1  C  N N 350 
VAL CG2  C  N N 351 
VAL OXT  O  N N 352 
VAL H    H  N N 353 
VAL H2   H  N N 354 
VAL HA   H  N N 355 
VAL HB   H  N N 356 
VAL HG11 H  N N 357 
VAL HG12 H  N N 358 
VAL HG13 H  N N 359 
VAL HG21 H  N N 360 
VAL HG22 H  N N 361 
VAL HG23 H  N N 362 
VAL HXT  H  N N 363 
ZN  ZN   ZN N N 364 
# 
loop_
_chem_comp_bond.comp_id 
_chem_comp_bond.atom_id_1 
_chem_comp_bond.atom_id_2 
_chem_comp_bond.value_order 
_chem_comp_bond.pdbx_aromatic_flag 
_chem_comp_bond.pdbx_stereo_config 
_chem_comp_bond.pdbx_ordinal 
ALA N   CA   sing N N 1   
ALA N   H    sing N N 2   
ALA N   H2   sing N N 3   
ALA CA  C    sing N N 4   
ALA CA  CB   sing N N 5   
ALA CA  HA   sing N N 6   
ALA C   O    doub N N 7   
ALA C   OXT  sing N N 8   
ALA CB  HB1  sing N N 9   
ALA CB  HB2  sing N N 10  
ALA CB  HB3  sing N N 11  
ALA OXT HXT  sing N N 12  
ARG N   CA   sing N N 13  
ARG N   H    sing N N 14  
ARG N   H2   sing N N 15  
ARG CA  C    sing N N 16  
ARG CA  CB   sing N N 17  
ARG CA  HA   sing N N 18  
ARG C   O    doub N N 19  
ARG C   OXT  sing N N 20  
ARG CB  CG   sing N N 21  
ARG CB  HB2  sing N N 22  
ARG CB  HB3  sing N N 23  
ARG CG  CD   sing N N 24  
ARG CG  HG2  sing N N 25  
ARG CG  HG3  sing N N 26  
ARG CD  NE   sing N N 27  
ARG CD  HD2  sing N N 28  
ARG CD  HD3  sing N N 29  
ARG NE  CZ   sing N N 30  
ARG NE  HE   sing N N 31  
ARG CZ  NH1  sing N N 32  
ARG CZ  NH2  doub N N 33  
ARG NH1 HH11 sing N N 34  
ARG NH1 HH12 sing N N 35  
ARG NH2 HH21 sing N N 36  
ARG NH2 HH22 sing N N 37  
ARG OXT HXT  sing N N 38  
ASN N   CA   sing N N 39  
ASN N   H    sing N N 40  
ASN N   H2   sing N N 41  
ASN CA  C    sing N N 42  
ASN CA  CB   sing N N 43  
ASN CA  HA   sing N N 44  
ASN C   O    doub N N 45  
ASN C   OXT  sing N N 46  
ASN CB  CG   sing N N 47  
ASN CB  HB2  sing N N 48  
ASN CB  HB3  sing N N 49  
ASN CG  OD1  doub N N 50  
ASN CG  ND2  sing N N 51  
ASN ND2 HD21 sing N N 52  
ASN ND2 HD22 sing N N 53  
ASN OXT HXT  sing N N 54  
ASP N   CA   sing N N 55  
ASP N   H    sing N N 56  
ASP N   H2   sing N N 57  
ASP CA  C    sing N N 58  
ASP CA  CB   sing N N 59  
ASP CA  HA   sing N N 60  
ASP C   O    doub N N 61  
ASP C   OXT  sing N N 62  
ASP CB  CG   sing N N 63  
ASP CB  HB2  sing N N 64  
ASP CB  HB3  sing N N 65  
ASP CG  OD1  doub N N 66  
ASP CG  OD2  sing N N 67  
ASP OD2 HD2  sing N N 68  
ASP OXT HXT  sing N N 69  
CYS N   CA   sing N N 70  
CYS N   H    sing N N 71  
CYS N   H2   sing N N 72  
CYS CA  C    sing N N 73  
CYS CA  CB   sing N N 74  
CYS CA  HA   sing N N 75  
CYS C   O    doub N N 76  
CYS C   OXT  sing N N 77  
CYS CB  SG   sing N N 78  
CYS CB  HB2  sing N N 79  
CYS CB  HB3  sing N N 80  
CYS SG  HG   sing N N 81  
CYS OXT HXT  sing N N 82  
GLN N   CA   sing N N 83  
GLN N   H    sing N N 84  
GLN N   H2   sing N N 85  
GLN CA  C    sing N N 86  
GLN CA  CB   sing N N 87  
GLN CA  HA   sing N N 88  
GLN C   O    doub N N 89  
GLN C   OXT  sing N N 90  
GLN CB  CG   sing N N 91  
GLN CB  HB2  sing N N 92  
GLN CB  HB3  sing N N 93  
GLN CG  CD   sing N N 94  
GLN CG  HG2  sing N N 95  
GLN CG  HG3  sing N N 96  
GLN CD  OE1  doub N N 97  
GLN CD  NE2  sing N N 98  
GLN NE2 HE21 sing N N 99  
GLN NE2 HE22 sing N N 100 
GLN OXT HXT  sing N N 101 
GLU N   CA   sing N N 102 
GLU N   H    sing N N 103 
GLU N   H2   sing N N 104 
GLU CA  C    sing N N 105 
GLU CA  CB   sing N N 106 
GLU CA  HA   sing N N 107 
GLU C   O    doub N N 108 
GLU C   OXT  sing N N 109 
GLU CB  CG   sing N N 110 
GLU CB  HB2  sing N N 111 
GLU CB  HB3  sing N N 112 
GLU CG  CD   sing N N 113 
GLU CG  HG2  sing N N 114 
GLU CG  HG3  sing N N 115 
GLU CD  OE1  doub N N 116 
GLU CD  OE2  sing N N 117 
GLU OE2 HE2  sing N N 118 
GLU OXT HXT  sing N N 119 
GLY N   CA   sing N N 120 
GLY N   H    sing N N 121 
GLY N   H2   sing N N 122 
GLY CA  C    sing N N 123 
GLY CA  HA2  sing N N 124 
GLY CA  HA3  sing N N 125 
GLY C   O    doub N N 126 
GLY C   OXT  sing N N 127 
GLY OXT HXT  sing N N 128 
HIS N   CA   sing N N 129 
HIS N   H    sing N N 130 
HIS N   H2   sing N N 131 
HIS CA  C    sing N N 132 
HIS CA  CB   sing N N 133 
HIS CA  HA   sing N N 134 
HIS C   O    doub N N 135 
HIS C   OXT  sing N N 136 
HIS CB  CG   sing N N 137 
HIS CB  HB2  sing N N 138 
HIS CB  HB3  sing N N 139 
HIS CG  ND1  sing Y N 140 
HIS CG  CD2  doub Y N 141 
HIS ND1 CE1  doub Y N 142 
HIS ND1 HD1  sing N N 143 
HIS CD2 NE2  sing Y N 144 
HIS CD2 HD2  sing N N 145 
HIS CE1 NE2  sing Y N 146 
HIS CE1 HE1  sing N N 147 
HIS NE2 HE2  sing N N 148 
HIS OXT HXT  sing N N 149 
HOH O   H1   sing N N 150 
HOH O   H2   sing N N 151 
ILE N   CA   sing N N 152 
ILE N   H    sing N N 153 
ILE N   H2   sing N N 154 
ILE CA  C    sing N N 155 
ILE CA  CB   sing N N 156 
ILE CA  HA   sing N N 157 
ILE C   O    doub N N 158 
ILE C   OXT  sing N N 159 
ILE CB  CG1  sing N N 160 
ILE CB  CG2  sing N N 161 
ILE CB  HB   sing N N 162 
ILE CG1 CD1  sing N N 163 
ILE CG1 HG12 sing N N 164 
ILE CG1 HG13 sing N N 165 
ILE CG2 HG21 sing N N 166 
ILE CG2 HG22 sing N N 167 
ILE CG2 HG23 sing N N 168 
ILE CD1 HD11 sing N N 169 
ILE CD1 HD12 sing N N 170 
ILE CD1 HD13 sing N N 171 
ILE OXT HXT  sing N N 172 
LEU N   CA   sing N N 173 
LEU N   H    sing N N 174 
LEU N   H2   sing N N 175 
LEU CA  C    sing N N 176 
LEU CA  CB   sing N N 177 
LEU CA  HA   sing N N 178 
LEU C   O    doub N N 179 
LEU C   OXT  sing N N 180 
LEU CB  CG   sing N N 181 
LEU CB  HB2  sing N N 182 
LEU CB  HB3  sing N N 183 
LEU CG  CD1  sing N N 184 
LEU CG  CD2  sing N N 185 
LEU CG  HG   sing N N 186 
LEU CD1 HD11 sing N N 187 
LEU CD1 HD12 sing N N 188 
LEU CD1 HD13 sing N N 189 
LEU CD2 HD21 sing N N 190 
LEU CD2 HD22 sing N N 191 
LEU CD2 HD23 sing N N 192 
LEU OXT HXT  sing N N 193 
LYS N   CA   sing N N 194 
LYS N   H    sing N N 195 
LYS N   H2   sing N N 196 
LYS CA  C    sing N N 197 
LYS CA  CB   sing N N 198 
LYS CA  HA   sing N N 199 
LYS C   O    doub N N 200 
LYS C   OXT  sing N N 201 
LYS CB  CG   sing N N 202 
LYS CB  HB2  sing N N 203 
LYS CB  HB3  sing N N 204 
LYS CG  CD   sing N N 205 
LYS CG  HG2  sing N N 206 
LYS CG  HG3  sing N N 207 
LYS CD  CE   sing N N 208 
LYS CD  HD2  sing N N 209 
LYS CD  HD3  sing N N 210 
LYS CE  NZ   sing N N 211 
LYS CE  HE2  sing N N 212 
LYS CE  HE3  sing N N 213 
LYS NZ  HZ1  sing N N 214 
LYS NZ  HZ2  sing N N 215 
LYS NZ  HZ3  sing N N 216 
LYS OXT HXT  sing N N 217 
MET N   CA   sing N N 218 
MET N   H    sing N N 219 
MET N   H2   sing N N 220 
MET CA  C    sing N N 221 
MET CA  CB   sing N N 222 
MET CA  HA   sing N N 223 
MET C   O    doub N N 224 
MET C   OXT  sing N N 225 
MET CB  CG   sing N N 226 
MET CB  HB2  sing N N 227 
MET CB  HB3  sing N N 228 
MET CG  SD   sing N N 229 
MET CG  HG2  sing N N 230 
MET CG  HG3  sing N N 231 
MET SD  CE   sing N N 232 
MET CE  HE1  sing N N 233 
MET CE  HE2  sing N N 234 
MET CE  HE3  sing N N 235 
MET OXT HXT  sing N N 236 
PHE N   CA   sing N N 237 
PHE N   H    sing N N 238 
PHE N   H2   sing N N 239 
PHE CA  C    sing N N 240 
PHE CA  CB   sing N N 241 
PHE CA  HA   sing N N 242 
PHE C   O    doub N N 243 
PHE C   OXT  sing N N 244 
PHE CB  CG   sing N N 245 
PHE CB  HB2  sing N N 246 
PHE CB  HB3  sing N N 247 
PHE CG  CD1  doub Y N 248 
PHE CG  CD2  sing Y N 249 
PHE CD1 CE1  sing Y N 250 
PHE CD1 HD1  sing N N 251 
PHE CD2 CE2  doub Y N 252 
PHE CD2 HD2  sing N N 253 
PHE CE1 CZ   doub Y N 254 
PHE CE1 HE1  sing N N 255 
PHE CE2 CZ   sing Y N 256 
PHE CE2 HE2  sing N N 257 
PHE CZ  HZ   sing N N 258 
PHE OXT HXT  sing N N 259 
PRO N   CA   sing N N 260 
PRO N   CD   sing N N 261 
PRO N   H    sing N N 262 
PRO CA  C    sing N N 263 
PRO CA  CB   sing N N 264 
PRO CA  HA   sing N N 265 
PRO C   O    doub N N 266 
PRO C   OXT  sing N N 267 
PRO CB  CG   sing N N 268 
PRO CB  HB2  sing N N 269 
PRO CB  HB3  sing N N 270 
PRO CG  CD   sing N N 271 
PRO CG  HG2  sing N N 272 
PRO CG  HG3  sing N N 273 
PRO CD  HD2  sing N N 274 
PRO CD  HD3  sing N N 275 
PRO OXT HXT  sing N N 276 
SER N   CA   sing N N 277 
SER N   H    sing N N 278 
SER N   H2   sing N N 279 
SER CA  C    sing N N 280 
SER CA  CB   sing N N 281 
SER CA  HA   sing N N 282 
SER C   O    doub N N 283 
SER C   OXT  sing N N 284 
SER CB  OG   sing N N 285 
SER CB  HB2  sing N N 286 
SER CB  HB3  sing N N 287 
SER OG  HG   sing N N 288 
SER OXT HXT  sing N N 289 
THR N   CA   sing N N 290 
THR N   H    sing N N 291 
THR N   H2   sing N N 292 
THR CA  C    sing N N 293 
THR CA  CB   sing N N 294 
THR CA  HA   sing N N 295 
THR C   O    doub N N 296 
THR C   OXT  sing N N 297 
THR CB  OG1  sing N N 298 
THR CB  CG2  sing N N 299 
THR CB  HB   sing N N 300 
THR OG1 HG1  sing N N 301 
THR CG2 HG21 sing N N 302 
THR CG2 HG22 sing N N 303 
THR CG2 HG23 sing N N 304 
THR OXT HXT  sing N N 305 
TYR N   CA   sing N N 306 
TYR N   H    sing N N 307 
TYR N   H2   sing N N 308 
TYR CA  C    sing N N 309 
TYR CA  CB   sing N N 310 
TYR CA  HA   sing N N 311 
TYR C   O    doub N N 312 
TYR C   OXT  sing N N 313 
TYR CB  CG   sing N N 314 
TYR CB  HB2  sing N N 315 
TYR CB  HB3  sing N N 316 
TYR CG  CD1  doub Y N 317 
TYR CG  CD2  sing Y N 318 
TYR CD1 CE1  sing Y N 319 
TYR CD1 HD1  sing N N 320 
TYR CD2 CE2  doub Y N 321 
TYR CD2 HD2  sing N N 322 
TYR CE1 CZ   doub Y N 323 
TYR CE1 HE1  sing N N 324 
TYR CE2 CZ   sing Y N 325 
TYR CE2 HE2  sing N N 326 
TYR CZ  OH   sing N N 327 
TYR OH  HH   sing N N 328 
TYR OXT HXT  sing N N 329 
VAL N   CA   sing N N 330 
VAL N   H    sing N N 331 
VAL N   H2   sing N N 332 
VAL CA  C    sing N N 333 
VAL CA  CB   sing N N 334 
VAL CA  HA   sing N N 335 
VAL C   O    doub N N 336 
VAL C   OXT  sing N N 337 
VAL CB  CG1  sing N N 338 
VAL CB  CG2  sing N N 339 
VAL CB  HB   sing N N 340 
VAL CG1 HG11 sing N N 341 
VAL CG1 HG12 sing N N 342 
VAL CG1 HG13 sing N N 343 
VAL CG2 HG21 sing N N 344 
VAL CG2 HG22 sing N N 345 
VAL CG2 HG23 sing N N 346 
VAL OXT HXT  sing N N 347 
# 
_atom_sites.entry_id                    1Y02 
_atom_sites.fract_transf_matrix[1][1]   -0.00606692 
_atom_sites.fract_transf_matrix[1][2]   -0.01073311 
_atom_sites.fract_transf_matrix[1][3]   -0.01888655 
_atom_sites.fract_transf_matrix[2][1]   0.01469891 
_atom_sites.fract_transf_matrix[2][2]   -0.00213943 
_atom_sites.fract_transf_matrix[2][3]   -0.01697330 
_atom_sites.fract_transf_matrix[3][1]   0.00834433 
_atom_sites.fract_transf_matrix[3][2]   -0.02240070 
_atom_sites.fract_transf_matrix[3][3]   0.01004974 
_atom_sites.fract_transf_vector[1]      0.874376 
_atom_sites.fract_transf_vector[2]      0.255936 
_atom_sites.fract_transf_vector[3]      0.539420 
# 
loop_
_atom_type.symbol 
C  
N  
O  
S  
ZN 
# 
loop_
_atom_site.group_PDB 
_atom_site.id 
_atom_site.type_symbol 
_atom_site.label_atom_id 
_atom_site.label_alt_id 
_atom_site.label_comp_id 
_atom_site.label_asym_id 
_atom_site.label_entity_id 
_atom_site.label_seq_id 
_atom_site.pdbx_PDB_ins_code 
_atom_site.Cartn_x 
_atom_site.Cartn_y 
_atom_site.Cartn_z 
_atom_site.occupancy 
_atom_site.B_iso_or_equiv 
_atom_site.pdbx_formal_charge 
_atom_site.auth_seq_id 
_atom_site.auth_comp_id 
_atom_site.auth_asym_id 
_atom_site.auth_atom_id 
_atom_site.pdbx_PDB_model_num 
ATOM   1   N  N   . PRO A 1 20  ? 14.502  12.847  1.380   1.00 50.75 ? 20  PRO A N   1 
ATOM   2   C  CA  . PRO A 1 20  ? 13.869  11.654  0.773   1.00 49.26 ? 20  PRO A CA  1 
ATOM   3   C  C   . PRO A 1 20  ? 14.269  10.380  1.508   1.00 43.97 ? 20  PRO A C   1 
ATOM   4   O  O   . PRO A 1 20  ? 15.452  10.124  1.723   1.00 44.50 ? 20  PRO A O   1 
ATOM   5   C  CB  . PRO A 1 20  ? 14.321  11.606  -0.678  1.00 52.21 ? 20  PRO A CB  1 
ATOM   6   C  CG  . PRO A 1 20  ? 15.654  12.342  -0.599  1.00 54.11 ? 20  PRO A CG  1 
ATOM   7   C  CD  . PRO A 1 20  ? 15.409  13.477  0.405   1.00 53.69 ? 20  PRO A CD  1 
ATOM   8   N  N   . SER A 1 21  ? 13.277  9.585   1.890   1.00 41.34 ? 21  SER A N   1 
ATOM   9   C  CA  . SER A 1 21  ? 13.524  8.337   2.603   1.00 37.05 ? 21  SER A CA  1 
ATOM   10  C  C   . SER A 1 21  ? 12.484  7.293   2.218   1.00 33.63 ? 21  SER A C   1 
ATOM   11  O  O   . SER A 1 21  ? 11.473  7.614   1.595   1.00 30.93 ? 21  SER A O   1 
ATOM   12  C  CB  . SER A 1 21  ? 13.478  8.577   4.113   1.00 38.84 ? 21  SER A CB  1 
ATOM   13  O  OG  . SER A 1 21  ? 12.211  9.075   4.510   1.00 43.48 ? 21  SER A OG  1 
ATOM   14  N  N   . CYS A 1 22  ? 12.732  6.040   2.586   1.00 29.15 ? 22  CYS A N   1 
ATOM   15  C  CA  . CYS A 1 22  ? 11.799  4.970   2.270   1.00 27.41 ? 22  CYS A CA  1 
ATOM   16  C  C   . CYS A 1 22  ? 10.547  5.068   3.128   1.00 28.62 ? 22  CYS A C   1 
ATOM   17  O  O   . CYS A 1 22  ? 10.622  5.159   4.354   1.00 24.93 ? 22  CYS A O   1 
ATOM   18  C  CB  . CYS A 1 22  ? 12.444  3.603   2.487   1.00 25.29 ? 22  CYS A CB  1 
ATOM   19  S  SG  . CYS A 1 22  ? 11.343  2.233   2.134   1.00 24.21 ? 22  CYS A SG  1 
ATOM   20  N  N   . LYS A 1 23  ? 9.395   5.033   2.468   1.00 26.23 ? 23  LYS A N   1 
ATOM   21  C  CA  . LYS A 1 23  ? 8.113   5.120   3.147   1.00 26.84 ? 23  LYS A CA  1 
ATOM   22  C  C   . LYS A 1 23  ? 7.845   3.913   4.047   1.00 26.31 ? 23  LYS A C   1 
ATOM   23  O  O   . LYS A 1 23  ? 7.109   4.012   5.029   1.00 29.34 ? 23  LYS A O   1 
ATOM   24  C  CB  . LYS A 1 23  ? 6.997   5.264   2.101   1.00 25.90 ? 23  LYS A CB  1 
ATOM   25  C  CG  . LYS A 1 23  ? 5.588   5.390   2.664   1.00 26.83 ? 23  LYS A CG  1 
ATOM   26  C  CD  . LYS A 1 23  ? 5.397   6.641   3.514   1.00 25.71 ? 23  LYS A CD  1 
ATOM   27  C  CE  . LYS A 1 23  ? 5.496   7.909   2.685   1.00 24.62 ? 23  LYS A CE  1 
ATOM   28  N  NZ  . LYS A 1 23  ? 5.349   9.123   3.538   1.00 26.41 ? 23  LYS A NZ  1 
ATOM   29  N  N   . SER A 1 24  ? 8.453   2.775   3.724   1.00 27.06 ? 24  SER A N   1 
ATOM   30  C  CA  . SER A 1 24  ? 8.245   1.565   4.510   1.00 28.52 ? 24  SER A CA  1 
ATOM   31  C  C   . SER A 1 24  ? 9.170   1.432   5.721   1.00 31.16 ? 24  SER A C   1 
ATOM   32  O  O   . SER A 1 24  ? 8.706   1.413   6.865   1.00 32.76 ? 24  SER A O   1 
ATOM   33  C  CB  . SER A 1 24  ? 8.395   0.328   3.619   1.00 29.14 ? 24  SER A CB  1 
ATOM   34  O  OG  . SER A 1 24  ? 8.127   -0.860  4.349   1.00 33.13 ? 24  SER A OG  1 
ATOM   35  N  N   . CYS A 1 25  ? 10.474  1.354   5.475   1.00 29.22 ? 25  CYS A N   1 
ATOM   36  C  CA  . CYS A 1 25  ? 11.439  1.180   6.558   1.00 30.20 ? 25  CYS A CA  1 
ATOM   37  C  C   . CYS A 1 25  ? 12.050  2.467   7.109   1.00 31.39 ? 25  CYS A C   1 
ATOM   38  O  O   . CYS A 1 25  ? 12.727  2.442   8.140   1.00 30.43 ? 25  CYS A O   1 
ATOM   39  C  CB  . CYS A 1 25  ? 12.558  0.235   6.105   1.00 30.95 ? 25  CYS A CB  1 
ATOM   40  S  SG  . CYS A 1 25  ? 13.691  0.941   4.905   1.00 29.90 ? 25  CYS A SG  1 
ATOM   41  N  N   . GLY A 1 26  ? 11.822  3.582   6.422   1.00 30.56 ? 26  GLY A N   1 
ATOM   42  C  CA  . GLY A 1 26  ? 12.350  4.857   6.877   1.00 29.74 ? 26  GLY A CA  1 
ATOM   43  C  C   . GLY A 1 26  ? 13.812  5.132   6.574   1.00 29.91 ? 26  GLY A C   1 
ATOM   44  O  O   . GLY A 1 26  ? 14.310  6.219   6.856   1.00 29.71 ? 26  GLY A O   1 
ATOM   45  N  N   . ALA A 1 27  ? 14.509  4.162   5.993   1.00 30.28 ? 27  ALA A N   1 
ATOM   46  C  CA  . ALA A 1 27  ? 15.919  4.347   5.677   1.00 32.88 ? 27  ALA A CA  1 
ATOM   47  C  C   . ALA A 1 27  ? 16.132  5.327   4.527   1.00 33.59 ? 27  ALA A C   1 
ATOM   48  O  O   . ALA A 1 27  ? 15.204  5.644   3.779   1.00 30.67 ? 27  ALA A O   1 
ATOM   49  C  CB  . ALA A 1 27  ? 16.557  2.999   5.336   1.00 34.87 ? 27  ALA A CB  1 
ATOM   50  N  N   . HIS A 1 28  ? 17.363  5.810   4.404   1.00 34.72 ? 28  HIS A N   1 
ATOM   51  C  CA  . HIS A 1 28  ? 17.725  6.730   3.341   1.00 37.89 ? 28  HIS A CA  1 
ATOM   52  C  C   . HIS A 1 28  ? 18.328  5.940   2.187   1.00 36.01 ? 28  HIS A C   1 
ATOM   53  O  O   . HIS A 1 28  ? 18.487  4.724   2.275   1.00 33.12 ? 28  HIS A O   1 
ATOM   54  C  CB  . HIS A 1 28  ? 18.727  7.768   3.851   1.00 45.57 ? 28  HIS A CB  1 
ATOM   55  C  CG  . HIS A 1 28  ? 18.107  8.829   4.707   1.00 53.35 ? 28  HIS A CG  1 
ATOM   56  N  ND1 . HIS A 1 28  ? 17.401  8.542   5.853   1.00 57.08 ? 28  HIS A ND1 1 
ATOM   57  C  CD2 . HIS A 1 28  ? 18.079  10.176  4.572   1.00 56.42 ? 28  HIS A CD2 1 
ATOM   58  C  CE1 . HIS A 1 28  ? 16.961  9.667   6.390   1.00 57.28 ? 28  HIS A CE1 1 
ATOM   59  N  NE2 . HIS A 1 28  ? 17.358  10.673  5.633   1.00 58.00 ? 28  HIS A NE2 1 
ATOM   60  N  N   . PHE A 1 29  ? 18.663  6.640   1.109   1.00 34.86 ? 29  PHE A N   1 
ATOM   61  C  CA  . PHE A 1 29  ? 19.230  6.010   -0.076  1.00 34.74 ? 29  PHE A CA  1 
ATOM   62  C  C   . PHE A 1 29  ? 20.677  6.450   -0.279  1.00 34.62 ? 29  PHE A C   1 
ATOM   63  O  O   . PHE A 1 29  ? 20.995  7.627   -0.121  1.00 34.37 ? 29  PHE A O   1 
ATOM   64  C  CB  . PHE A 1 29  ? 18.401  6.397   -1.304  1.00 33.81 ? 29  PHE A CB  1 
ATOM   65  C  CG  . PHE A 1 29  ? 16.928  6.125   -1.152  1.00 33.26 ? 29  PHE A CG  1 
ATOM   66  C  CD1 . PHE A 1 29  ? 16.429  4.835   -1.278  1.00 34.02 ? 29  PHE A CD1 1 
ATOM   67  C  CD2 . PHE A 1 29  ? 16.045  7.158   -0.857  1.00 33.12 ? 29  PHE A CD2 1 
ATOM   68  C  CE1 . PHE A 1 29  ? 15.066  4.576   -1.111  1.00 32.76 ? 29  PHE A CE1 1 
ATOM   69  C  CE2 . PHE A 1 29  ? 14.683  6.910   -0.687  1.00 35.21 ? 29  PHE A CE2 1 
ATOM   70  C  CZ  . PHE A 1 29  ? 14.195  5.616   -0.815  1.00 32.89 ? 29  PHE A CZ  1 
ATOM   71  N  N   . ALA A 1 30  ? 21.548  5.506   -0.627  1.00 35.22 ? 30  ALA A N   1 
ATOM   72  C  CA  . ALA A 1 30  ? 22.954  5.826   -0.866  1.00 36.93 ? 30  ALA A CA  1 
ATOM   73  C  C   . ALA A 1 30  ? 23.015  6.773   -2.061  1.00 39.01 ? 30  ALA A C   1 
ATOM   74  O  O   . ALA A 1 30  ? 23.931  7.589   -2.185  1.00 40.63 ? 30  ALA A O   1 
ATOM   75  C  CB  . ALA A 1 30  ? 23.746  4.556   -1.160  1.00 36.40 ? 30  ALA A CB  1 
ATOM   76  N  N   . ASN A 1 31  ? 22.023  6.646   -2.934  1.00 37.59 ? 31  ASN A N   1 
ATOM   77  C  CA  . ASN A 1 31  ? 21.909  7.476   -4.129  1.00 38.64 ? 31  ASN A CA  1 
ATOM   78  C  C   . ASN A 1 31  ? 20.415  7.737   -4.323  1.00 37.50 ? 31  ASN A C   1 
ATOM   79  O  O   . ASN A 1 31  ? 19.676  6.847   -4.744  1.00 36.02 ? 31  ASN A O   1 
ATOM   80  C  CB  . ASN A 1 31  ? 22.478  6.731   -5.339  1.00 41.06 ? 31  ASN A CB  1 
ATOM   81  C  CG  . ASN A 1 31  ? 22.611  7.617   -6.562  1.00 42.87 ? 31  ASN A CG  1 
ATOM   82  O  OD1 . ASN A 1 31  ? 21.688  8.350   -6.912  1.00 44.40 ? 31  ASN A OD1 1 
ATOM   83  N  ND2 . ASN A 1 31  ? 23.758  7.540   -7.227  1.00 42.77 ? 31  ASN A ND2 1 
ATOM   84  N  N   . THR A 1 32  ? 19.974  8.951   -4.007  1.00 37.69 ? 32  THR A N   1 
ATOM   85  C  CA  . THR A 1 32  ? 18.559  9.301   -4.122  1.00 42.13 ? 32  THR A CA  1 
ATOM   86  C  C   . THR A 1 32  ? 17.954  9.041   -5.497  1.00 39.30 ? 32  THR A C   1 
ATOM   87  O  O   . THR A 1 32  ? 16.740  8.887   -5.624  1.00 38.62 ? 32  THR A O   1 
ATOM   88  C  CB  . THR A 1 32  ? 18.315  10.782  -3.744  1.00 46.73 ? 32  THR A CB  1 
ATOM   89  O  OG1 . THR A 1 32  ? 19.125  11.631  -4.567  1.00 50.41 ? 32  THR A OG1 1 
ATOM   90  C  CG2 . THR A 1 32  ? 18.656  11.020  -2.280  1.00 50.94 ? 32  THR A CG2 1 
ATOM   91  N  N   . ALA A 1 33  ? 18.799  8.990   -6.521  1.00 38.54 ? 33  ALA A N   1 
ATOM   92  C  CA  . ALA A 1 33  ? 18.329  8.744   -7.881  1.00 38.43 ? 33  ALA A CA  1 
ATOM   93  C  C   . ALA A 1 33  ? 17.889  7.294   -8.035  1.00 37.67 ? 33  ALA A C   1 
ATOM   94  O  O   . ALA A 1 33  ? 17.206  6.939   -8.998  1.00 36.61 ? 33  ALA A O   1 
ATOM   95  C  CB  . ALA A 1 33  ? 19.437  9.061   -8.883  1.00 41.49 ? 33  ALA A CB  1 
ATOM   96  N  N   . ARG A 1 34  ? 18.277  6.463   -7.074  1.00 33.59 ? 34  ARG A N   1 
ATOM   97  C  CA  . ARG A 1 34  ? 17.941  5.046   -7.102  1.00 33.25 ? 34  ARG A CA  1 
ATOM   98  C  C   . ARG A 1 34  ? 16.702  4.689   -6.296  1.00 31.42 ? 34  ARG A C   1 
ATOM   99  O  O   . ARG A 1 34  ? 16.325  3.519   -6.222  1.00 30.38 ? 34  ARG A O   1 
ATOM   100 C  CB  . ARG A 1 34  ? 19.127  4.226   -6.600  1.00 36.63 ? 34  ARG A CB  1 
ATOM   101 C  CG  . ARG A 1 34  ? 20.330  4.305   -7.509  1.00 40.84 ? 34  ARG A CG  1 
ATOM   102 C  CD  . ARG A 1 34  ? 21.571  3.786   -6.820  1.00 46.85 ? 34  ARG A CD  1 
ATOM   103 N  NE  . ARG A 1 34  ? 22.734  3.869   -7.694  1.00 52.28 ? 34  ARG A NE  1 
ATOM   104 C  CZ  . ARG A 1 34  ? 23.988  3.722   -7.284  1.00 52.88 ? 34  ARG A CZ  1 
ATOM   105 N  NH1 . ARG A 1 34  ? 24.245  3.485   -6.005  1.00 55.16 ? 34  ARG A NH1 1 
ATOM   106 N  NH2 . ARG A 1 34  ? 24.981  3.805   -8.156  1.00 56.05 ? 34  ARG A NH2 1 
ATOM   107 N  N   . LYS A 1 35  ? 16.070  5.680   -5.681  1.00 31.24 ? 35  LYS A N   1 
ATOM   108 C  CA  . LYS A 1 35  ? 14.867  5.397   -4.913  1.00 31.11 ? 35  LYS A CA  1 
ATOM   109 C  C   . LYS A 1 35  ? 13.817  4.865   -5.886  1.00 30.99 ? 35  LYS A C   1 
ATOM   110 O  O   . LYS A 1 35  ? 13.779  5.271   -7.054  1.00 31.71 ? 35  LYS A O   1 
ATOM   111 C  CB  . LYS A 1 35  ? 14.365  6.659   -4.204  1.00 34.97 ? 35  LYS A CB  1 
ATOM   112 C  CG  . LYS A 1 35  ? 13.946  7.782   -5.127  1.00 36.05 ? 35  LYS A CG  1 
ATOM   113 C  CD  . LYS A 1 35  ? 13.535  9.011   -4.330  1.00 39.81 ? 35  LYS A CD  1 
ATOM   114 C  CE  . LYS A 1 35  ? 12.983  10.091  -5.241  1.00 41.78 ? 35  LYS A CE  1 
ATOM   115 N  NZ  . LYS A 1 35  ? 13.954  10.442  -6.313  1.00 44.71 ? 35  LYS A NZ  1 
ATOM   116 N  N   . GLN A 1 36  ? 12.984  3.943   -5.414  1.00 28.36 ? 36  GLN A N   1 
ATOM   117 C  CA  . GLN A 1 36  ? 11.947  3.341   -6.244  1.00 29.05 ? 36  GLN A CA  1 
ATOM   118 C  C   . GLN A 1 36  ? 10.589  3.946   -5.928  1.00 30.06 ? 36  GLN A C   1 
ATOM   119 O  O   . GLN A 1 36  ? 10.160  3.940   -4.779  1.00 32.10 ? 36  GLN A O   1 
ATOM   120 C  CB  . GLN A 1 36  ? 11.881  1.831   -6.002  1.00 30.48 ? 36  GLN A CB  1 
ATOM   121 C  CG  . GLN A 1 36  ? 13.198  1.105   -6.216  1.00 30.98 ? 36  GLN A CG  1 
ATOM   122 C  CD  . GLN A 1 36  ? 13.729  1.287   -7.619  1.00 32.83 ? 36  GLN A CD  1 
ATOM   123 O  OE1 . GLN A 1 36  ? 14.807  1.849   -7.821  1.00 36.69 ? 36  GLN A OE1 1 
ATOM   124 N  NE2 . GLN A 1 36  ? 12.972  0.820   -8.601  1.00 29.04 ? 36  GLN A NE2 1 
ATOM   125 N  N   . THR A 1 37  ? 9.915   4.462   -6.950  1.00 28.75 ? 37  THR A N   1 
ATOM   126 C  CA  . THR A 1 37  ? 8.596   5.057   -6.759  1.00 27.29 ? 37  THR A CA  1 
ATOM   127 C  C   . THR A 1 37  ? 7.533   4.024   -7.111  1.00 28.36 ? 37  THR A C   1 
ATOM   128 O  O   . THR A 1 37  ? 7.555   3.453   -8.200  1.00 29.09 ? 37  THR A O   1 
ATOM   129 C  CB  . THR A 1 37  ? 8.399   6.294   -7.662  1.00 30.35 ? 37  THR A CB  1 
ATOM   130 O  OG1 . THR A 1 37  ? 9.430   7.255   -7.396  1.00 28.63 ? 37  THR A OG1 1 
ATOM   131 C  CG2 . THR A 1 37  ? 7.043   6.932   -7.401  1.00 29.96 ? 37  THR A CG2 1 
ATOM   132 N  N   . CYS A 1 38  ? 6.610   3.781   -6.187  1.00 21.89 ? 38  CYS A N   1 
ATOM   133 C  CA  . CYS A 1 38  ? 5.545   2.811   -6.415  1.00 25.44 ? 38  CYS A CA  1 
ATOM   134 C  C   . CYS A 1 38  ? 4.529   3.392   -7.391  1.00 25.70 ? 38  CYS A C   1 
ATOM   135 O  O   . CYS A 1 38  ? 4.017   4.488   -7.181  1.00 24.27 ? 38  CYS A O   1 
ATOM   136 C  CB  . CYS A 1 38  ? 4.855   2.462   -5.094  1.00 23.57 ? 38  CYS A CB  1 
ATOM   137 S  SG  . CYS A 1 38  ? 3.494   1.278   -5.266  1.00 24.36 ? 38  CYS A SG  1 
ATOM   138 N  N   . LEU A 1 39  ? 4.236   2.653   -8.457  1.00 27.05 ? 39  LEU A N   1 
ATOM   139 C  CA  . LEU A 1 39  ? 3.284   3.117   -9.463  1.00 29.86 ? 39  LEU A CA  1 
ATOM   140 C  C   . LEU A 1 39  ? 1.869   3.289   -8.911  1.00 30.76 ? 39  LEU A C   1 
ATOM   141 O  O   . LEU A 1 39  ? 1.074   4.067   -9.448  1.00 28.67 ? 39  LEU A O   1 
ATOM   142 C  CB  . LEU A 1 39  ? 3.258   2.140   -10.642 1.00 35.69 ? 39  LEU A CB  1 
ATOM   143 C  CG  . LEU A 1 39  ? 2.464   2.579   -11.876 1.00 41.14 ? 39  LEU A CG  1 
ATOM   144 C  CD1 . LEU A 1 39  ? 3.100   3.830   -12.469 1.00 43.95 ? 39  LEU A CD1 1 
ATOM   145 C  CD2 . LEU A 1 39  ? 2.444   1.456   -12.898 1.00 44.12 ? 39  LEU A CD2 1 
ATOM   146 N  N   . ASP A 1 40  ? 1.559   2.570   -7.837  1.00 28.53 ? 40  ASP A N   1 
ATOM   147 C  CA  . ASP A 1 40  ? 0.235   2.637   -7.229  1.00 29.11 ? 40  ASP A CA  1 
ATOM   148 C  C   . ASP A 1 40  ? 0.042   3.725   -6.179  1.00 27.43 ? 40  ASP A C   1 
ATOM   149 O  O   . ASP A 1 40  ? -0.837  4.569   -6.327  1.00 25.11 ? 40  ASP A O   1 
ATOM   150 C  CB  . ASP A 1 40  ? -0.144  1.283   -6.626  1.00 29.70 ? 40  ASP A CB  1 
ATOM   151 C  CG  . ASP A 1 40  ? -0.691  0.322   -7.659  1.00 36.48 ? 40  ASP A CG  1 
ATOM   152 O  OD1 . ASP A 1 40  ? -1.206  -0.744  -7.264  1.00 34.83 ? 40  ASP A OD1 1 
ATOM   153 O  OD2 . ASP A 1 40  ? -0.607  0.634   -8.867  1.00 36.78 ? 40  ASP A OD2 1 
ATOM   154 N  N   . CYS A 1 41  ? 0.838   3.710   -5.112  1.00 25.79 ? 41  CYS A N   1 
ATOM   155 C  CA  . CYS A 1 41  ? 0.691   4.736   -4.079  1.00 21.27 ? 41  CYS A CA  1 
ATOM   156 C  C   . CYS A 1 41  ? 1.560   5.960   -4.356  1.00 25.51 ? 41  CYS A C   1 
ATOM   157 O  O   . CYS A 1 41  ? 1.372   7.017   -3.748  1.00 22.90 ? 41  CYS A O   1 
ATOM   158 C  CB  . CYS A 1 41  ? 1.011   4.167   -2.687  1.00 21.56 ? 41  CYS A CB  1 
ATOM   159 S  SG  . CYS A 1 41  ? 2.715   3.638   -2.429  1.00 22.35 ? 41  CYS A SG  1 
ATOM   160 N  N   . LYS A 1 42  ? 2.512   5.804   -5.271  1.00 23.65 ? 42  LYS A N   1 
ATOM   161 C  CA  . LYS A 1 42  ? 3.414   6.876   -5.678  1.00 26.32 ? 42  LYS A CA  1 
ATOM   162 C  C   . LYS A 1 42  ? 4.399   7.346   -4.616  1.00 23.92 ? 42  LYS A C   1 
ATOM   163 O  O   . LYS A 1 42  ? 5.007   8.407   -4.756  1.00 25.54 ? 42  LYS A O   1 
ATOM   164 C  CB  . LYS A 1 42  ? 2.610   8.070   -6.209  1.00 33.18 ? 42  LYS A CB  1 
ATOM   165 C  CG  . LYS A 1 42  ? 1.664   7.687   -7.343  1.00 39.93 ? 42  LYS A CG  1 
ATOM   166 C  CD  . LYS A 1 42  ? 1.122   8.897   -8.078  1.00 46.69 ? 42  LYS A CD  1 
ATOM   167 C  CE  . LYS A 1 42  ? 0.150   8.465   -9.167  1.00 48.99 ? 42  LYS A CE  1 
ATOM   168 N  NZ  . LYS A 1 42  ? 0.738   7.422   -10.062 1.00 50.84 ? 42  LYS A NZ  1 
ATOM   169 N  N   . LYS A 1 43  ? 4.563   6.563   -3.555  1.00 21.72 ? 43  LYS A N   1 
ATOM   170 C  CA  . LYS A 1 43  ? 5.514   6.928   -2.511  1.00 20.22 ? 43  LYS A CA  1 
ATOM   171 C  C   . LYS A 1 43  ? 6.872   6.317   -2.875  1.00 22.74 ? 43  LYS A C   1 
ATOM   172 O  O   . LYS A 1 43  ? 6.949   5.476   -3.772  1.00 19.05 ? 43  LYS A O   1 
ATOM   173 C  CB  . LYS A 1 43  ? 5.036   6.421   -1.144  1.00 19.67 ? 43  LYS A CB  1 
ATOM   174 C  CG  . LYS A 1 43  ? 3.624   6.878   -0.764  1.00 20.79 ? 43  LYS A CG  1 
ATOM   175 C  CD  . LYS A 1 43  ? 3.425   8.381   -0.948  1.00 21.66 ? 43  LYS A CD  1 
ATOM   176 C  CE  . LYS A 1 43  ? 1.991   8.789   -0.618  1.00 24.27 ? 43  LYS A CE  1 
ATOM   177 N  NZ  . LYS A 1 43  ? 1.732   10.243  -0.877  1.00 28.14 ? 43  LYS A NZ  1 
ATOM   178 N  N   . ASN A 1 44  ? 7.940   6.746   -2.201  1.00 21.28 ? 44  ASN A N   1 
ATOM   179 C  CA  . ASN A 1 44  ? 9.287   6.236   -2.492  1.00 23.82 ? 44  ASN A CA  1 
ATOM   180 C  C   . ASN A 1 44  ? 9.699   5.096   -1.562  1.00 23.84 ? 44  ASN A C   1 
ATOM   181 O  O   . ASN A 1 44  ? 9.421   5.142   -0.369  1.00 21.63 ? 44  ASN A O   1 
ATOM   182 C  CB  . ASN A 1 44  ? 10.313  7.371   -2.403  1.00 24.67 ? 44  ASN A CB  1 
ATOM   183 C  CG  . ASN A 1 44  ? 9.981   8.529   -3.326  1.00 27.79 ? 44  ASN A CG  1 
ATOM   184 O  OD1 . ASN A 1 44  ? 9.645   8.329   -4.492  1.00 30.67 ? 44  ASN A OD1 1 
ATOM   185 N  ND2 . ASN A 1 44  ? 10.084  9.748   -2.810  1.00 31.09 ? 44  ASN A ND2 1 
ATOM   186 N  N   . PHE A 1 45  ? 10.380  4.089   -2.116  1.00 20.58 ? 45  PHE A N   1 
ATOM   187 C  CA  . PHE A 1 45  ? 10.797  2.914   -1.347  1.00 24.27 ? 45  PHE A CA  1 
ATOM   188 C  C   . PHE A 1 45  ? 12.163  2.367   -1.728  1.00 23.49 ? 45  PHE A C   1 
ATOM   189 O  O   . PHE A 1 45  ? 12.686  2.663   -2.799  1.00 24.81 ? 45  PHE A O   1 
ATOM   190 C  CB  . PHE A 1 45  ? 9.816   1.761   -1.549  1.00 21.97 ? 45  PHE A CB  1 
ATOM   191 C  CG  . PHE A 1 45  ? 8.401   2.096   -1.213  1.00 20.02 ? 45  PHE A CG  1 
ATOM   192 C  CD1 . PHE A 1 45  ? 7.591   2.758   -2.132  1.00 21.18 ? 45  PHE A CD1 1 
ATOM   193 C  CD2 . PHE A 1 45  ? 7.870   1.743   0.018   1.00 19.87 ? 45  PHE A CD2 1 
ATOM   194 C  CE1 . PHE A 1 45  ? 6.271   3.056   -1.826  1.00 19.41 ? 45  PHE A CE1 1 
ATOM   195 C  CE2 . PHE A 1 45  ? 6.553   2.039   0.333   1.00 19.77 ? 45  PHE A CE2 1 
ATOM   196 C  CZ  . PHE A 1 45  ? 5.752   2.698   -0.591  1.00 22.67 ? 45  PHE A CZ  1 
ATOM   197 N  N   . CYS A 1 46  ? 12.707  1.530   -0.844  1.00 26.49 ? 46  CYS A N   1 
ATOM   198 C  CA  . CYS A 1 46  ? 13.988  0.865   -1.083  1.00 26.13 ? 46  CYS A CA  1 
ATOM   199 C  C   . CYS A 1 46  ? 13.741  -0.165  -2.160  1.00 26.50 ? 46  CYS A C   1 
ATOM   200 O  O   . CYS A 1 46  ? 12.603  -0.553  -2.407  1.00 25.98 ? 46  CYS A O   1 
ATOM   201 C  CB  . CYS A 1 46  ? 14.457  0.085   0.147   1.00 24.56 ? 46  CYS A CB  1 
ATOM   202 S  SG  . CYS A 1 46  ? 14.825  1.022   1.587   1.00 29.12 ? 46  CYS A SG  1 
ATOM   203 N  N   . MET A 1 47  ? 14.813  -0.624  -2.792  1.00 24.21 ? 47  MET A N   1 
ATOM   204 C  CA  . MET A 1 47  ? 14.693  -1.662  -3.793  1.00 24.87 ? 47  MET A CA  1 
ATOM   205 C  C   . MET A 1 47  ? 14.241  -2.904  -3.020  1.00 22.54 ? 47  MET A C   1 
ATOM   206 O  O   . MET A 1 47  ? 13.486  -3.726  -3.528  1.00 25.76 ? 47  MET A O   1 
ATOM   207 C  CB  . MET A 1 47  ? 16.051  -1.921  -4.442  1.00 25.60 ? 47  MET A CB  1 
ATOM   208 C  CG  . MET A 1 47  ? 16.038  -2.973  -5.527  1.00 29.20 ? 47  MET A CG  1 
ATOM   209 S  SD  . MET A 1 47  ? 15.111  -2.446  -6.983  1.00 33.90 ? 47  MET A SD  1 
ATOM   210 C  CE  . MET A 1 47  ? 16.278  -1.318  -7.732  1.00 31.99 ? 47  MET A CE  1 
ATOM   211 N  N   . THR A 1 48  ? 14.705  -3.018  -1.777  1.00 25.03 ? 48  THR A N   1 
ATOM   212 C  CA  . THR A 1 48  ? 14.355  -4.156  -0.926  1.00 25.30 ? 48  THR A CA  1 
ATOM   213 C  C   . THR A 1 48  ? 12.980  -4.015  -0.282  1.00 26.85 ? 48  THR A C   1 
ATOM   214 O  O   . THR A 1 48  ? 12.533  -4.895  0.454   1.00 23.66 ? 48  THR A O   1 
ATOM   215 C  CB  . THR A 1 48  ? 15.411  -4.380  0.181   1.00 26.73 ? 48  THR A CB  1 
ATOM   216 O  OG1 . THR A 1 48  ? 15.677  -3.147  0.856   1.00 27.55 ? 48  THR A OG1 1 
ATOM   217 C  CG2 . THR A 1 48  ? 16.693  -4.929  -0.418  1.00 28.00 ? 48  THR A CG2 1 
ATOM   218 N  N   . CYS A 1 49  ? 12.315  -2.899  -0.556  1.00 24.28 ? 49  CYS A N   1 
ATOM   219 C  CA  . CYS A 1 49  ? 10.980  -2.665  -0.017  1.00 24.55 ? 49  CYS A CA  1 
ATOM   220 C  C   . CYS A 1 49  ? 9.969   -2.541  -1.153  1.00 26.37 ? 49  CYS A C   1 
ATOM   221 O  O   . CYS A 1 49  ? 8.889   -1.980  -0.981  1.00 24.20 ? 49  CYS A O   1 
ATOM   222 C  CB  . CYS A 1 49  ? 10.960  -1.402  0.847   1.00 21.25 ? 49  CYS A CB  1 
ATOM   223 S  SG  . CYS A 1 49  ? 11.855  -1.581  2.412   1.00 25.44 ? 49  CYS A SG  1 
ATOM   224 N  N   . SER A 1 50  ? 10.339  -3.068  -2.317  1.00 26.37 ? 50  SER A N   1 
ATOM   225 C  CA  . SER A 1 50  ? 9.476   -3.046  -3.496  1.00 28.48 ? 50  SER A CA  1 
ATOM   226 C  C   . SER A 1 50  ? 9.762   -4.301  -4.313  1.00 31.95 ? 50  SER A C   1 
ATOM   227 O  O   . SER A 1 50  ? 10.702  -5.035  -4.006  1.00 31.30 ? 50  SER A O   1 
ATOM   228 C  CB  . SER A 1 50  ? 9.729   -1.781  -4.323  1.00 27.96 ? 50  SER A CB  1 
ATOM   229 O  OG  . SER A 1 50  ? 11.089  -1.654  -4.691  1.00 29.01 ? 50  SER A OG  1 
ATOM   230 N  N   . SER A 1 51  ? 8.968   -4.560  -5.346  1.00 34.91 ? 51  SER A N   1 
ATOM   231 C  CA  . SER A 1 51  ? 9.187   -5.766  -6.135  1.00 41.20 ? 51  SER A CA  1 
ATOM   232 C  C   . SER A 1 51  ? 8.755   -5.717  -7.593  1.00 49.15 ? 51  SER A C   1 
ATOM   233 O  O   . SER A 1 51  ? 8.158   -4.744  -8.057  1.00 45.07 ? 51  SER A O   1 
ATOM   234 C  CB  . SER A 1 51  ? 8.491   -6.951  -5.464  1.00 41.16 ? 51  SER A CB  1 
ATOM   235 O  OG  . SER A 1 51  ? 7.084   -6.774  -5.482  1.00 42.54 ? 51  SER A OG  1 
ATOM   236 N  N   . GLN A 1 52  ? 9.164   -6.992  -8.289  1.00 55.97 ? 52  GLN A N   1 
ATOM   237 C  CA  . GLN A 1 52  ? 9.009   -7.341  -9.699  1.00 64.91 ? 52  GLN A CA  1 
ATOM   238 C  C   . GLN A 1 52  ? 9.624   -6.436  -10.758 1.00 68.75 ? 52  GLN A C   1 
ATOM   239 O  O   . GLN A 1 52  ? 10.663  -6.734  -11.343 1.00 70.63 ? 52  GLN A O   1 
ATOM   240 C  CB  . GLN A 1 52  ? 7.528   -7.564  -10.022 1.00 66.71 ? 52  GLN A CB  1 
ATOM   241 C  CG  . GLN A 1 52  ? 7.285   -8.611  -11.098 1.00 68.32 ? 52  GLN A CG  1 
ATOM   242 C  CD  . GLN A 1 52  ? 5.840   -9.063  -11.166 1.00 69.42 ? 52  GLN A CD  1 
ATOM   243 O  OE1 . GLN A 1 52  ? 5.189   -8.947  -12.206 1.00 69.91 ? 52  GLN A OE1 1 
ATOM   244 N  NE2 . GLN A 1 52  ? 5.329   -9.587  -10.056 1.00 70.05 ? 52  GLN A NE2 1 
ATOM   245 N  N   . PRO A 1 57  ? 6.267   -2.481  -14.007 1.00 49.51 ? 57  PRO A N   1 
ATOM   246 C  CA  . PRO A 1 57  ? 5.332   -2.216  -12.909 1.00 46.64 ? 57  PRO A CA  1 
ATOM   247 C  C   . PRO A 1 57  ? 5.988   -2.329  -11.533 1.00 43.36 ? 57  PRO A C   1 
ATOM   248 O  O   . PRO A 1 57  ? 5.761   -3.296  -10.804 1.00 43.35 ? 57  PRO A O   1 
ATOM   249 C  CB  . PRO A 1 57  ? 4.250   -3.268  -13.125 1.00 48.09 ? 57  PRO A CB  1 
ATOM   250 C  CG  . PRO A 1 57  ? 5.036   -4.424  -13.661 1.00 48.60 ? 57  PRO A CG  1 
ATOM   251 C  CD  . PRO A 1 57  ? 5.948   -3.759  -14.668 1.00 49.50 ? 57  PRO A CD  1 
ATOM   252 N  N   . ARG A 1 58  ? 6.805   -1.338  -11.189 1.00 39.14 ? 58  ARG A N   1 
ATOM   253 C  CA  . ARG A 1 58  ? 7.484   -1.311  -9.899  1.00 35.97 ? 58  ARG A CA  1 
ATOM   254 C  C   . ARG A 1 58  ? 6.466   -0.948  -8.822  1.00 33.19 ? 58  ARG A C   1 
ATOM   255 O  O   . ARG A 1 58  ? 5.866   0.125   -8.868  1.00 32.18 ? 58  ARG A O   1 
ATOM   256 C  CB  . ARG A 1 58  ? 8.614   -0.279  -9.926  1.00 37.95 ? 58  ARG A CB  1 
ATOM   257 C  CG  . ARG A 1 58  ? 9.256   0.005   -8.577  1.00 40.21 ? 58  ARG A CG  1 
ATOM   258 C  CD  . ARG A 1 58  ? 9.805   -1.254  -7.924  1.00 42.25 ? 58  ARG A CD  1 
ATOM   259 N  NE  . ARG A 1 58  ? 10.772  -1.952  -8.767  1.00 41.99 ? 58  ARG A NE  1 
ATOM   260 C  CZ  . ARG A 1 58  ? 11.588  -2.905  -8.328  1.00 43.77 ? 58  ARG A CZ  1 
ATOM   261 N  NH1 . ARG A 1 58  ? 12.438  -3.495  -9.159  1.00 44.86 ? 58  ARG A NH1 1 
ATOM   262 N  NH2 . ARG A 1 58  ? 11.569  -3.257  -7.051  1.00 41.64 ? 58  ARG A NH2 1 
ATOM   263 N  N   . LEU A 1 59  ? 6.274   -1.846  -7.859  1.00 30.26 ? 59  LEU A N   1 
ATOM   264 C  CA  . LEU A 1 59  ? 5.313   -1.626  -6.780  1.00 28.06 ? 59  LEU A CA  1 
ATOM   265 C  C   . LEU A 1 59  ? 5.933   -1.882  -5.407  1.00 25.92 ? 59  LEU A C   1 
ATOM   266 O  O   . LEU A 1 59  ? 6.871   -2.668  -5.280  1.00 25.95 ? 59  LEU A O   1 
ATOM   267 C  CB  . LEU A 1 59  ? 4.111   -2.562  -6.955  1.00 25.17 ? 59  LEU A CB  1 
ATOM   268 C  CG  . LEU A 1 59  ? 3.318   -2.493  -8.263  1.00 26.95 ? 59  LEU A CG  1 
ATOM   269 C  CD1 . LEU A 1 59  ? 2.287   -3.617  -8.286  1.00 27.68 ? 59  LEU A CD1 1 
ATOM   270 C  CD2 . LEU A 1 59  ? 2.633   -1.141  -8.388  1.00 26.78 ? 59  LEU A CD2 1 
ATOM   271 N  N   . CYS A 1 60  ? 5.424   -1.211  -4.376  1.00 26.02 ? 60  CYS A N   1 
ATOM   272 C  CA  . CYS A 1 60  ? 5.949   -1.462  -3.044  1.00 24.35 ? 60  CYS A CA  1 
ATOM   273 C  C   . CYS A 1 60  ? 5.349   -2.810  -2.644  1.00 25.46 ? 60  CYS A C   1 
ATOM   274 O  O   . CYS A 1 60  ? 4.418   -3.291  -3.292  1.00 24.53 ? 60  CYS A O   1 
ATOM   275 C  CB  . CYS A 1 60  ? 5.558   -0.352  -2.063  1.00 25.46 ? 60  CYS A CB  1 
ATOM   276 S  SG  . CYS A 1 60  ? 3.820   -0.248  -1.637  1.00 24.71 ? 60  CYS A SG  1 
ATOM   277 N  N   . LEU A 1 61  ? 5.884   -3.433  -1.602  1.00 25.02 ? 61  LEU A N   1 
ATOM   278 C  CA  . LEU A 1 61  ? 5.401   -4.744  -1.190  1.00 27.35 ? 61  LEU A CA  1 
ATOM   279 C  C   . LEU A 1 61  ? 3.927   -4.815  -0.797  1.00 28.51 ? 61  LEU A C   1 
ATOM   280 O  O   . LEU A 1 61  ? 3.266   -5.823  -1.050  1.00 28.67 ? 61  LEU A O   1 
ATOM   281 C  CB  . LEU A 1 61  ? 6.280   -5.283  -0.058  1.00 29.68 ? 61  LEU A CB  1 
ATOM   282 C  CG  . LEU A 1 61  ? 7.764   -5.379  -0.431  1.00 31.99 ? 61  LEU A CG  1 
ATOM   283 C  CD1 . LEU A 1 61  ? 8.543   -6.006  0.717   1.00 32.19 ? 61  LEU A CD1 1 
ATOM   284 C  CD2 . LEU A 1 61  ? 7.928   -6.203  -1.702  1.00 31.60 ? 61  LEU A CD2 1 
ATOM   285 N  N   . LEU A 1 62  ? 3.400   -3.756  -0.191  1.00 25.14 ? 62  LEU A N   1 
ATOM   286 C  CA  . LEU A 1 62  ? 1.999   -3.769  0.206   1.00 24.64 ? 62  LEU A CA  1 
ATOM   287 C  C   . LEU A 1 62  ? 1.077   -3.606  -1.006  1.00 24.95 ? 62  LEU A C   1 
ATOM   288 O  O   . LEU A 1 62  ? 0.093   -4.336  -1.153  1.00 25.50 ? 62  LEU A O   1 
ATOM   289 C  CB  . LEU A 1 62  ? 1.735   -2.667  1.237   1.00 28.62 ? 62  LEU A CB  1 
ATOM   290 C  CG  . LEU A 1 62  ? 0.477   -2.816  2.095   1.00 33.09 ? 62  LEU A CG  1 
ATOM   291 C  CD1 . LEU A 1 62  ? 0.506   -4.152  2.834   1.00 30.97 ? 62  LEU A CD1 1 
ATOM   292 C  CD2 . LEU A 1 62  ? 0.397   -1.661  3.085   1.00 34.15 ? 62  LEU A CD2 1 
ATOM   293 N  N   . CYS A 1 63  ? 1.393   -2.666  -1.887  1.00 23.27 ? 63  CYS A N   1 
ATOM   294 C  CA  . CYS A 1 63  ? 0.562   -2.465  -3.066  1.00 24.02 ? 63  CYS A CA  1 
ATOM   295 C  C   . CYS A 1 63  ? 0.610   -3.700  -3.959  1.00 26.51 ? 63  CYS A C   1 
ATOM   296 O  O   . CYS A 1 63  ? -0.367  -4.028  -4.626  1.00 25.62 ? 63  CYS A O   1 
ATOM   297 C  CB  . CYS A 1 63  ? 1.013   -1.227  -3.840  1.00 23.85 ? 63  CYS A CB  1 
ATOM   298 S  SG  . CYS A 1 63  ? 0.548   0.315   -3.020  1.00 23.31 ? 63  CYS A SG  1 
ATOM   299 N  N   . GLN A 1 64  ? 1.747   -4.387  -3.962  1.00 26.16 ? 64  GLN A N   1 
ATOM   300 C  CA  . GLN A 1 64  ? 1.899   -5.602  -4.760  1.00 29.35 ? 64  GLN A CA  1 
ATOM   301 C  C   . GLN A 1 64  ? 0.979   -6.670  -4.171  1.00 29.61 ? 64  GLN A C   1 
ATOM   302 O  O   . GLN A 1 64  ? 0.287   -7.382  -4.898  1.00 28.09 ? 64  GLN A O   1 
ATOM   303 C  CB  . GLN A 1 64  ? 3.346   -6.093  -4.701  1.00 32.78 ? 64  GLN A CB  1 
ATOM   304 C  CG  . GLN A 1 64  ? 3.665   -7.277  -5.604  1.00 36.60 ? 64  GLN A CG  1 
ATOM   305 C  CD  . GLN A 1 64  ? 3.706   -6.903  -7.072  1.00 40.97 ? 64  GLN A CD  1 
ATOM   306 O  OE1 . GLN A 1 64  ? 2.673   -6.829  -7.739  1.00 42.66 ? 64  GLN A OE1 1 
ATOM   307 N  NE2 . GLN A 1 64  ? 4.907   -6.651  -7.582  1.00 41.92 ? 64  GLN A NE2 1 
ATOM   308 N  N   . ARG A 1 65  ? 0.981   -6.763  -2.845  1.00 27.88 ? 65  ARG A N   1 
ATOM   309 C  CA  . ARG A 1 65  ? 0.161   -7.731  -2.127  1.00 31.99 ? 65  ARG A CA  1 
ATOM   310 C  C   . ARG A 1 65  ? -1.326  -7.504  -2.374  1.00 30.07 ? 65  ARG A C   1 
ATOM   311 O  O   . ARG A 1 65  ? -2.090  -8.458  -2.528  1.00 27.86 ? 65  ARG A O   1 
ATOM   312 C  CB  . ARG A 1 65  ? 0.455   -7.651  -0.629  1.00 37.21 ? 65  ARG A CB  1 
ATOM   313 C  CG  . ARG A 1 65  ? -0.326  -8.638  0.215   1.00 46.15 ? 65  ARG A CG  1 
ATOM   314 C  CD  . ARG A 1 65  ? 0.006   -8.465  1.684   1.00 52.22 ? 65  ARG A CD  1 
ATOM   315 N  NE  . ARG A 1 65  ? 1.423   -8.690  1.953   1.00 57.19 ? 65  ARG A NE  1 
ATOM   316 C  CZ  . ARG A 1 65  ? 1.998   -8.482  3.133   1.00 60.16 ? 65  ARG A CZ  1 
ATOM   317 N  NH1 . ARG A 1 65  ? 1.275   -8.042  4.154   1.00 61.07 ? 65  ARG A NH1 1 
ATOM   318 N  NH2 . ARG A 1 65  ? 3.294   -8.715  3.293   1.00 61.61 ? 65  ARG A NH2 1 
ATOM   319 N  N   . PHE A 1 66  ? -1.745  -6.243  -2.406  1.00 25.48 ? 66  PHE A N   1 
ATOM   320 C  CA  . PHE A 1 66  ? -3.149  -5.952  -2.649  1.00 26.26 ? 66  PHE A CA  1 
ATOM   321 C  C   . PHE A 1 66  ? -3.553  -6.213  -4.094  1.00 25.86 ? 66  PHE A C   1 
ATOM   322 O  O   . PHE A 1 66  ? -4.677  -6.629  -4.354  1.00 27.46 ? 66  PHE A O   1 
ATOM   323 C  CB  . PHE A 1 66  ? -3.485  -4.511  -2.249  1.00 23.61 ? 66  PHE A CB  1 
ATOM   324 C  CG  . PHE A 1 66  ? -3.791  -4.354  -0.788  1.00 23.79 ? 66  PHE A CG  1 
ATOM   325 C  CD1 . PHE A 1 66  ? -2.784  -4.477  0.163   1.00 25.98 ? 66  PHE A CD1 1 
ATOM   326 C  CD2 . PHE A 1 66  ? -5.093  -4.130  -0.359  1.00 25.17 ? 66  PHE A CD2 1 
ATOM   327 C  CE1 . PHE A 1 66  ? -3.071  -4.384  1.521   1.00 26.72 ? 66  PHE A CE1 1 
ATOM   328 C  CE2 . PHE A 1 66  ? -5.395  -4.035  0.998   1.00 28.44 ? 66  PHE A CE2 1 
ATOM   329 C  CZ  . PHE A 1 66  ? -4.380  -4.164  1.943   1.00 29.15 ? 66  PHE A CZ  1 
ATOM   330 N  N   . ARG A 1 67  ? -2.653  -5.971  -5.042  1.00 26.02 ? 67  ARG A N   1 
ATOM   331 C  CA  . ARG A 1 67  ? -2.999  -6.237  -6.434  1.00 28.96 ? 67  ARG A CA  1 
ATOM   332 C  C   . ARG A 1 67  ? -3.234  -7.733  -6.612  1.00 32.33 ? 67  ARG A C   1 
ATOM   333 O  O   . ARG A 1 67  ? -4.076  -8.149  -7.413  1.00 32.91 ? 67  ARG A O   1 
ATOM   334 C  CB  . ARG A 1 67  ? -1.884  -5.790  -7.384  1.00 30.14 ? 67  ARG A CB  1 
ATOM   335 C  CG  . ARG A 1 67  ? -1.885  -4.309  -7.711  1.00 31.02 ? 67  ARG A CG  1 
ATOM   336 C  CD  . ARG A 1 67  ? -1.074  -4.056  -8.967  1.00 34.21 ? 67  ARG A CD  1 
ATOM   337 N  NE  . ARG A 1 67  ? -1.062  -2.650  -9.361  1.00 38.00 ? 67  ARG A NE  1 
ATOM   338 C  CZ  . ARG A 1 67  ? -0.592  -2.212  -10.524 1.00 39.81 ? 67  ARG A CZ  1 
ATOM   339 N  NH1 . ARG A 1 67  ? -0.102  -3.074  -11.406 1.00 42.69 ? 67  ARG A NH1 1 
ATOM   340 N  NH2 . ARG A 1 67  ? -0.609  -0.918  -10.807 1.00 40.02 ? 67  ARG A NH2 1 
ATOM   341 N  N   . ALA A 1 68  ? -2.488  -8.533  -5.856  1.00 32.03 ? 68  ALA A N   1 
ATOM   342 C  CA  . ALA A 1 68  ? -2.595  -9.986  -5.925  1.00 36.77 ? 68  ALA A CA  1 
ATOM   343 C  C   . ALA A 1 68  ? -3.967  -10.491 -5.487  1.00 36.98 ? 68  ALA A C   1 
ATOM   344 O  O   . ALA A 1 68  ? -4.381  -11.585 -5.867  1.00 38.33 ? 68  ALA A O   1 
ATOM   345 C  CB  . ALA A 1 68  ? -1.509  -10.627 -5.073  1.00 37.69 ? 68  ALA A CB  1 
ATOM   346 N  N   . THR A 1 69  ? -4.671  -9.696  -4.689  1.00 35.17 ? 69  THR A N   1 
ATOM   347 C  CA  . THR A 1 69  ? -5.997  -10.088 -4.218  1.00 34.02 ? 69  THR A CA  1 
ATOM   348 C  C   . THR A 1 69  ? -7.049  -9.893  -5.305  1.00 33.90 ? 69  THR A C   1 
ATOM   349 O  O   . THR A 1 69  ? -8.178  -10.374 -5.179  1.00 33.72 ? 69  THR A O   1 
ATOM   350 C  CB  . THR A 1 69  ? -6.448  -9.247  -3.007  1.00 33.86 ? 69  THR A CB  1 
ATOM   351 O  OG1 . THR A 1 69  ? -6.697  -7.899  -3.432  1.00 33.47 ? 69  THR A OG1 1 
ATOM   352 C  CG2 . THR A 1 69  ? -5.384  -9.250  -1.919  1.00 34.22 ? 69  THR A CG2 1 
ATOM   353 N  N   . ALA A 1 70  ? -6.682  -9.188  -6.371  1.00 32.29 ? 70  ALA A N   1 
ATOM   354 C  CA  . ALA A 1 70  ? -7.612  -8.908  -7.461  1.00 33.53 ? 70  ALA A CA  1 
ATOM   355 C  C   . ALA A 1 70  ? -8.764  -8.085  -6.898  1.00 33.08 ? 70  ALA A C   1 
ATOM   356 O  O   . ALA A 1 70  ? -9.839  -8.005  -7.494  1.00 31.46 ? 70  ALA A O   1 
ATOM   357 C  CB  . ALA A 1 70  ? -8.138  -10.208 -8.065  1.00 36.81 ? 70  ALA A CB  1 
ATOM   358 N  N   . PHE A 1 71  ? -8.527  -7.480  -5.738  1.00 29.72 ? 71  PHE A N   1 
ATOM   359 C  CA  . PHE A 1 71  ? -9.529  -6.656  -5.075  1.00 30.74 ? 71  PHE A CA  1 
ATOM   360 C  C   . PHE A 1 71  ? -10.838 -7.398  -4.848  1.00 31.67 ? 71  PHE A C   1 
ATOM   361 O  O   . PHE A 1 71  ? -11.921 -6.821  -4.926  1.00 31.93 ? 71  PHE A O   1 
ATOM   362 C  CB  . PHE A 1 71  ? -9.759  -5.379  -5.881  1.00 31.36 ? 71  PHE A CB  1 
ATOM   363 C  CG  . PHE A 1 71  ? -8.598  -4.430  -5.830  1.00 32.93 ? 71  PHE A CG  1 
ATOM   364 C  CD1 . PHE A 1 71  ? -8.420  -3.587  -4.736  1.00 32.86 ? 71  PHE A CD1 1 
ATOM   365 C  CD2 . PHE A 1 71  ? -7.647  -4.425  -6.842  1.00 30.33 ? 71  PHE A CD2 1 
ATOM   366 C  CE1 . PHE A 1 71  ? -7.305  -2.754  -4.652  1.00 32.29 ? 71  PHE A CE1 1 
ATOM   367 C  CE2 . PHE A 1 71  ? -6.529  -3.596  -6.767  1.00 32.12 ? 71  PHE A CE2 1 
ATOM   368 C  CZ  . PHE A 1 71  ? -6.359  -2.761  -5.669  1.00 31.88 ? 71  PHE A CZ  1 
ATOM   369 N  N   . GLN A 1 72  ? -10.720 -8.690  -4.566  1.00 33.46 ? 72  GLN A N   1 
ATOM   370 C  CA  . GLN A 1 72  ? -11.878 -9.532  -4.289  1.00 37.73 ? 72  GLN A CA  1 
ATOM   371 C  C   . GLN A 1 72  ? -12.192 -9.327  -2.813  1.00 36.16 ? 72  GLN A C   1 
ATOM   372 O  O   . GLN A 1 72  ? -11.327 -9.537  -1.960  1.00 31.64 ? 72  GLN A O   1 
ATOM   373 C  CB  . GLN A 1 72  ? -11.537 -10.997 -4.548  1.00 43.01 ? 72  GLN A CB  1 
ATOM   374 C  CG  . GLN A 1 72  ? -11.183 -11.300 -5.991  1.00 51.25 ? 72  GLN A CG  1 
ATOM   375 C  CD  . GLN A 1 72  ? -10.689 -12.718 -6.177  1.00 54.48 ? 72  GLN A CD  1 
ATOM   376 O  OE1 . GLN A 1 72  ? -11.385 -13.679 -5.851  1.00 57.58 ? 72  GLN A OE1 1 
ATOM   377 N  NE2 . GLN A 1 72  ? -9.479  -12.856 -6.704  1.00 57.38 ? 72  GLN A NE2 1 
ATOM   378 N  N   . ARG A 1 73  ? -13.424 -8.920  -2.518  1.00 36.88 ? 73  ARG A N   1 
ATOM   379 C  CA  . ARG A 1 73  ? -13.845 -8.656  -1.143  1.00 39.98 ? 73  ARG A CA  1 
ATOM   380 C  C   . ARG A 1 73  ? -13.450 -9.735  -0.143  1.00 36.48 ? 73  ARG A C   1 
ATOM   381 O  O   . ARG A 1 73  ? -12.971 -9.428  0.949   1.00 32.45 ? 73  ARG A O   1 
ATOM   382 C  CB  . ARG A 1 73  ? -15.361 -8.445  -1.079  1.00 50.32 ? 73  ARG A CB  1 
ATOM   383 C  CG  . ARG A 1 73  ? -16.185 -9.650  -1.502  1.00 61.39 ? 73  ARG A CG  1 
ATOM   384 C  CD  . ARG A 1 73  ? -17.680 -9.460  -1.241  1.00 68.25 ? 73  ARG A CD  1 
ATOM   385 N  NE  . ARG A 1 73  ? -18.028 -9.560  0.177   1.00 73.20 ? 73  ARG A NE  1 
ATOM   386 C  CZ  . ARG A 1 73  ? -17.867 -8.586  1.068   1.00 75.66 ? 73  ARG A CZ  1 
ATOM   387 N  NH1 . ARG A 1 73  ? -18.214 -8.781  2.334   1.00 77.14 ? 73  ARG A NH1 1 
ATOM   388 N  NH2 . ARG A 1 73  ? -17.371 -7.413  0.699   1.00 77.15 ? 73  ARG A NH2 1 
ATOM   389 N  N   . GLU A 1 74  ? -13.656 -10.996 -0.510  1.00 36.13 ? 74  GLU A N   1 
ATOM   390 C  CA  . GLU A 1 74  ? -13.329 -12.112 0.370   1.00 37.98 ? 74  GLU A CA  1 
ATOM   391 C  C   . GLU A 1 74  ? -11.846 -12.178 0.708   1.00 34.78 ? 74  GLU A C   1 
ATOM   392 O  O   . GLU A 1 74  ? -11.473 -12.478 1.841   1.00 33.49 ? 74  GLU A O   1 
ATOM   393 C  CB  . GLU A 1 74  ? -13.776 -13.426 -0.272  1.00 48.72 ? 74  GLU A CB  1 
ATOM   394 C  CG  . GLU A 1 74  ? -15.275 -13.517 -0.496  1.00 58.59 ? 74  GLU A CG  1 
ATOM   395 C  CD  . GLU A 1 74  ? -15.656 -14.641 -1.438  1.00 64.16 ? 74  GLU A CD  1 
ATOM   396 O  OE1 . GLU A 1 74  ? -16.864 -14.807 -1.710  1.00 68.12 ? 74  GLU A OE1 1 
ATOM   397 O  OE2 . GLU A 1 74  ? -14.748 -15.356 -1.911  1.00 68.10 ? 74  GLU A OE2 1 
ATOM   398 N  N   . GLU A 1 75  ? -10.996 -11.901 -0.275  1.00 32.79 ? 75  GLU A N   1 
ATOM   399 C  CA  . GLU A 1 75  ? -9.557  -11.938 -0.055  1.00 32.07 ? 75  GLU A CA  1 
ATOM   400 C  C   . GLU A 1 75  ? -9.110  -10.752 0.791   1.00 28.13 ? 75  GLU A C   1 
ATOM   401 O  O   . GLU A 1 75  ? -8.239  -10.886 1.650   1.00 27.98 ? 75  GLU A O   1 
ATOM   402 C  CB  . GLU A 1 75  ? -8.822  -11.943 -1.397  1.00 35.94 ? 75  GLU A CB  1 
ATOM   403 C  CG  . GLU A 1 75  ? -9.122  -13.180 -2.224  1.00 39.27 ? 75  GLU A CG  1 
ATOM   404 C  CD  . GLU A 1 75  ? -8.634  -14.456 -1.559  1.00 44.58 ? 75  GLU A CD  1 
ATOM   405 O  OE1 . GLU A 1 75  ? -9.151  -15.541 -1.902  1.00 48.14 ? 75  GLU A OE1 1 
ATOM   406 O  OE2 . GLU A 1 75  ? -7.725  -14.380 -0.705  1.00 44.92 ? 75  GLU A OE2 1 
ATOM   407 N  N   . LEU A 1 76  ? -9.709  -9.593  0.544   1.00 27.23 ? 76  LEU A N   1 
ATOM   408 C  CA  . LEU A 1 76  ? -9.379  -8.399  1.307   1.00 27.01 ? 76  LEU A CA  1 
ATOM   409 C  C   . LEU A 1 76  ? -9.794  -8.574  2.762   1.00 27.14 ? 76  LEU A C   1 
ATOM   410 O  O   . LEU A 1 76  ? -9.105  -8.116  3.675   1.00 25.29 ? 76  LEU A O   1 
ATOM   411 C  CB  . LEU A 1 76  ? -10.092 -7.181  0.723   1.00 24.74 ? 76  LEU A CB  1 
ATOM   412 C  CG  . LEU A 1 76  ? -9.671  -6.767  -0.688  1.00 23.86 ? 76  LEU A CG  1 
ATOM   413 C  CD1 . LEU A 1 76  ? -10.606 -5.683  -1.186  1.00 23.72 ? 76  LEU A CD1 1 
ATOM   414 C  CD2 . LEU A 1 76  ? -8.224  -6.275  -0.684  1.00 25.10 ? 76  LEU A CD2 1 
ATOM   415 N  N   . MET A 1 77  ? -10.926 -9.237  2.977   1.00 26.09 ? 77  MET A N   1 
ATOM   416 C  CA  . MET A 1 77  ? -11.421 -9.450  4.334   1.00 26.62 ? 77  MET A CA  1 
ATOM   417 C  C   . MET A 1 77  ? -10.490 -10.340 5.143   1.00 28.45 ? 77  MET A C   1 
ATOM   418 O  O   . MET A 1 77  ? -10.499 -10.305 6.370   1.00 26.92 ? 77  MET A O   1 
ATOM   419 C  CB  . MET A 1 77  ? -12.812 -10.080 4.306   1.00 27.04 ? 77  MET A CB  1 
ATOM   420 C  CG  . MET A 1 77  ? -13.489 -10.107 5.666   1.00 28.47 ? 77  MET A CG  1 
ATOM   421 S  SD  . MET A 1 77  ? -13.745 -8.428  6.281   1.00 36.31 ? 77  MET A SD  1 
ATOM   422 C  CE  . MET A 1 77  ? -14.955 -7.866  5.139   1.00 30.74 ? 77  MET A CE  1 
ATOM   423 N  N   . LYS A 1 78  ? -9.685  -11.144 4.453   1.00 28.00 ? 78  LYS A N   1 
ATOM   424 C  CA  . LYS A 1 78  ? -8.756  -12.044 5.123   1.00 30.63 ? 78  LYS A CA  1 
ATOM   425 C  C   . LYS A 1 78  ? -7.444  -11.361 5.500   1.00 31.88 ? 78  LYS A C   1 
ATOM   426 O  O   . LYS A 1 78  ? -6.616  -11.938 6.203   1.00 31.30 ? 78  LYS A O   1 
ATOM   427 C  CB  . LYS A 1 78  ? -8.465  -13.255 4.228   1.00 36.82 ? 78  LYS A CB  1 
ATOM   428 C  CG  . LYS A 1 78  ? -9.692  -14.096 3.915   1.00 41.19 ? 78  LYS A CG  1 
ATOM   429 C  CD  . LYS A 1 78  ? -9.353  -15.230 2.959   1.00 47.35 ? 78  LYS A CD  1 
ATOM   430 C  CE  . LYS A 1 78  ? -10.554 -16.128 2.711   1.00 50.74 ? 78  LYS A CE  1 
ATOM   431 N  NZ  . LYS A 1 78  ? -11.702 -15.391 2.112   1.00 53.31 ? 78  LYS A NZ  1 
ATOM   432 N  N   . MET A 1 79  ? -7.264  -10.127 5.036   1.00 30.92 ? 79  MET A N   1 
ATOM   433 C  CA  . MET A 1 79  ? -6.051  -9.366  5.312   1.00 33.59 ? 79  MET A CA  1 
ATOM   434 C  C   . MET A 1 79  ? -6.011  -8.848  6.742   1.00 32.79 ? 79  MET A C   1 
ATOM   435 O  O   . MET A 1 79  ? -7.046  -8.609  7.356   1.00 30.93 ? 79  MET A O   1 
ATOM   436 C  CB  . MET A 1 79  ? -5.942  -8.178  4.350   1.00 37.06 ? 79  MET A CB  1 
ATOM   437 C  CG  . MET A 1 79  ? -5.876  -8.565  2.884   1.00 42.10 ? 79  MET A CG  1 
ATOM   438 S  SD  . MET A 1 79  ? -4.353  -9.433  2.476   1.00 49.09 ? 79  MET A SD  1 
ATOM   439 C  CE  . MET A 1 79  ? -3.255  -8.043  2.227   1.00 48.02 ? 79  MET A CE  1 
ATOM   440 N  N   . LYS A 1 80  ? -4.801  -8.666  7.259   1.00 32.70 ? 80  LYS A N   1 
ATOM   441 C  CA  . LYS A 1 80  ? -4.609  -8.160  8.609   1.00 35.49 ? 80  LYS A CA  1 
ATOM   442 C  C   . LYS A 1 80  ? -5.071  -6.705  8.656   1.00 33.48 ? 80  LYS A C   1 
ATOM   443 O  O   . LYS A 1 80  ? -4.869  -5.954  7.701   1.00 29.96 ? 80  LYS A O   1 
ATOM   444 C  CB  . LYS A 1 80  ? -3.129  -8.246  8.988   1.00 42.96 ? 80  LYS A CB  1 
ATOM   445 C  CG  . LYS A 1 80  ? -2.497  -9.601  8.706   1.00 50.27 ? 80  LYS A CG  1 
ATOM   446 C  CD  . LYS A 1 80  ? -1.002  -9.589  8.976   1.00 54.61 ? 80  LYS A CD  1 
ATOM   447 C  CE  . LYS A 1 80  ? -0.348  -10.888 8.538   1.00 56.49 ? 80  LYS A CE  1 
ATOM   448 N  NZ  . LYS A 1 80  ? -0.492  -11.114 7.071   1.00 55.61 ? 80  LYS A NZ  1 
ATOM   449 N  N   . VAL A 1 81  ? -5.693  -6.313  9.763   1.00 31.50 ? 81  VAL A N   1 
ATOM   450 C  CA  . VAL A 1 81  ? -6.180  -4.949  9.926   1.00 31.48 ? 81  VAL A CA  1 
ATOM   451 C  C   . VAL A 1 81  ? -5.080  -3.920  9.679   1.00 31.55 ? 81  VAL A C   1 
ATOM   452 O  O   . VAL A 1 81  ? -5.315  -2.899  9.031   1.00 29.19 ? 81  VAL A O   1 
ATOM   453 C  CB  . VAL A 1 81  ? -6.759  -4.734  11.343  1.00 32.90 ? 81  VAL A CB  1 
ATOM   454 C  CG1 . VAL A 1 81  ? -7.094  -3.266  11.560  1.00 33.47 ? 81  VAL A CG1 1 
ATOM   455 C  CG2 . VAL A 1 81  ? -8.005  -5.587  11.522  1.00 34.46 ? 81  VAL A CG2 1 
ATOM   456 N  N   . LYS A 1 82  ? -3.883  -4.190  10.192  1.00 31.06 ? 82  LYS A N   1 
ATOM   457 C  CA  . LYS A 1 82  ? -2.764  -3.268  10.017  1.00 34.04 ? 82  LYS A CA  1 
ATOM   458 C  C   . LYS A 1 82  ? -2.390  -3.083  8.550   1.00 31.54 ? 82  LYS A C   1 
ATOM   459 O  O   . LYS A 1 82  ? -2.017  -1.985  8.139   1.00 29.93 ? 82  LYS A O   1 
ATOM   460 C  CB  . LYS A 1 82  ? -1.535  -3.747  10.795  1.00 40.05 ? 82  LYS A CB  1 
ATOM   461 C  CG  . LYS A 1 82  ? -0.370  -2.769  10.730  1.00 46.46 ? 82  LYS A CG  1 
ATOM   462 C  CD  . LYS A 1 82  ? 0.773   -3.179  11.640  1.00 51.23 ? 82  LYS A CD  1 
ATOM   463 C  CE  . LYS A 1 82  ? 1.846   -2.098  11.690  1.00 52.79 ? 82  LYS A CE  1 
ATOM   464 N  NZ  . LYS A 1 82  ? 2.456   -1.831  10.356  1.00 55.14 ? 82  LYS A NZ  1 
ATOM   465 N  N   . ASP A 1 83  ? -2.475  -4.151  7.762   1.00 30.16 ? 83  ASP A N   1 
ATOM   466 C  CA  . ASP A 1 83  ? -2.145  -4.053  6.345   1.00 29.01 ? 83  ASP A CA  1 
ATOM   467 C  C   . ASP A 1 83  ? -3.192  -3.240  5.596   1.00 27.62 ? 83  ASP A C   1 
ATOM   468 O  O   . ASP A 1 83  ? -2.861  -2.472  4.696   1.00 24.19 ? 83  ASP A O   1 
ATOM   469 C  CB  . ASP A 1 83  ? -2.022  -5.439  5.705   1.00 32.11 ? 83  ASP A CB  1 
ATOM   470 C  CG  . ASP A 1 83  ? -0.791  -6.189  6.170   1.00 35.77 ? 83  ASP A CG  1 
ATOM   471 O  OD1 . ASP A 1 83  ? 0.179   -5.531  6.595   1.00 37.17 ? 83  ASP A OD1 1 
ATOM   472 O  OD2 . ASP A 1 83  ? -0.785  -7.435  6.094   1.00 37.77 ? 83  ASP A OD2 1 
ATOM   473 N  N   . LEU A 1 84  ? -4.457  -3.412  5.967   1.00 24.37 ? 84  LEU A N   1 
ATOM   474 C  CA  . LEU A 1 84  ? -5.529  -2.669  5.316   1.00 24.04 ? 84  LEU A CA  1 
ATOM   475 C  C   . LEU A 1 84  ? -5.359  -1.194  5.653   1.00 23.71 ? 84  LEU A C   1 
ATOM   476 O  O   . LEU A 1 84  ? -5.449  -0.326  4.784   1.00 24.07 ? 84  LEU A O   1 
ATOM   477 C  CB  . LEU A 1 84  ? -6.895  -3.171  5.800   1.00 24.66 ? 84  LEU A CB  1 
ATOM   478 C  CG  . LEU A 1 84  ? -7.327  -4.538  5.258   1.00 22.63 ? 84  LEU A CG  1 
ATOM   479 C  CD1 . LEU A 1 84  ? -8.457  -5.108  6.100   1.00 23.67 ? 84  LEU A CD1 1 
ATOM   480 C  CD2 . LEU A 1 84  ? -7.761  -4.392  3.801   1.00 24.12 ? 84  LEU A CD2 1 
ATOM   481 N  N   . ARG A 1 85  ? -5.095  -0.918  6.926   1.00 27.13 ? 85  ARG A N   1 
ATOM   482 C  CA  . ARG A 1 85  ? -4.909  0.452   7.385   1.00 30.19 ? 85  ARG A CA  1 
ATOM   483 C  C   . ARG A 1 85  ? -3.688  1.086   6.719   1.00 26.21 ? 85  ARG A C   1 
ATOM   484 O  O   . ARG A 1 85  ? -3.757  2.207   6.215   1.00 25.61 ? 85  ARG A O   1 
ATOM   485 C  CB  . ARG A 1 85  ? -4.744  0.468   8.905   1.00 38.44 ? 85  ARG A CB  1 
ATOM   486 C  CG  . ARG A 1 85  ? -4.966  1.823   9.550   1.00 51.27 ? 85  ARG A CG  1 
ATOM   487 C  CD  . ARG A 1 85  ? -5.117  1.679   11.059  1.00 58.20 ? 85  ARG A CD  1 
ATOM   488 N  NE  . ARG A 1 85  ? -5.524  2.929   11.696  1.00 64.73 ? 85  ARG A NE  1 
ATOM   489 C  CZ  . ARG A 1 85  ? -4.787  4.033   11.723  1.00 67.20 ? 85  ARG A CZ  1 
ATOM   490 N  NH1 . ARG A 1 85  ? -3.591  4.051   11.149  1.00 69.02 ? 85  ARG A NH1 1 
ATOM   491 N  NH2 . ARG A 1 85  ? -5.247  5.122   12.324  1.00 67.78 ? 85  ARG A NH2 1 
ATOM   492 N  N   . ASP A 1 86  ? -2.569  0.368   6.711   1.00 24.21 ? 86  ASP A N   1 
ATOM   493 C  CA  . ASP A 1 86  ? -1.345  0.895   6.112   1.00 24.81 ? 86  ASP A CA  1 
ATOM   494 C  C   . ASP A 1 86  ? -1.485  1.135   4.614   1.00 22.40 ? 86  ASP A C   1 
ATOM   495 O  O   . ASP A 1 86  ? -0.971  2.119   4.087   1.00 22.30 ? 86  ASP A O   1 
ATOM   496 C  CB  . ASP A 1 86  ? -0.166  -0.050  6.374   1.00 25.85 ? 86  ASP A CB  1 
ATOM   497 C  CG  . ASP A 1 86  ? 0.288   -0.028  7.821   1.00 30.69 ? 86  ASP A CG  1 
ATOM   498 O  OD1 . ASP A 1 86  ? -0.142  0.874   8.571   1.00 30.95 ? 86  ASP A OD1 1 
ATOM   499 O  OD2 . ASP A 1 86  ? 1.087   -0.907  8.206   1.00 31.89 ? 86  ASP A OD2 1 
ATOM   500 N  N   . TYR A 1 87  ? -2.172  0.229   3.928   1.00 22.37 ? 87  TYR A N   1 
ATOM   501 C  CA  . TYR A 1 87  ? -2.372  0.361   2.491   1.00 20.59 ? 87  TYR A CA  1 
ATOM   502 C  C   . TYR A 1 87  ? -3.165  1.633   2.209   1.00 21.20 ? 87  TYR A C   1 
ATOM   503 O  O   . TYR A 1 87  ? -2.805  2.426   1.341   1.00 21.98 ? 87  TYR A O   1 
ATOM   504 C  CB  . TYR A 1 87  ? -3.123  -0.860  1.946   1.00 22.44 ? 87  TYR A CB  1 
ATOM   505 C  CG  . TYR A 1 87  ? -3.454  -0.784  0.474   1.00 21.47 ? 87  TYR A CG  1 
ATOM   506 C  CD1 . TYR A 1 87  ? -2.487  -1.051  -0.500  1.00 24.70 ? 87  TYR A CD1 1 
ATOM   507 C  CD2 . TYR A 1 87  ? -4.737  -0.455  0.051   1.00 22.84 ? 87  TYR A CD2 1 
ATOM   508 C  CE1 . TYR A 1 87  ? -2.800  -0.997  -1.861  1.00 23.79 ? 87  TYR A CE1 1 
ATOM   509 C  CE2 . TYR A 1 87  ? -5.060  -0.394  -1.299  1.00 23.07 ? 87  TYR A CE2 1 
ATOM   510 C  CZ  . TYR A 1 87  ? -4.091  -0.667  -2.250  1.00 26.10 ? 87  TYR A CZ  1 
ATOM   511 O  OH  . TYR A 1 87  ? -4.436  -0.640  -3.583  1.00 25.28 ? 87  TYR A OH  1 
ATOM   512 N  N   . LEU A 1 88  ? -4.246  1.836   2.954   1.00 22.54 ? 88  LEU A N   1 
ATOM   513 C  CA  . LEU A 1 88  ? -5.060  3.026   2.759   1.00 21.12 ? 88  LEU A CA  1 
ATOM   514 C  C   . LEU A 1 88  ? -4.257  4.285   3.089   1.00 21.98 ? 88  LEU A C   1 
ATOM   515 O  O   . LEU A 1 88  ? -4.381  5.297   2.410   1.00 22.65 ? 88  LEU A O   1 
ATOM   516 C  CB  . LEU A 1 88  ? -6.327  2.933   3.612   1.00 23.13 ? 88  LEU A CB  1 
ATOM   517 C  CG  . LEU A 1 88  ? -7.322  1.896   3.075   1.00 24.13 ? 88  LEU A CG  1 
ATOM   518 C  CD1 . LEU A 1 88  ? -8.435  1.650   4.083   1.00 23.67 ? 88  LEU A CD1 1 
ATOM   519 C  CD2 . LEU A 1 88  ? -7.891  2.380   1.744   1.00 24.28 ? 88  LEU A CD2 1 
ATOM   520 N  N   . SER A 1 89  ? -3.416  4.217   4.117   1.00 22.83 ? 89  SER A N   1 
ATOM   521 C  CA  . SER A 1 89  ? -2.591  5.370   4.484   1.00 22.37 ? 89  SER A CA  1 
ATOM   522 C  C   . SER A 1 89  ? -1.633  5.735   3.350   1.00 23.40 ? 89  SER A C   1 
ATOM   523 O  O   . SER A 1 89  ? -1.417  6.915   3.063   1.00 23.35 ? 89  SER A O   1 
ATOM   524 C  CB  . SER A 1 89  ? -1.790  5.072   5.756   1.00 24.20 ? 89  SER A CB  1 
ATOM   525 O  OG  . SER A 1 89  ? -2.646  4.890   6.870   1.00 29.47 ? 89  SER A OG  1 
ATOM   526 N  N   . LEU A 1 90  ? -1.048  4.724   2.713   1.00 19.53 ? 90  LEU A N   1 
ATOM   527 C  CA  . LEU A 1 90  ? -0.116  4.956   1.611   1.00 21.37 ? 90  LEU A CA  1 
ATOM   528 C  C   . LEU A 1 90  ? -0.807  5.665   0.457   1.00 21.91 ? 90  LEU A C   1 
ATOM   529 O  O   . LEU A 1 90  ? -0.178  6.404   -0.299  1.00 20.41 ? 90  LEU A O   1 
ATOM   530 C  CB  . LEU A 1 90  ? 0.462   3.634   1.106   1.00 22.92 ? 90  LEU A CB  1 
ATOM   531 C  CG  . LEU A 1 90  ? 1.483   2.951   2.012   1.00 25.38 ? 90  LEU A CG  1 
ATOM   532 C  CD1 . LEU A 1 90  ? 1.904   1.620   1.393   1.00 25.62 ? 90  LEU A CD1 1 
ATOM   533 C  CD2 . LEU A 1 90  ? 2.687   3.867   2.183   1.00 27.76 ? 90  LEU A CD2 1 
ATOM   534 N  N   . HIS A 1 91  ? -2.105  5.418   0.327   1.00 20.72 ? 91  HIS A N   1 
ATOM   535 C  CA  . HIS A 1 91  ? -2.899  6.023   -0.730  1.00 19.79 ? 91  HIS A CA  1 
ATOM   536 C  C   . HIS A 1 91  ? -3.564  7.316   -0.265  1.00 22.91 ? 91  HIS A C   1 
ATOM   537 O  O   . HIS A 1 91  ? -4.455  7.850   -0.925  1.00 22.50 ? 91  HIS A O   1 
ATOM   538 C  CB  . HIS A 1 91  ? -3.927  5.008   -1.227  1.00 22.48 ? 91  HIS A CB  1 
ATOM   539 C  CG  . HIS A 1 91  ? -3.318  3.897   -2.027  1.00 20.84 ? 91  HIS A CG  1 
ATOM   540 N  ND1 . HIS A 1 91  ? -3.226  3.935   -3.401  1.00 26.00 ? 91  HIS A ND1 1 
ATOM   541 C  CD2 . HIS A 1 91  ? -2.706  2.752   -1.640  1.00 23.03 ? 91  HIS A CD2 1 
ATOM   542 C  CE1 . HIS A 1 91  ? -2.582  2.860   -3.827  1.00 25.46 ? 91  HIS A CE1 1 
ATOM   543 N  NE2 . HIS A 1 91  ? -2.256  2.129   -2.780  1.00 24.97 ? 91  HIS A NE2 1 
ATOM   544 N  N   . ASP A 1 92  ? -3.097  7.812   0.877   1.00 23.63 ? 92  ASP A N   1 
ATOM   545 C  CA  . ASP A 1 92  ? -3.572  9.057   1.474   1.00 24.90 ? 92  ASP A CA  1 
ATOM   546 C  C   . ASP A 1 92  ? -5.056  9.091   1.784   1.00 29.09 ? 92  ASP A C   1 
ATOM   547 O  O   . ASP A 1 92  ? -5.723  10.110  1.581   1.00 29.96 ? 92  ASP A O   1 
ATOM   548 C  CB  . ASP A 1 92  ? -3.203  10.235  0.574   1.00 28.78 ? 92  ASP A CB  1 
ATOM   549 C  CG  . ASP A 1 92  ? -1.710  10.350  0.359   1.00 25.78 ? 92  ASP A CG  1 
ATOM   550 O  OD1 . ASP A 1 92  ? -0.973  10.436  1.365   1.00 26.38 ? 92  ASP A OD1 1 
ATOM   551 O  OD2 . ASP A 1 92  ? -1.277  10.356  -0.812  1.00 26.76 ? 92  ASP A OD2 1 
ATOM   552 N  N   . ILE A 1 93  ? -5.564  7.972   2.283   1.00 28.32 ? 93  ILE A N   1 
ATOM   553 C  CA  . ILE A 1 93  ? -6.966  7.853   2.656   1.00 32.83 ? 93  ILE A CA  1 
ATOM   554 C  C   . ILE A 1 93  ? -7.011  7.628   4.160   1.00 33.32 ? 93  ILE A C   1 
ATOM   555 O  O   . ILE A 1 93  ? -6.333  6.746   4.684   1.00 34.02 ? 93  ILE A O   1 
ATOM   556 C  CB  . ILE A 1 93  ? -7.636  6.670   1.925   1.00 30.91 ? 93  ILE A CB  1 
ATOM   557 C  CG1 . ILE A 1 93  ? -7.650  6.945   0.420   1.00 32.84 ? 93  ILE A CG1 1 
ATOM   558 C  CG2 . ILE A 1 93  ? -9.049  6.453   2.456   1.00 33.50 ? 93  ILE A CG2 1 
ATOM   559 C  CD1 . ILE A 1 93  ? -8.088  5.773   -0.428  1.00 33.80 ? 93  ILE A CD1 1 
ATOM   560 N  N   . SER A 1 94  ? -7.802  8.441   4.852   1.00 37.64 ? 94  SER A N   1 
ATOM   561 C  CA  . SER A 1 94  ? -7.917  8.341   6.300   1.00 42.00 ? 94  SER A CA  1 
ATOM   562 C  C   . SER A 1 94  ? -8.882  7.241   6.722   1.00 40.30 ? 94  SER A C   1 
ATOM   563 O  O   . SER A 1 94  ? -9.911  7.025   6.083   1.00 39.85 ? 94  SER A O   1 
ATOM   564 C  CB  . SER A 1 94  ? -8.387  9.676   6.883   1.00 48.27 ? 94  SER A CB  1 
ATOM   565 O  OG  . SER A 1 94  ? -9.646  10.050  6.354   1.00 53.35 ? 94  SER A OG  1 
ATOM   566 N  N   . THR A 1 95  ? -8.533  6.549   7.802   1.00 41.49 ? 95  THR A N   1 
ATOM   567 C  CA  . THR A 1 95  ? -9.356  5.470   8.340   1.00 44.93 ? 95  THR A CA  1 
ATOM   568 C  C   . THR A 1 95  ? -9.656  5.768   9.803   1.00 47.46 ? 95  THR A C   1 
ATOM   569 O  O   . THR A 1 95  ? -9.907  4.865   10.600  1.00 47.12 ? 95  THR A O   1 
ATOM   570 C  CB  . THR A 1 95  ? -8.631  4.113   8.247   1.00 44.68 ? 95  THR A CB  1 
ATOM   571 O  OG1 . THR A 1 95  ? -7.430  4.152   9.029   1.00 46.22 ? 95  THR A OG1 1 
ATOM   572 C  CG2 . THR A 1 95  ? -8.279  3.800   6.803   1.00 44.21 ? 95  THR A CG2 1 
ATOM   573 N  N   . GLU A 1 96  ? -9.628  7.052   10.141  1.00 51.66 ? 96  GLU A N   1 
ATOM   574 C  CA  . GLU A 1 96  ? -9.882  7.508   11.502  1.00 57.54 ? 96  GLU A CA  1 
ATOM   575 C  C   . GLU A 1 96  ? -11.348 7.389   11.912  1.00 58.04 ? 96  GLU A C   1 
ATOM   576 O  O   . GLU A 1 96  ? -11.658 7.304   13.101  1.00 57.78 ? 96  GLU A O   1 
ATOM   577 C  CB  . GLU A 1 96  ? -9.427  8.963   11.647  1.00 63.24 ? 96  GLU A CB  1 
ATOM   578 C  CG  . GLU A 1 96  ? -10.035 9.896   10.612  1.00 68.95 ? 96  GLU A CG  1 
ATOM   579 C  CD  . GLU A 1 96  ? -9.554  11.330  10.747  1.00 71.93 ? 96  GLU A CD  1 
ATOM   580 O  OE1 . GLU A 1 96  ? -9.974  12.172  9.926   1.00 72.85 ? 96  GLU A OE1 1 
ATOM   581 O  OE2 . GLU A 1 96  ? -8.758  11.616  11.668  1.00 73.47 ? 96  GLU A OE2 1 
ATOM   582 N  N   . MET A 1 97  ? -12.245 7.379   10.931  1.00 58.81 ? 97  MET A N   1 
ATOM   583 C  CA  . MET A 1 97  ? -13.676 7.283   11.209  1.00 59.28 ? 97  MET A CA  1 
ATOM   584 C  C   . MET A 1 97  ? -14.223 5.865   11.063  1.00 55.67 ? 97  MET A C   1 
ATOM   585 O  O   . MET A 1 97  ? -15.437 5.650   11.132  1.00 57.33 ? 97  MET A O   1 
ATOM   586 C  CB  . MET A 1 97  ? -14.453 8.222   10.283  1.00 65.17 ? 97  MET A CB  1 
ATOM   587 C  CG  . MET A 1 97  ? -14.071 9.685   10.423  1.00 68.68 ? 97  MET A CG  1 
ATOM   588 S  SD  . MET A 1 97  ? -14.216 10.271  12.121  1.00 72.49 ? 97  MET A SD  1 
ATOM   589 C  CE  . MET A 1 97  ? -15.973 10.641  12.206  1.00 70.44 ? 97  MET A CE  1 
ATOM   590 N  N   . CYS A 1 98  ? -13.329 4.901   10.862  1.00 49.44 ? 98  CYS A N   1 
ATOM   591 C  CA  . CYS A 1 98  ? -13.732 3.506   10.701  1.00 43.24 ? 98  CYS A CA  1 
ATOM   592 C  C   . CYS A 1 98  ? -13.816 2.789   12.040  1.00 40.52 ? 98  CYS A C   1 
ATOM   593 O  O   . CYS A 1 98  ? -12.915 2.899   12.870  1.00 38.49 ? 98  CYS A O   1 
ATOM   594 C  CB  . CYS A 1 98  ? -12.735 2.767   9.803   1.00 40.13 ? 98  CYS A CB  1 
ATOM   595 S  SG  . CYS A 1 98  ? -12.573 3.438   8.141   1.00 40.90 ? 98  CYS A SG  1 
ATOM   596 N  N   . ARG A 1 99  ? -14.901 2.050   12.250  1.00 43.61 ? 99  ARG A N   1 
ATOM   597 C  CA  . ARG A 1 99  ? -15.069 1.310   13.492  1.00 46.65 ? 99  ARG A CA  1 
ATOM   598 C  C   . ARG A 1 99  ? -15.039 -0.200  13.288  1.00 40.75 ? 99  ARG A C   1 
ATOM   599 O  O   . ARG A 1 99  ? -14.712 -0.942  14.210  1.00 38.85 ? 99  ARG A O   1 
ATOM   600 C  CB  . ARG A 1 99  ? -16.370 1.714   14.192  1.00 59.89 ? 99  ARG A CB  1 
ATOM   601 C  CG  . ARG A 1 99  ? -16.175 2.715   15.328  1.00 69.38 ? 99  ARG A CG  1 
ATOM   602 C  CD  . ARG A 1 99  ? -15.330 2.125   16.454  1.00 75.02 ? 99  ARG A CD  1 
ATOM   603 N  NE  . ARG A 1 99  ? -15.219 3.033   17.593  1.00 77.27 ? 99  ARG A NE  1 
ATOM   604 C  CZ  . ARG A 1 99  ? -14.570 2.750   18.719  1.00 78.13 ? 99  ARG A CZ  1 
ATOM   605 N  NH1 . ARG A 1 99  ? -14.524 3.639   19.701  1.00 78.87 ? 99  ARG A NH1 1 
ATOM   606 N  NH2 . ARG A 1 99  ? -13.967 1.576   18.864  1.00 78.44 ? 99  ARG A NH2 1 
ATOM   607 N  N   . GLU A 1 100 ? -15.374 -0.658  12.084  1.00 36.07 ? 100 GLU A N   1 
ATOM   608 C  CA  . GLU A 1 100 ? -15.361 -2.091  11.791  1.00 34.62 ? 100 GLU A CA  1 
ATOM   609 C  C   . GLU A 1 100 ? -14.434 -2.400  10.621  1.00 31.10 ? 100 GLU A C   1 
ATOM   610 O  O   . GLU A 1 100 ? -14.271 -1.581  9.720   1.00 30.12 ? 100 GLU A O   1 
ATOM   611 C  CB  . GLU A 1 100 ? -16.766 -2.590  11.449  1.00 37.16 ? 100 GLU A CB  1 
ATOM   612 C  CG  . GLU A 1 100 ? -17.810 -2.342  12.511  1.00 43.24 ? 100 GLU A CG  1 
ATOM   613 C  CD  . GLU A 1 100 ? -19.068 -3.147  12.267  1.00 46.12 ? 100 GLU A CD  1 
ATOM   614 O  OE1 . GLU A 1 100 ? -19.484 -3.254  11.095  1.00 47.73 ? 100 GLU A OE1 1 
ATOM   615 O  OE2 . GLU A 1 100 ? -19.638 -3.674  13.246  1.00 49.95 ? 100 GLU A OE2 1 
ATOM   616 N  N   . LYS A 1 101 ? -13.839 -3.591  10.637  1.00 27.04 ? 101 LYS A N   1 
ATOM   617 C  CA  . LYS A 1 101 ? -12.928 -4.004  9.571   1.00 25.84 ? 101 LYS A CA  1 
ATOM   618 C  C   . LYS A 1 101 ? -13.565 -3.901  8.185   1.00 26.39 ? 101 LYS A C   1 
ATOM   619 O  O   . LYS A 1 101 ? -12.892 -3.546  7.214   1.00 23.35 ? 101 LYS A O   1 
ATOM   620 C  CB  . LYS A 1 101 ? -12.440 -5.437  9.817   1.00 26.41 ? 101 LYS A CB  1 
ATOM   621 C  CG  . LYS A 1 101 ? -11.379 -5.920  8.832   1.00 29.60 ? 101 LYS A CG  1 
ATOM   622 C  CD  . LYS A 1 101 ? -10.981 -7.366  9.109   1.00 27.80 ? 101 LYS A CD  1 
ATOM   623 C  CE  . LYS A 1 101 ? -9.833  -7.807  8.213   1.00 31.78 ? 101 LYS A CE  1 
ATOM   624 N  NZ  . LYS A 1 101 ? -9.376  -9.194  8.527   1.00 28.08 ? 101 LYS A NZ  1 
ATOM   625 N  N   . GLU A 1 102 ? -14.853 -4.212  8.077   1.00 25.62 ? 102 GLU A N   1 
ATOM   626 C  CA  . GLU A 1 102 ? -15.510 -4.131  6.775   1.00 28.86 ? 102 GLU A CA  1 
ATOM   627 C  C   . GLU A 1 102 ? -15.418 -2.731  6.178   1.00 27.08 ? 102 GLU A C   1 
ATOM   628 O  O   . GLU A 1 102 ? -15.371 -2.575  4.958   1.00 26.62 ? 102 GLU A O   1 
ATOM   629 C  CB  . GLU A 1 102 ? -16.977 -4.554  6.869   1.00 38.20 ? 102 GLU A CB  1 
ATOM   630 C  CG  . GLU A 1 102 ? -17.698 -4.465  5.528   1.00 48.58 ? 102 GLU A CG  1 
ATOM   631 C  CD  . GLU A 1 102 ? -18.983 -5.264  5.492   1.00 54.02 ? 102 GLU A CD  1 
ATOM   632 O  OE1 . GLU A 1 102 ? -19.850 -5.041  6.362   1.00 57.70 ? 102 GLU A OE1 1 
ATOM   633 O  OE2 . GLU A 1 102 ? -19.121 -6.118  4.590   1.00 57.58 ? 102 GLU A OE2 1 
ATOM   634 N  N   . GLU A 1 103 ? -15.401 -1.708  7.030   1.00 25.85 ? 103 GLU A N   1 
ATOM   635 C  CA  . GLU A 1 103 ? -15.299 -0.338  6.536   1.00 27.87 ? 103 GLU A CA  1 
ATOM   636 C  C   . GLU A 1 103 ? -13.965 -0.128  5.826   1.00 26.57 ? 103 GLU A C   1 
ATOM   637 O  O   . GLU A 1 103 ? -13.894 0.597   4.834   1.00 24.72 ? 103 GLU A O   1 
ATOM   638 C  CB  . GLU A 1 103 ? -15.424 0.670   7.680   1.00 33.35 ? 103 GLU A CB  1 
ATOM   639 C  CG  . GLU A 1 103 ? -16.793 0.715   8.323   1.00 38.74 ? 103 GLU A CG  1 
ATOM   640 C  CD  . GLU A 1 103 ? -16.872 1.734   9.444   1.00 42.67 ? 103 GLU A CD  1 
ATOM   641 O  OE1 . GLU A 1 103 ? -16.723 2.943   9.167   1.00 44.73 ? 103 GLU A OE1 1 
ATOM   642 O  OE2 . GLU A 1 103 ? -17.078 1.325   10.603  1.00 45.26 ? 103 GLU A OE2 1 
ATOM   643 N  N   . LEU A 1 104 ? -12.909 -0.751  6.344   1.00 23.22 ? 104 LEU A N   1 
ATOM   644 C  CA  . LEU A 1 104 ? -11.588 -0.623  5.731   1.00 24.87 ? 104 LEU A CA  1 
ATOM   645 C  C   . LEU A 1 104 ? -11.616 -1.288  4.358   1.00 24.37 ? 104 LEU A C   1 
ATOM   646 O  O   . LEU A 1 104 ? -11.087 -0.751  3.384   1.00 23.35 ? 104 LEU A O   1 
ATOM   647 C  CB  . LEU A 1 104 ? -10.518 -1.290  6.598   1.00 24.19 ? 104 LEU A CB  1 
ATOM   648 C  CG  . LEU A 1 104 ? -10.305 -0.734  8.009   1.00 26.69 ? 104 LEU A CG  1 
ATOM   649 C  CD1 . LEU A 1 104 ? -9.317  -1.613  8.765   1.00 26.95 ? 104 LEU A CD1 1 
ATOM   650 C  CD2 . LEU A 1 104 ? -9.802  0.696   7.927   1.00 27.56 ? 104 LEU A CD2 1 
ATOM   651 N  N   . VAL A 1 105 ? -12.238 -2.462  4.289   1.00 21.58 ? 105 VAL A N   1 
ATOM   652 C  CA  . VAL A 1 105 ? -12.334 -3.195  3.029   1.00 21.14 ? 105 VAL A CA  1 
ATOM   653 C  C   . VAL A 1 105 ? -13.101 -2.371  1.999   1.00 22.49 ? 105 VAL A C   1 
ATOM   654 O  O   . VAL A 1 105 ? -12.726 -2.322  0.828   1.00 22.27 ? 105 VAL A O   1 
ATOM   655 C  CB  . VAL A 1 105 ? -13.038 -4.566  3.235   1.00 22.30 ? 105 VAL A CB  1 
ATOM   656 C  CG1 . VAL A 1 105 ? -13.334 -5.228  1.892   1.00 22.80 ? 105 VAL A CG1 1 
ATOM   657 C  CG2 . VAL A 1 105 ? -12.149 -5.470  4.074   1.00 20.94 ? 105 VAL A CG2 1 
ATOM   658 N  N   . LEU A 1 106 ? -14.170 -1.711  2.437   1.00 22.22 ? 106 LEU A N   1 
ATOM   659 C  CA  . LEU A 1 106 ? -14.964 -0.889  1.530   1.00 25.43 ? 106 LEU A CA  1 
ATOM   660 C  C   . LEU A 1 106 ? -14.132 0.257   0.966   1.00 25.09 ? 106 LEU A C   1 
ATOM   661 O  O   . LEU A 1 106 ? -14.269 0.618   -0.203  1.00 23.89 ? 106 LEU A O   1 
ATOM   662 C  CB  . LEU A 1 106 ? -16.197 -0.334  2.253   1.00 27.79 ? 106 LEU A CB  1 
ATOM   663 C  CG  . LEU A 1 106 ? -17.315 -1.350  2.504   1.00 32.23 ? 106 LEU A CG  1 
ATOM   664 C  CD1 . LEU A 1 106 ? -18.353 -0.769  3.456   1.00 33.47 ? 106 LEU A CD1 1 
ATOM   665 C  CD2 . LEU A 1 106 ? -17.959 -1.730  1.179   1.00 34.22 ? 106 LEU A CD2 1 
ATOM   666 N  N   . LEU A 1 107 ? -13.263 0.826   1.795   1.00 24.55 ? 107 LEU A N   1 
ATOM   667 C  CA  . LEU A 1 107 ? -12.425 1.928   1.343   1.00 22.90 ? 107 LEU A CA  1 
ATOM   668 C  C   . LEU A 1 107 ? -11.406 1.436   0.329   1.00 23.12 ? 107 LEU A C   1 
ATOM   669 O  O   . LEU A 1 107 ? -11.094 2.131   -0.632  1.00 23.61 ? 107 LEU A O   1 
ATOM   670 C  CB  . LEU A 1 107 ? -11.720 2.587   2.528   1.00 24.74 ? 107 LEU A CB  1 
ATOM   671 C  CG  . LEU A 1 107 ? -12.622 3.467   3.395   1.00 27.49 ? 107 LEU A CG  1 
ATOM   672 C  CD1 . LEU A 1 107 ? -11.861 3.950   4.621   1.00 26.33 ? 107 LEU A CD1 1 
ATOM   673 C  CD2 . LEU A 1 107 ? -13.119 4.649   2.561   1.00 27.97 ? 107 LEU A CD2 1 
ATOM   674 N  N   . VAL A 1 108 ? -10.884 0.236   0.547   1.00 21.62 ? 108 VAL A N   1 
ATOM   675 C  CA  . VAL A 1 108 ? -9.917  -0.324  -0.381  1.00 20.78 ? 108 VAL A CA  1 
ATOM   676 C  C   . VAL A 1 108 ? -10.621 -0.535  -1.719  1.00 23.56 ? 108 VAL A C   1 
ATOM   677 O  O   . VAL A 1 108 ? -10.097 -0.176  -2.770  1.00 23.09 ? 108 VAL A O   1 
ATOM   678 C  CB  . VAL A 1 108 ? -9.350  -1.662  0.143   1.00 21.31 ? 108 VAL A CB  1 
ATOM   679 C  CG1 . VAL A 1 108 ? -8.498  -2.332  -0.935  1.00 24.38 ? 108 VAL A CG1 1 
ATOM   680 C  CG2 . VAL A 1 108 ? -8.503  -1.406  1.389   1.00 20.55 ? 108 VAL A CG2 1 
ATOM   681 N  N   . LEU A 1 109 ? -11.825 -1.097  -1.676  1.00 24.50 ? 109 LEU A N   1 
ATOM   682 C  CA  . LEU A 1 109 ? -12.581 -1.331  -2.903  1.00 25.80 ? 109 LEU A CA  1 
ATOM   683 C  C   . LEU A 1 109 ? -12.891 -0.015  -3.619  1.00 26.75 ? 109 LEU A C   1 
ATOM   684 O  O   . LEU A 1 109 ? -12.823 0.068   -4.848  1.00 28.24 ? 109 LEU A O   1 
ATOM   685 C  CB  . LEU A 1 109 ? -13.887 -2.070  -2.585  1.00 27.66 ? 109 LEU A CB  1 
ATOM   686 C  CG  . LEU A 1 109 ? -13.753 -3.511  -2.081  1.00 28.95 ? 109 LEU A CG  1 
ATOM   687 C  CD1 . LEU A 1 109 ? -15.107 -4.050  -1.639  1.00 28.60 ? 109 LEU A CD1 1 
ATOM   688 C  CD2 . LEU A 1 109 ? -13.167 -4.375  -3.189  1.00 31.20 ? 109 LEU A CD2 1 
ATOM   689 N  N   . GLY A 1 110 ? -13.217 1.013   -2.843  1.00 25.55 ? 110 GLY A N   1 
ATOM   690 C  CA  . GLY A 1 110 ? -13.552 2.308   -3.413  1.00 29.45 ? 110 GLY A CA  1 
ATOM   691 C  C   . GLY A 1 110 ? -12.458 2.996   -4.210  1.00 30.77 ? 110 GLY A C   1 
ATOM   692 O  O   . GLY A 1 110 ? -12.733 3.613   -5.242  1.00 28.85 ? 110 GLY A O   1 
ATOM   693 N  N   . GLN A 1 111 ? -11.219 2.897   -3.743  1.00 30.06 ? 111 GLN A N   1 
ATOM   694 C  CA  . GLN A 1 111 ? -10.106 3.540   -4.435  1.00 30.41 ? 111 GLN A CA  1 
ATOM   695 C  C   . GLN A 1 111 ? -9.479  2.665   -5.518  1.00 30.68 ? 111 GLN A C   1 
ATOM   696 O  O   . GLN A 1 111 ? -8.494  3.060   -6.145  1.00 32.10 ? 111 GLN A O   1 
ATOM   697 C  CB  . GLN A 1 111 ? -9.035  3.964   -3.422  1.00 29.09 ? 111 GLN A CB  1 
ATOM   698 C  CG  . GLN A 1 111 ? -8.379  2.814   -2.665  1.00 29.50 ? 111 GLN A CG  1 
ATOM   699 C  CD  . GLN A 1 111 ? -7.298  2.110   -3.467  1.00 33.03 ? 111 GLN A CD  1 
ATOM   700 O  OE1 . GLN A 1 111 ? -6.320  2.729   -3.890  1.00 30.67 ? 111 GLN A OE1 1 
ATOM   701 N  NE2 . GLN A 1 111 ? -7.466  0.809   -3.677  1.00 30.34 ? 111 GLN A NE2 1 
ATOM   702 N  N   . GLN A 1 112 ? -10.042 1.484   -5.747  1.00 32.92 ? 112 GLN A N   1 
ATOM   703 C  CA  . GLN A 1 112 ? -9.505  0.588   -6.768  1.00 34.30 ? 112 GLN A CA  1 
ATOM   704 C  C   . GLN A 1 112 ? -9.528  1.249   -8.141  1.00 37.39 ? 112 GLN A C   1 
ATOM   705 O  O   . GLN A 1 112 ? -10.547 1.795   -8.558  1.00 33.30 ? 112 GLN A O   1 
ATOM   706 C  CB  . GLN A 1 112 ? -10.313 -0.711  -6.842  1.00 36.87 ? 112 GLN A CB  1 
ATOM   707 C  CG  . GLN A 1 112 ? -9.795  -1.665  -7.919  1.00 38.82 ? 112 GLN A CG  1 
ATOM   708 C  CD  . GLN A 1 112 ? -10.733 -2.826  -8.204  1.00 39.64 ? 112 GLN A CD  1 
ATOM   709 O  OE1 . GLN A 1 112 ? -10.422 -3.701  -9.015  1.00 40.65 ? 112 GLN A OE1 1 
ATOM   710 N  NE2 . GLN A 1 112 ? -11.885 -2.838  -7.546  1.00 38.14 ? 112 GLN A NE2 1 
ATOM   711 N  N   . PRO A 1 113 ? -8.400  1.204   -8.865  1.00 39.94 ? 113 PRO A N   1 
ATOM   712 C  CA  . PRO A 1 113 ? -8.331  1.811   -10.197 1.00 41.53 ? 113 PRO A CA  1 
ATOM   713 C  C   . PRO A 1 113 ? -9.216  1.077   -11.206 1.00 42.04 ? 113 PRO A C   1 
ATOM   714 O  O   . PRO A 1 113 ? -9.349  -0.144  -11.155 1.00 38.50 ? 113 PRO A O   1 
ATOM   715 C  CB  . PRO A 1 113 ? -6.847  1.711   -10.541 1.00 44.10 ? 113 PRO A CB  1 
ATOM   716 C  CG  . PRO A 1 113 ? -6.432  0.449   -9.842  1.00 46.46 ? 113 PRO A CG  1 
ATOM   717 C  CD  . PRO A 1 113 ? -7.111  0.590   -8.500  1.00 43.56 ? 113 PRO A CD  1 
ATOM   718 N  N   . VAL A 1 114 ? -9.821  1.830   -12.116 1.00 44.67 ? 114 VAL A N   1 
ATOM   719 C  CA  . VAL A 1 114 ? -10.683 1.248   -13.136 1.00 51.49 ? 114 VAL A CA  1 
ATOM   720 C  C   . VAL A 1 114 ? -10.472 1.935   -14.482 1.00 53.88 ? 114 VAL A C   1 
ATOM   721 O  O   . VAL A 1 114 ? -11.444 2.507   -15.022 1.00 55.15 ? 114 VAL A O   1 
ATOM   722 C  CB  . VAL A 1 114 ? -12.175 1.351   -12.734 1.00 54.00 ? 114 VAL A CB  1 
ATOM   723 C  CG1 . VAL A 1 114 ? -12.453 0.440   -11.551 1.00 55.87 ? 114 VAL A CG1 1 
ATOM   724 C  CG2 . VAL A 1 114 ? -12.528 2.790   -12.385 1.00 55.47 ? 114 VAL A CG2 1 
HETATM 725 ZN ZN  . ZN  B 2 .   ? 2.672   1.349   -2.999  1.00 29.96 ? 161 ZN  A ZN  1 
HETATM 726 ZN ZN  . ZN  C 2 .   ? 12.852  0.521   2.731   1.00 32.00 ? 162 ZN  A ZN  1 
HETATM 727 O  O   . HOH D 3 .   ? 17.321  -1.638  -0.696  1.00 20.73 ? 163 HOH A O   1 
HETATM 728 O  O   . HOH D 3 .   ? 4.623   -1.265  1.235   1.00 23.84 ? 164 HOH A O   1 
HETATM 729 O  O   . HOH D 3 .   ? 7.362   -1.958  1.170   1.00 26.24 ? 165 HOH A O   1 
HETATM 730 O  O   . HOH D 3 .   ? -5.538  5.459   -4.741  1.00 33.51 ? 166 HOH A O   1 
HETATM 731 O  O   . HOH D 3 .   ? -3.436  -6.095  12.265  1.00 37.13 ? 167 HOH A O   1 
HETATM 732 O  O   . HOH D 3 .   ? 7.880   8.740   -0.054  1.00 28.50 ? 168 HOH A O   1 
HETATM 733 O  O   . HOH D 3 .   ? 16.102  2.453   -10.388 1.00 45.33 ? 169 HOH A O   1 
HETATM 734 O  O   . HOH D 3 .   ? 18.030  9.391   1.075   1.00 38.17 ? 170 HOH A O   1 
HETATM 735 O  O   . HOH D 3 .   ? 20.442  4.273   -3.211  1.00 39.16 ? 171 HOH A O   1 
HETATM 736 O  O   . HOH D 3 .   ? 4.306   -8.295  -1.583  1.00 41.28 ? 172 HOH A O   1 
HETATM 737 O  O   . HOH D 3 .   ? -12.026 4.645   -1.023  1.00 32.79 ? 173 HOH A O   1 
HETATM 738 O  O   . HOH D 3 .   ? 14.277  0.633   9.497   1.00 31.27 ? 174 HOH A O   1 
HETATM 739 O  O   . HOH D 3 .   ? 1.599   -3.261  6.870   1.00 38.38 ? 175 HOH A O   1 
HETATM 740 O  O   . HOH D 3 .   ? 21.370  2.553   -0.682  1.00 29.39 ? 176 HOH A O   1 
HETATM 741 O  O   . HOH D 3 .   ? -2.189  -11.041 -1.245  1.00 48.95 ? 177 HOH A O   1 
HETATM 742 O  O   . HOH D 3 .   ? 7.646   9.338   4.973   1.00 44.82 ? 178 HOH A O   1 
HETATM 743 O  O   . HOH D 3 .   ? 11.157  4.046   -9.505  1.00 43.60 ? 179 HOH A O   1 
HETATM 744 O  O   . HOH D 3 .   ? -2.342  -1.943  -5.030  1.00 33.42 ? 180 HOH A O   1 
HETATM 745 O  O   . HOH D 3 .   ? -13.745 -4.741  -7.018  1.00 37.27 ? 181 HOH A O   1 
HETATM 746 O  O   . HOH D 3 .   ? 6.241   -8.868  -3.983  1.00 51.46 ? 182 HOH A O   1 
HETATM 747 O  O   . HOH D 3 .   ? 9.257   8.432   2.583   1.00 37.44 ? 183 HOH A O   1 
HETATM 748 O  O   . HOH D 3 .   ? 6.240   10.291  -6.275  1.00 46.18 ? 184 HOH A O   1 
HETATM 749 O  O   . HOH D 3 .   ? -15.761 2.732   4.492   1.00 44.57 ? 185 HOH A O   1 
HETATM 750 O  O   . HOH D 3 .   ? -15.252 -9.246  -4.783  1.00 46.66 ? 186 HOH A O   1 
HETATM 751 O  O   . HOH D 3 .   ? -4.818  1.979   -6.157  1.00 46.10 ? 187 HOH A O   1 
HETATM 752 O  O   . HOH D 3 .   ? -14.718 -11.995 -2.963  1.00 47.86 ? 188 HOH A O   1 
HETATM 753 O  O   . HOH D 3 .   ? 15.431  5.594   9.543   1.00 42.61 ? 189 HOH A O   1 
HETATM 754 O  O   . HOH D 3 .   ? -2.609  2.212   -10.305 1.00 52.00 ? 190 HOH A O   1 
HETATM 755 O  O   . HOH D 3 .   ? -5.908  -12.423 1.136   1.00 47.10 ? 191 HOH A O   1 
HETATM 756 O  O   . HOH D 3 .   ? 9.110   -3.452  3.276   1.00 54.82 ? 192 HOH A O   1 
HETATM 757 O  O   . HOH D 3 .   ? -5.125  6.884   7.006   1.00 49.26 ? 193 HOH A O   1 
HETATM 758 O  O   . HOH D 3 .   ? 22.086  11.623  -7.583  1.00 66.06 ? 194 HOH A O   1 
HETATM 759 O  O   . HOH D 3 .   ? 1.910   -6.759  8.786   1.00 62.93 ? 195 HOH A O   1 
HETATM 760 O  O   . HOH D 3 .   ? -4.144  -0.596  -7.844  1.00 42.58 ? 196 HOH A O   1 
HETATM 761 O  O   . HOH D 3 .   ? -19.348 -2.459  8.254   1.00 56.44 ? 197 HOH A O   1 
HETATM 762 O  O   . HOH D 3 .   ? 12.345  -7.426  -0.927  1.00 54.93 ? 198 HOH A O   1 
HETATM 763 O  O   . HOH D 3 .   ? -2.764  4.830   -8.340  1.00 54.96 ? 199 HOH A O   1 
HETATM 764 O  O   . HOH D 3 .   ? -5.787  -8.294  11.919  1.00 55.04 ? 200 HOH A O   1 
HETATM 765 O  O   . HOH D 3 .   ? 9.672   7.114   6.043   1.00 54.87 ? 201 HOH A O   1 
HETATM 766 O  O   . HOH D 3 .   ? 5.096   -0.281  4.110   1.00 51.85 ? 202 HOH A O   1 
HETATM 767 O  O   . HOH D 3 .   ? -19.799 0.903   11.289  1.00 65.06 ? 203 HOH A O   1 
HETATM 768 O  O   . HOH D 3 .   ? 1.143   -9.003  -7.189  1.00 58.29 ? 204 HOH A O   1 
HETATM 769 O  O   . HOH D 3 .   ? 25.862  8.480   -0.416  1.00 60.32 ? 205 HOH A O   1 
HETATM 770 O  O   . HOH D 3 .   ? 15.004  5.419   -9.451  1.00 55.65 ? 206 HOH A O   1 
HETATM 771 O  O   . HOH D 3 .   ? 15.092  13.169  -4.454  1.00 65.57 ? 207 HOH A O   1 
HETATM 772 O  O   . HOH D 3 .   ? 5.036   -6.000  -10.519 1.00 57.53 ? 208 HOH A O   1 
HETATM 773 O  O   . HOH D 3 .   ? 13.455  -5.179  -6.405  1.00 65.94 ? 209 HOH A O   1 
HETATM 774 O  O   . HOH D 3 .   ? 22.189  10.896  -2.937  1.00 53.54 ? 210 HOH A O   1 
HETATM 775 O  O   . HOH D 3 .   ? -1.549  3.306   8.890   1.00 57.57 ? 211 HOH A O   1 
HETATM 776 O  O   . HOH D 3 .   ? -16.508 7.113   2.020   1.00 68.66 ? 212 HOH A O   1 
HETATM 777 O  O   . HOH D 3 .   ? -7.940  11.288  2.343   1.00 50.97 ? 213 HOH A O   1 
HETATM 778 O  O   . HOH D 3 .   ? 11.656  -7.513  -7.684  1.00 55.31 ? 214 HOH A O   1 
HETATM 779 O  O   . HOH D 3 .   ? 1.795   -6.332  -10.784 1.00 63.88 ? 215 HOH A O   1 
HETATM 780 O  O   . HOH D 3 .   ? 7.149   3.031   9.881   1.00 64.33 ? 216 HOH A O   1 
HETATM 781 O  O   . HOH D 3 .   ? 17.436  12.440  -6.705  1.00 66.27 ? 217 HOH A O   1 
HETATM 782 O  O   . HOH D 3 .   ? -6.793  8.341   9.245   1.00 50.83 ? 218 HOH A O   1 
HETATM 783 O  O   . HOH D 3 .   ? -0.436  -0.609  -13.802 1.00 56.23 ? 219 HOH A O   1 
HETATM 784 O  O   . HOH D 3 .   ? 8.108   3.530   -10.914 1.00 59.84 ? 220 HOH A O   1 
HETATM 785 O  O   . HOH D 3 .   ? -10.670 -8.248  -9.985  1.00 59.75 ? 221 HOH A O   1 
HETATM 786 O  O   . HOH D 3 .   ? 15.290  -6.377  -3.942  1.00 54.73 ? 222 HOH A O   1 
HETATM 787 O  O   . HOH D 3 .   ? 3.407   2.076   5.271   1.00 53.63 ? 223 HOH A O   1 
HETATM 788 O  O   . HOH D 3 .   ? 2.228   1.231   10.134  1.00 53.94 ? 224 HOH A O   1 
HETATM 789 O  O   . HOH D 3 .   ? 4.671   2.153   8.142   1.00 58.52 ? 225 HOH A O   1 
HETATM 790 O  O   . HOH D 3 .   ? -12.176 7.389   0.452   1.00 56.47 ? 226 HOH A O   1 
HETATM 791 O  O   . HOH D 3 .   ? -12.718 9.898   14.804  1.00 70.63 ? 227 HOH A O   1 
HETATM 792 O  O   . HOH D 3 .   ? -4.218  0.677   -12.615 1.00 59.58 ? 228 HOH A O   1 
HETATM 793 O  O   . HOH D 3 .   ? -4.797  -2.367  -10.472 1.00 57.93 ? 229 HOH A O   1 
HETATM 794 O  O   . HOH D 3 .   ? 4.037   -3.151  4.982   1.00 52.20 ? 230 HOH A O   1 
HETATM 795 O  O   . HOH D 3 .   ? 15.877  11.606  -9.463  1.00 62.04 ? 231 HOH A O   1 
HETATM 796 O  O   . HOH D 3 .   ? -4.294  -11.184 12.135  1.00 73.69 ? 232 HOH A O   1 
HETATM 797 O  O   . HOH D 3 .   ? -4.132  -4.079  14.604  1.00 60.43 ? 233 HOH A O   1 
HETATM 798 O  O   . HOH D 3 .   ? -7.725  -6.778  -10.055 1.00 62.95 ? 234 HOH A O   1 
HETATM 799 O  O   . HOH D 3 .   ? 5.120   9.521   -9.244  1.00 53.73 ? 235 HOH A O   1 
HETATM 800 O  O   . HOH D 3 .   ? 0.621   10.095  -12.179 1.00 71.09 ? 236 HOH A O   1 
HETATM 801 O  O   . HOH D 3 .   ? -2.314  3.143   14.613  1.00 75.60 ? 237 HOH A O   1 
HETATM 802 O  O   . HOH D 3 .   ? -23.113 -12.248 3.685   1.00 72.91 ? 238 HOH A O   1 
HETATM 803 O  O   . HOH D 3 .   ? -4.620  -12.952 -2.340  1.00 64.75 ? 239 HOH A O   1 
HETATM 804 O  O   . HOH D 3 .   ? -3.531  7.440   11.102  1.00 74.20 ? 240 HOH A O   1 
HETATM 805 O  O   . HOH D 3 .   ? -15.052 4.399   -1.769  1.00 60.81 ? 241 HOH A O   1 
HETATM 806 O  O   . HOH D 3 .   ? -17.942 4.512   13.573  1.00 65.65 ? 242 HOH A O   1 
HETATM 807 O  O   . HOH D 3 .   ? -6.334  8.549   12.521  1.00 76.05 ? 243 HOH A O   1 
HETATM 808 O  O   . HOH D 3 .   ? -17.295 -11.828 -4.979  1.00 90.84 ? 244 HOH A O   1 
HETATM 809 O  O   . HOH D 3 .   ? 4.885   -5.498  2.980   1.00 63.54 ? 245 HOH A O   1 
HETATM 810 O  O   . HOH D 3 .   ? 0.742   -3.339  -14.977 1.00 60.91 ? 246 HOH A O   1 
HETATM 811 O  O   . HOH D 3 .   ? 14.652  8.667   -8.690  1.00 70.27 ? 247 HOH A O   1 
HETATM 812 O  O   . HOH D 3 .   ? -10.837 -8.859  -13.193 1.00 66.93 ? 248 HOH A O   1 
HETATM 813 O  O   . HOH D 3 .   ? -6.270  -14.349 -4.861  1.00 67.95 ? 249 HOH A O   1 
HETATM 814 O  O   . HOH D 3 .   ? 9.010   7.959   -10.685 1.00 69.24 ? 250 HOH A O   1 
HETATM 815 O  O   . HOH D 3 .   ? 28.698  7.956   1.050   1.00 71.62 ? 251 HOH A O   1 
HETATM 816 O  O   . HOH D 3 .   ? -3.165  -10.152 -9.792  1.00 71.65 ? 252 HOH A O   1 
HETATM 817 O  O   . HOH D 3 .   ? -19.016 2.691   4.922   1.00 63.72 ? 253 HOH A O   1 
HETATM 818 O  O   . HOH D 3 .   ? 0.941   5.555   9.310   1.00 69.70 ? 254 HOH A O   1 
HETATM 819 O  O   . HOH D 3 .   ? 7.369   4.503   12.758  1.00 63.47 ? 255 HOH A O   1 
HETATM 820 O  O   . HOH D 3 .   ? -20.471 0.285   6.669   1.00 65.00 ? 256 HOH A O   1 
HETATM 821 O  O   . HOH D 3 .   ? 0.626   -6.478  11.859  1.00 67.70 ? 257 HOH A O   1 
HETATM 822 O  O   . HOH D 3 .   ? -16.032 -6.191  -5.243  1.00 62.82 ? 258 HOH A O   1 
HETATM 823 O  O   . HOH D 3 .   ? -7.215  -4.092  15.767  1.00 76.81 ? 259 HOH A O   1 
HETATM 824 O  O   . HOH D 3 .   ? -2.327  -11.104 -12.890 1.00 66.77 ? 260 HOH A O   1 
HETATM 825 O  O   . HOH D 3 .   ? 12.389  11.620  6.054   1.00 88.02 ? 261 HOH A O   1 
HETATM 826 O  O   . HOH D 3 .   ? -19.034 2.377   16.582  1.00 65.84 ? 262 HOH A O   1 
HETATM 827 O  O   . HOH D 3 .   ? -2.411  -14.940 -3.708  1.00 58.13 ? 263 HOH A O   1 
HETATM 828 O  O   . HOH D 3 .   ? -16.195 2.726   0.624   1.00 53.16 ? 264 HOH A O   1 
HETATM 829 O  O   . HOH D 3 .   ? -7.619  -5.148  -12.902 1.00 77.00 ? 265 HOH A O   1 
HETATM 830 O  O   . HOH D 3 .   ? -5.649  -9.184  -11.802 1.00 77.84 ? 266 HOH A O   1 
HETATM 831 O  O   . HOH D 3 .   ? 5.202   3.446   15.146  1.00 77.85 ? 267 HOH A O   1 
HETATM 832 O  O   . HOH D 3 .   ? -10.530 9.944   1.275   1.00 62.06 ? 268 HOH A O   1 
HETATM 833 O  O   . HOH D 3 .   ? 4.973   -1.590  11.985  1.00 71.36 ? 269 HOH A O   1 
HETATM 834 O  O   . HOH D 3 .   ? 12.242  7.206   -10.836 1.00 77.37 ? 270 HOH A O   1 
HETATM 835 O  O   . HOH D 3 .   ? -2.247  -4.366  17.178  1.00 79.00 ? 271 HOH A O   1 
HETATM 836 O  O   . HOH D 3 .   ? -7.856  5.080   15.165  1.00 74.77 ? 272 HOH A O   1 
HETATM 837 O  O   . HOH D 3 .   ? 5.444   -5.129  7.147   1.00 66.86 ? 273 HOH A O   1 
HETATM 838 O  O   . HOH D 3 .   ? -13.135 -11.165 -13.133 1.00 79.64 ? 274 HOH A O   1 
HETATM 839 O  O   . HOH D 3 .   ? 10.494  -9.142  1.270   1.00 87.90 ? 275 HOH A O   1 
HETATM 840 O  O   . HOH D 3 .   ? -22.278 -12.095 0.334   1.00 79.21 ? 276 HOH A O   1 
HETATM 841 O  O   . HOH D 3 .   ? 14.124  9.100   9.963   1.00 84.61 ? 277 HOH A O   1 
HETATM 842 O  O   . HOH D 3 .   ? -2.654  -9.169  5.270   1.00 43.14 ? 278 HOH A O   1 
HETATM 843 O  O   . HOH D 3 .   ? -12.592 -14.856 -3.579  1.00 53.38 ? 279 HOH A O   1 
HETATM 844 O  O   . HOH D 3 .   ? 8.873   4.632   8.553   1.00 54.00 ? 280 HOH A O   1 
HETATM 845 O  O   . HOH D 3 .   ? -19.698 -5.904  9.113   1.00 53.48 ? 281 HOH A O   1 
HETATM 846 O  O   . HOH D 3 .   ? 13.006  8.359   7.722   1.00 52.62 ? 282 HOH A O   1 
HETATM 847 O  O   . HOH D 3 .   ? 16.365  14.366  3.368   1.00 68.91 ? 283 HOH A O   1 
HETATM 848 O  O   . HOH D 3 .   ? -5.269  3.995   7.386   1.00 51.63 ? 284 HOH A O   1 
HETATM 849 O  O   . HOH D 3 .   ? -3.818  -1.480  12.734  1.00 53.93 ? 285 HOH A O   1 
HETATM 850 O  O   . HOH D 3 .   ? -12.101 8.368   2.945   1.00 58.81 ? 286 HOH A O   1 
HETATM 851 O  O   . HOH D 3 .   ? 12.087  7.278   -8.092  1.00 46.68 ? 287 HOH A O   1 
HETATM 852 O  O   . HOH D 3 .   ? -9.810  10.121  3.735   1.00 83.06 ? 288 HOH A O   1 
HETATM 853 O  O   . HOH D 3 .   ? 0.441   0.904   12.212  1.00 63.96 ? 289 HOH A O   1 
HETATM 854 O  O   . HOH D 3 .   ? 11.880  11.814  3.332   1.00 51.74 ? 290 HOH A O   1 
HETATM 855 O  O   . HOH D 3 .   ? -25.174 -11.149 0.549   1.00 61.77 ? 291 HOH A O   1 
HETATM 856 O  O   . HOH D 3 .   ? -6.751  -1.197  14.833  1.00 64.04 ? 292 HOH A O   1 
HETATM 857 O  O   . HOH D 3 .   ? -14.695 8.297   0.158   1.00 65.83 ? 293 HOH A O   1 
HETATM 858 O  O   . HOH D 3 .   ? 2.258   -10.331 -3.394  1.00 67.88 ? 294 HOH A O   1 
HETATM 859 O  O   . HOH D 3 .   ? 5.060   -9.303  0.817   1.00 62.56 ? 295 HOH A O   1 
HETATM 860 O  O   . HOH D 3 .   ? 4.409   -11.002 -4.974  1.00 60.31 ? 296 HOH A O   1 
HETATM 861 O  O   . HOH D 3 .   ? -12.779 -17.287 0.463   1.00 70.62 ? 297 HOH A O   1 
HETATM 862 O  O   . HOH D 3 .   ? -8.577  13.304  6.770   1.00 63.27 ? 298 HOH A O   1 
HETATM 863 O  O   . HOH D 3 .   ? -5.093  4.538   -7.225  1.00 65.73 ? 299 HOH A O   1 
HETATM 864 O  O   . HOH D 3 .   ? 5.661   3.631   -11.513 1.00 62.90 ? 300 HOH A O   1 
HETATM 865 O  O   . HOH D 3 .   ? 13.077  14.743  -4.311  1.00 70.88 ? 301 HOH A O   1 
HETATM 866 O  O   . HOH D 3 .   ? -16.636 6.961   13.706  1.00 58.14 ? 302 HOH A O   1 
HETATM 867 O  O   . HOH D 3 .   ? -1.789  -11.615 4.554   1.00 66.33 ? 303 HOH A O   1 
HETATM 868 O  O   . HOH D 3 .   ? -12.564 7.334   7.828   1.00 67.28 ? 304 HOH A O   1 
HETATM 869 O  O   . HOH D 3 .   ? -2.031  -14.071 -6.655  1.00 58.95 ? 305 HOH A O   1 
HETATM 870 O  O   . HOH D 3 .   ? 6.362   6.320   16.011  1.00 60.94 ? 306 HOH A O   1 
HETATM 871 O  O   . HOH D 3 .   ? 0.535   -12.398 -2.362  1.00 56.17 ? 307 HOH A O   1 
HETATM 872 O  O   . HOH D 3 .   ? 3.052   -4.960  13.822  1.00 60.80 ? 308 HOH A O   1 
HETATM 873 O  O   . HOH D 3 .   ? 12.930  -7.778  3.159   1.00 72.96 ? 309 HOH A O   1 
HETATM 874 O  O   . HOH D 3 .   ? 12.773  -10.392 -1.002  1.00 64.82 ? 310 HOH A O   1 
HETATM 875 O  O   . HOH D 3 .   ? 7.784   -6.654  5.749   1.00 60.18 ? 311 HOH A O   1 
HETATM 876 O  O   . HOH D 3 .   ? -11.052 -11.854 -9.150  1.00 69.40 ? 312 HOH A O   1 
HETATM 877 O  O   . HOH D 3 .   ? -12.821 3.760   15.929  1.00 74.69 ? 313 HOH A O   1 
HETATM 878 O  O   . HOH D 3 .   ? -22.408 -14.806 3.748   1.00 57.26 ? 314 HOH A O   1 
HETATM 879 O  O   . HOH D 3 .   ? 7.286   0.968   -12.938 1.00 61.57 ? 315 HOH A O   1 
# 
